data_357D
# 
_entry.id   357D 
# 
_audit_conform.dict_name       mmcif_pdbx.dic 
_audit_conform.dict_version    5.387 
_audit_conform.dict_location   http://mmcif.pdb.org/dictionaries/ascii/mmcif_pdbx.dic 
# 
loop_
_database_2.database_id 
_database_2.database_code 
_database_2.pdbx_database_accession 
_database_2.pdbx_DOI 
PDB   357D         pdb_0000357d 10.2210/pdb357d/pdb 
RCSB  URL066       ?            ?                   
WWPDB D_1000178826 ?            ?                   
# 
loop_
_pdbx_audit_revision_history.ordinal 
_pdbx_audit_revision_history.data_content_type 
_pdbx_audit_revision_history.major_revision 
_pdbx_audit_revision_history.minor_revision 
_pdbx_audit_revision_history.revision_date 
1 'Structure model' 1 0 1997-12-01 
2 'Structure model' 1 1 2008-05-22 
3 'Structure model' 1 2 2011-07-13 
4 'Structure model' 1 3 2024-02-21 
# 
_pdbx_audit_revision_details.ordinal             1 
_pdbx_audit_revision_details.revision_ordinal    1 
_pdbx_audit_revision_details.data_content_type   'Structure model' 
_pdbx_audit_revision_details.provider            repository 
_pdbx_audit_revision_details.type                'Initial release' 
_pdbx_audit_revision_details.description         ? 
_pdbx_audit_revision_details.details             ? 
# 
loop_
_pdbx_audit_revision_group.ordinal 
_pdbx_audit_revision_group.revision_ordinal 
_pdbx_audit_revision_group.data_content_type 
_pdbx_audit_revision_group.group 
1 2 'Structure model' 'Version format compliance' 
2 3 'Structure model' 'Version format compliance' 
3 4 'Structure model' 'Data collection'           
4 4 'Structure model' 'Database references'       
5 4 'Structure model' 'Derived calculations'      
# 
loop_
_pdbx_audit_revision_category.ordinal 
_pdbx_audit_revision_category.revision_ordinal 
_pdbx_audit_revision_category.data_content_type 
_pdbx_audit_revision_category.category 
1 4 'Structure model' chem_comp_atom   
2 4 'Structure model' chem_comp_bond   
3 4 'Structure model' database_2       
4 4 'Structure model' struct_conn      
5 4 'Structure model' struct_conn_type 
6 4 'Structure model' struct_site      
# 
loop_
_pdbx_audit_revision_item.ordinal 
_pdbx_audit_revision_item.revision_ordinal 
_pdbx_audit_revision_item.data_content_type 
_pdbx_audit_revision_item.item 
1  4 'Structure model' '_database_2.pdbx_DOI'                
2  4 'Structure model' '_database_2.pdbx_database_accession' 
3  4 'Structure model' '_struct_conn.conn_type_id'           
4  4 'Structure model' '_struct_conn.id'                     
5  4 'Structure model' '_struct_conn.pdbx_dist_value'        
6  4 'Structure model' '_struct_conn.pdbx_leaving_atom_flag' 
7  4 'Structure model' '_struct_conn.ptnr1_auth_asym_id'     
8  4 'Structure model' '_struct_conn.ptnr1_auth_comp_id'     
9  4 'Structure model' '_struct_conn.ptnr1_auth_seq_id'      
10 4 'Structure model' '_struct_conn.ptnr1_label_asym_id'    
11 4 'Structure model' '_struct_conn.ptnr1_label_atom_id'    
12 4 'Structure model' '_struct_conn.ptnr1_label_comp_id'    
13 4 'Structure model' '_struct_conn.ptnr1_label_seq_id'     
14 4 'Structure model' '_struct_conn.ptnr2_auth_asym_id'     
15 4 'Structure model' '_struct_conn.ptnr2_auth_comp_id'     
16 4 'Structure model' '_struct_conn.ptnr2_auth_seq_id'      
17 4 'Structure model' '_struct_conn.ptnr2_label_asym_id'    
18 4 'Structure model' '_struct_conn.ptnr2_label_atom_id'    
19 4 'Structure model' '_struct_conn.ptnr2_label_comp_id'    
20 4 'Structure model' '_struct_conn.ptnr2_label_seq_id'     
21 4 'Structure model' '_struct_conn_type.id'                
22 4 'Structure model' '_struct_site.pdbx_auth_asym_id'      
23 4 'Structure model' '_struct_site.pdbx_auth_comp_id'      
24 4 'Structure model' '_struct_site.pdbx_auth_seq_id'       
# 
_pdbx_database_status.status_code                     REL 
_pdbx_database_status.entry_id                        357D 
_pdbx_database_status.recvd_initial_deposition_date   1997-10-09 
_pdbx_database_status.deposit_site                    NDB 
_pdbx_database_status.process_site                    NDB 
_pdbx_database_status.SG_entry                        . 
_pdbx_database_status.status_code_sf                  ? 
_pdbx_database_status.status_code_mr                  ? 
_pdbx_database_status.pdb_format_compatible           Y 
_pdbx_database_status.status_code_cs                  ? 
_pdbx_database_status.status_code_nmr_data            ? 
_pdbx_database_status.methods_development_category    ? 
# 
loop_
_audit_author.name 
_audit_author.pdbx_ordinal 
'Correll, C.C.' 1 
'Freeborn, B.'  2 
'Moore, P.B.'   3 
'Steitz, T.A.'  4 
# 
loop_
_citation.id 
_citation.title 
_citation.journal_abbrev 
_citation.journal_volume 
_citation.page_first 
_citation.page_last 
_citation.year 
_citation.journal_id_ASTM 
_citation.country 
_citation.journal_id_ISSN 
_citation.journal_id_CSD 
_citation.book_publisher 
_citation.pdbx_database_id_PubMed 
_citation.pdbx_database_id_DOI 
primary 'Metals, motifs, and recognition in the crystal structure of a 5S rRNA domain.' 'Cell(Cambridge,Mass.)' 91 705 712 1997 
CELLB5 US 0092-8674 0998 ? 9393863 '10.1016/S0092-8674(00)80457-2' 
1       
;Use of Chemically Modified Nucleotides to Determine a 62-Nucleotide RNA Crystal Structure: A Survey of Phosphorothioates, Br, Pt, and Hg
;
J.Biomol.Struct.Dyn.    15 165 172 1997 JBSDD6 US 0739-1102 0646 ? ?       ?                               
2       'The Solution Structure of the Loop E/Loop D Region of E. Coli 5S rRNA' 'To be Published'       ?  ?   ?   ?    ?      ?  
?         0353 ? ?       ?                               
# 
loop_
_citation_author.citation_id 
_citation_author.name 
_citation_author.ordinal 
_citation_author.identifier_ORCID 
primary 'Correll, C.C.' 1  ? 
primary 'Freeborn, B.'  2  ? 
primary 'Moore, P.B.'   3  ? 
primary 'Steitz, T.A.'  4  ? 
1       'Correll, C.C.' 5  ? 
1       'Freeborn, B.'  6  ? 
1       'Moore, P.B.'   7  ? 
1       'Steitz, T.A.'  8  ? 
2       'Dallas, A.'    9  ? 
2       'Moore, P.B.'   10 ? 
# 
loop_
_entity.id 
_entity.type 
_entity.src_method 
_entity.pdbx_description 
_entity.formula_weight 
_entity.pdbx_number_of_molecules 
_entity.pdbx_ec 
_entity.pdbx_mutation 
_entity.pdbx_fragment 
_entity.details 
1 polymer     man 
;RNA-DNA (5'-R(*UP*GP*DCP)-D(*CP(S)*)-R(*UP*GP*GP*CP*GP*GP*C)-3')
;
3514.196  1 ? ? ? ? 
2 polymer     man 
;RNA (5'-R(*CP*CP*GP*AP*UP*GP*GP*UP*AP*GP*UP*GP*UP*GP*GP*GP*G*UP*C)-3')
;
6166.682  1 ? ? ? ? 
3 polymer     man 
;RNA (5'-R(*CP*CP*CP*CP*AP*UP*GP*CP*GP*AP*GP*AP*GP*UP*AP*GP*G P*GP*AP*AP*CP*UP* GP*CP*CP*AP*GP*GP*CP*AP*U)-3')
;
10012.047 1 ? ? ? ? 
4 non-polymer syn 'MAGNESIUM ION'                                                                                                 
24.305    8 ? ? ? ? 
5 non-polymer syn 'MERCURY (II) ION'                                                                                              
200.590   1 ? ? ? ? 
# 
loop_
_entity_poly.entity_id 
_entity_poly.type 
_entity_poly.nstd_linkage 
_entity_poly.nstd_monomer 
_entity_poly.pdbx_seq_one_letter_code 
_entity_poly.pdbx_seq_one_letter_code_can 
_entity_poly.pdbx_strand_id 
_entity_poly.pdbx_target_identifier 
1 polyribonucleotide no yes 'UGC(DC)(SSU)GGCGGC'            UGCCUGGCGGC                     A ? 
2 polyribonucleotide no no  CCGAUGGUAGUGUGGGGUC             CCGAUGGUAGUGUGGGGUC             B ? 
3 polyribonucleotide no no  CCCCAUGCGAGAGUAGGGAACUGCCAGGCAU CCCCAUGCGAGAGUAGGGAACUGCCAGGCAU C ? 
# 
loop_
_pdbx_entity_nonpoly.entity_id 
_pdbx_entity_nonpoly.name 
_pdbx_entity_nonpoly.comp_id 
4 'MAGNESIUM ION'    MG 
5 'MERCURY (II) ION' HG 
# 
loop_
_entity_poly_seq.entity_id 
_entity_poly_seq.num 
_entity_poly_seq.mon_id 
_entity_poly_seq.hetero 
1 1  U   n 
1 2  G   n 
1 3  C   n 
1 4  DC  n 
1 5  SSU n 
1 6  G   n 
1 7  G   n 
1 8  C   n 
1 9  G   n 
1 10 G   n 
1 11 C   n 
2 1  C   n 
2 2  C   n 
2 3  G   n 
2 4  A   n 
2 5  U   n 
2 6  G   n 
2 7  G   n 
2 8  U   n 
2 9  A   n 
2 10 G   n 
2 11 U   n 
2 12 G   n 
2 13 U   n 
2 14 G   n 
2 15 G   n 
2 16 G   n 
2 17 G   n 
2 18 U   n 
2 19 C   n 
3 1  C   n 
3 2  C   n 
3 3  C   n 
3 4  C   n 
3 5  A   n 
3 6  U   n 
3 7  G   n 
3 8  C   n 
3 9  G   n 
3 10 A   n 
3 11 G   n 
3 12 A   n 
3 13 G   n 
3 14 U   n 
3 15 A   n 
3 16 G   n 
3 17 G   n 
3 18 G   n 
3 19 A   n 
3 20 A   n 
3 21 C   n 
3 22 U   n 
3 23 G   n 
3 24 C   n 
3 25 C   n 
3 26 A   n 
3 27 G   n 
3 28 G   n 
3 29 C   n 
3 30 A   n 
3 31 U   n 
# 
loop_
_entity_src_gen.entity_id 
_entity_src_gen.pdbx_src_id 
_entity_src_gen.pdbx_alt_source_flag 
_entity_src_gen.pdbx_seq_type 
_entity_src_gen.pdbx_beg_seq_num 
_entity_src_gen.pdbx_end_seq_num 
_entity_src_gen.gene_src_common_name 
_entity_src_gen.gene_src_genus 
_entity_src_gen.pdbx_gene_src_gene 
_entity_src_gen.gene_src_species 
_entity_src_gen.gene_src_strain 
_entity_src_gen.gene_src_tissue 
_entity_src_gen.gene_src_tissue_fraction 
_entity_src_gen.gene_src_details 
_entity_src_gen.pdbx_gene_src_fragment 
_entity_src_gen.pdbx_gene_src_scientific_name 
_entity_src_gen.pdbx_gene_src_ncbi_taxonomy_id 
_entity_src_gen.pdbx_gene_src_variant 
_entity_src_gen.pdbx_gene_src_cell_line 
_entity_src_gen.pdbx_gene_src_atcc 
_entity_src_gen.pdbx_gene_src_organ 
_entity_src_gen.pdbx_gene_src_organelle 
_entity_src_gen.pdbx_gene_src_cell 
_entity_src_gen.pdbx_gene_src_cellular_location 
_entity_src_gen.host_org_common_name 
_entity_src_gen.pdbx_host_org_scientific_name 
_entity_src_gen.pdbx_host_org_ncbi_taxonomy_id 
_entity_src_gen.host_org_genus 
_entity_src_gen.pdbx_host_org_gene 
_entity_src_gen.pdbx_host_org_organ 
_entity_src_gen.host_org_species 
_entity_src_gen.pdbx_host_org_tissue 
_entity_src_gen.pdbx_host_org_tissue_fraction 
_entity_src_gen.pdbx_host_org_strain 
_entity_src_gen.pdbx_host_org_variant 
_entity_src_gen.pdbx_host_org_cell_line 
_entity_src_gen.pdbx_host_org_atcc 
_entity_src_gen.pdbx_host_org_culture_collection 
_entity_src_gen.pdbx_host_org_cell 
_entity_src_gen.pdbx_host_org_organelle 
_entity_src_gen.pdbx_host_org_cellular_location 
_entity_src_gen.pdbx_host_org_vector_type 
_entity_src_gen.pdbx_host_org_vector 
_entity_src_gen.host_org_details 
_entity_src_gen.expression_system_id 
_entity_src_gen.plasmid_name 
_entity_src_gen.plasmid_details 
_entity_src_gen.pdbx_description 
1 1 sample ? ? ? ? Escherichia ? ? ? ? ? ? ? 'Escherichia coli' 562 ? ? ? ? ? ? ? ? 'Escherichia coli' 562 Escherichia ? ? ? ? ? ? 
? ? ? ? ? CYTOSOL ? ? ? ? ? ?                        ? ? 
2 1 sample ? ? ? ? Escherichia ? ? ? ? ? ? ? 'Escherichia coli' 562 ? ? ? ? ? ? ? ? 'Escherichia coli' 562 Escherichia ? ? ? ? ? 
HB101 ? ? ? ? ? CYTOSOL ? ? ? ? ? 'PKK5-1 RRNB 5S CISTRON' ? ? 
3 1 sample ? ? ? ? Escherichia ? ? ? ? ? ? ? 'Escherichia coli' 562 ? ? ? ? ? ? ? ? 'Escherichia coli' 562 Escherichia ? ? ? ? ? 
HB101 ? ? ? ? ? CYTOSOL ? ? ? ? ? 'PKK5-1 RRNB 5S CISTRON' ? ? 
# 
loop_
_chem_comp.id 
_chem_comp.type 
_chem_comp.mon_nstd_flag 
_chem_comp.name 
_chem_comp.pdbx_synonyms 
_chem_comp.formula 
_chem_comp.formula_weight 
A   'RNA linking' y "ADENOSINE-5'-MONOPHOSPHATE"        ?                               'C10 H14 N5 O7 P'  347.221 
C   'RNA linking' y "CYTIDINE-5'-MONOPHOSPHATE"         ?                               'C9 H14 N3 O8 P'   323.197 
DC  'DNA linking' y "2'-DEOXYCYTIDINE-5'-MONOPHOSPHATE" ?                               'C9 H14 N3 O7 P'   307.197 
G   'RNA linking' y "GUANOSINE-5'-MONOPHOSPHATE"        ?                               'C10 H14 N5 O8 P'  363.221 
HG  non-polymer   . 'MERCURY (II) ION'                  ?                               'Hg 2'             200.590 
MG  non-polymer   . 'MAGNESIUM ION'                     ?                               'Mg 2'             24.305  
SSU 'RNA linking' n "URIDINE-5'-PHOSPHOROTHIOATE"       'SP-SULFUR-SUBSTITUTED URIDINE' 'C9 H13 N2 O8 P S' 340.247 
U   'RNA linking' y "URIDINE-5'-MONOPHOSPHATE"          ?                               'C9 H13 N2 O9 P'   324.181 
# 
loop_
_pdbx_poly_seq_scheme.asym_id 
_pdbx_poly_seq_scheme.entity_id 
_pdbx_poly_seq_scheme.seq_id 
_pdbx_poly_seq_scheme.mon_id 
_pdbx_poly_seq_scheme.ndb_seq_num 
_pdbx_poly_seq_scheme.pdb_seq_num 
_pdbx_poly_seq_scheme.auth_seq_num 
_pdbx_poly_seq_scheme.pdb_mon_id 
_pdbx_poly_seq_scheme.auth_mon_id 
_pdbx_poly_seq_scheme.pdb_strand_id 
_pdbx_poly_seq_scheme.pdb_ins_code 
_pdbx_poly_seq_scheme.hetero 
A 1 1  U   1  1   1   U   U   A . n 
A 1 2  G   2  2   2   G   G   A . n 
A 1 3  C   3  3   3   C   C   A . n 
A 1 4  DC  4  4   4   DC  DC  A . n 
A 1 5  SSU 5  5   5   SSU SSU A . n 
A 1 6  G   6  6   6   G   G   A . n 
A 1 7  G   7  7   7   G   G   A . n 
A 1 8  C   8  8   8   C   C   A . n 
A 1 9  G   9  9   9   G   G   A . n 
A 1 10 G   10 10  10  G   G   A . n 
A 1 11 C   11 11  11  C   C   A . n 
B 2 1  C   1  70  70  C   C   B . n 
B 2 2  C   2  71  71  C   C   B . n 
B 2 3  G   3  72  72  G   G   B . n 
B 2 4  A   4  73  73  A   A   B . n 
B 2 5  U   5  74  74  U   U   B . n 
B 2 6  G   6  75  75  G   G   B . n 
B 2 7  G   7  76  76  G   G   B . n 
B 2 8  U   8  77  77  U   U   B . n 
B 2 9  A   9  78  78  A   A   B . n 
B 2 10 G   10 79  79  G   G   B . n 
B 2 11 U   11 80  80  U   U   B . n 
B 2 12 G   12 81  81  G   G   B . n 
B 2 13 U   13 82  82  U   U   B . n 
B 2 14 G   14 83  83  G   G   B . n 
B 2 15 G   15 84  84  G   G   B . n 
B 2 16 G   16 85  85  G   G   B . n 
B 2 17 G   17 86  86  G   G   B . n 
B 2 18 U   18 87  87  U   U   B . n 
B 2 19 C   19 88  88  C   C   B . n 
C 3 1  C   1  90  90  C   C   C . n 
C 3 2  C   2  91  91  C   C   C . n 
C 3 3  C   3  92  92  C   C   C . n 
C 3 4  C   4  93  93  C   C   C . n 
C 3 5  A   5  94  94  A   A   C . n 
C 3 6  U   6  95  95  U   U   C . n 
C 3 7  G   7  96  96  G   G   C . n 
C 3 8  C   8  97  97  C   C   C . n 
C 3 9  G   9  98  98  G   G   C . n 
C 3 10 A   10 99  99  A   A   C . n 
C 3 11 G   11 100 100 G   G   C . n 
C 3 12 A   12 101 101 A   A   C . n 
C 3 13 G   13 102 102 G   G   C . n 
C 3 14 U   14 103 103 U   U   C . n 
C 3 15 A   15 104 104 A   A   C . n 
C 3 16 G   16 105 105 G   G   C . n 
C 3 17 G   17 106 106 G   G   C . n 
C 3 18 G   18 107 107 G   G   C . n 
C 3 19 A   19 108 108 A   A   C . n 
C 3 20 A   20 109 109 A   A   C . n 
C 3 21 C   21 110 110 C   C   C . n 
C 3 22 U   22 111 111 U   U   C . n 
C 3 23 G   23 112 112 G   G   C . n 
C 3 24 C   24 113 113 C   C   C . n 
C 3 25 C   25 114 114 C   C   C . n 
C 3 26 A   26 115 115 A   A   C . n 
C 3 27 G   27 116 116 G   G   C . n 
C 3 28 G   28 117 117 G   G   C . n 
C 3 29 C   29 118 118 C   C   C . n 
C 3 30 A   30 119 119 A   A   C . n 
C 3 31 U   31 120 120 U   U   C . n 
# 
loop_
_pdbx_nonpoly_scheme.asym_id 
_pdbx_nonpoly_scheme.entity_id 
_pdbx_nonpoly_scheme.mon_id 
_pdbx_nonpoly_scheme.ndb_seq_num 
_pdbx_nonpoly_scheme.pdb_seq_num 
_pdbx_nonpoly_scheme.auth_seq_num 
_pdbx_nonpoly_scheme.pdb_mon_id 
_pdbx_nonpoly_scheme.auth_mon_id 
_pdbx_nonpoly_scheme.pdb_strand_id 
_pdbx_nonpoly_scheme.pdb_ins_code 
D 4 MG 1 69 69 MG MG A . 
E 4 MG 1 62 62 MG MG B . 
F 4 MG 1 66 66 MG MG B . 
G 5 HG 1 89 89 HG HG B . 
H 4 MG 1 63 63 MG MG C . 
I 4 MG 1 64 64 MG MG C . 
J 4 MG 1 65 65 MG MG C . 
K 4 MG 1 67 67 MG MG C . 
L 4 MG 1 68 68 MG MG C . 
# 
loop_
_pdbx_unobs_or_zero_occ_atoms.id 
_pdbx_unobs_or_zero_occ_atoms.PDB_model_num 
_pdbx_unobs_or_zero_occ_atoms.polymer_flag 
_pdbx_unobs_or_zero_occ_atoms.occupancy_flag 
_pdbx_unobs_or_zero_occ_atoms.auth_asym_id 
_pdbx_unobs_or_zero_occ_atoms.auth_comp_id 
_pdbx_unobs_or_zero_occ_atoms.auth_seq_id 
_pdbx_unobs_or_zero_occ_atoms.PDB_ins_code 
_pdbx_unobs_or_zero_occ_atoms.auth_atom_id 
_pdbx_unobs_or_zero_occ_atoms.label_alt_id 
_pdbx_unobs_or_zero_occ_atoms.label_asym_id 
_pdbx_unobs_or_zero_occ_atoms.label_comp_id 
_pdbx_unobs_or_zero_occ_atoms.label_seq_id 
_pdbx_unobs_or_zero_occ_atoms.label_atom_id 
1  1 Y 1 C U 120 ? "C5'" ? C U 31 "C5'" 
2  1 Y 1 C U 120 ? "C4'" ? C U 31 "C4'" 
3  1 Y 1 C U 120 ? "O4'" ? C U 31 "O4'" 
4  1 Y 1 C U 120 ? "C3'" ? C U 31 "C3'" 
5  1 Y 1 C U 120 ? "O3'" ? C U 31 "O3'" 
6  1 Y 1 C U 120 ? "C2'" ? C U 31 "C2'" 
7  1 Y 1 C U 120 ? "O2'" ? C U 31 "O2'" 
8  1 Y 1 C U 120 ? "C1'" ? C U 31 "C1'" 
9  1 Y 1 C U 120 ? N1    ? C U 31 N1    
10 1 Y 1 C U 120 ? C2    ? C U 31 C2    
11 1 Y 1 C U 120 ? O2    ? C U 31 O2    
12 1 Y 1 C U 120 ? N3    ? C U 31 N3    
13 1 Y 1 C U 120 ? C4    ? C U 31 C4    
14 1 Y 1 C U 120 ? O4    ? C U 31 O4    
15 1 Y 1 C U 120 ? C5    ? C U 31 C5    
16 1 Y 1 C U 120 ? C6    ? C U 31 C6    
# 
loop_
_software.name 
_software.classification 
_software.version 
_software.citation_id 
_software.pdbx_ordinal 
CCP4       'model building' . ? 1 
X-PLOR/CNS 'model building' . ? 2 
CNS        refinement       . ? 3 
DENZO      'data reduction' . ? 4 
SCALEPACK  'data scaling'   . ? 5 
CCP4       phasing          . ? 6 
X-PLOR     phasing          . ? 7 
CNS        phasing          . ? 8 
# 
_cell.entry_id           357D 
_cell.length_a           58.670 
_cell.length_b           58.670 
_cell.length_c           248.840 
_cell.angle_alpha        90.00 
_cell.angle_beta         90.00 
_cell.angle_gamma        120.00 
_cell.Z_PDB              12 
_cell.pdbx_unique_axis   ? 
_cell.length_a_esd       ? 
_cell.length_b_esd       ? 
_cell.length_c_esd       ? 
_cell.angle_alpha_esd    ? 
_cell.angle_beta_esd     ? 
_cell.angle_gamma_esd    ? 
# 
_symmetry.entry_id                         357D 
_symmetry.space_group_name_H-M             'P 61 2 2' 
_symmetry.pdbx_full_space_group_name_H-M   ? 
_symmetry.cell_setting                     ? 
_symmetry.Int_Tables_number                178 
_symmetry.space_group_name_Hall            ? 
# 
_exptl.entry_id          357D 
_exptl.method            'X-RAY DIFFRACTION' 
_exptl.crystals_number   1 
# 
_exptl_crystal.id                    1 
_exptl_crystal.density_meas          ? 
_exptl_crystal.density_Matthews      3.14 
_exptl_crystal.density_percent_sol   59.0000 
_exptl_crystal.description           ? 
_exptl_crystal.F_000                 ? 
_exptl_crystal.preparation           ? 
# 
_exptl_crystal_grow.crystal_id      1 
_exptl_crystal_grow.method          'VAPOR DIFFUSION' 
_exptl_crystal_grow.temp            ? 
_exptl_crystal_grow.temp_details    ? 
_exptl_crystal_grow.pH              6.40 
_exptl_crystal_grow.pdbx_details    'pH 6.40, VAPOR DIFFUSION' 
_exptl_crystal_grow.pdbx_pH_range   ? 
# 
loop_
_exptl_crystal_grow_comp.crystal_id 
_exptl_crystal_grow_comp.id 
_exptl_crystal_grow_comp.sol_id 
_exptl_crystal_grow_comp.name 
_exptl_crystal_grow_comp.volume 
_exptl_crystal_grow_comp.conc 
_exptl_crystal_grow_comp.details 
1 1 1 WATER        ? ? ? 
1 2 1 MGCL2        ? ? ? 
1 3 1 'NA MES'     ? ? ? 
1 4 1 'MG SULFATE' ? ? ? 
# 
_diffrn.id                     1 
_diffrn.ambient_temp           100.00 
_diffrn.ambient_temp_details   ? 
_diffrn.crystal_id             1 
# 
_diffrn_detector.diffrn_id              1 
_diffrn_detector.detector               'IMAGE PLATE' 
_diffrn_detector.type                   FUJI 
_diffrn_detector.pdbx_collection_date   1996-04-30 
_diffrn_detector.details                'SILICON 111 BENDING MIRROR' 
# 
_diffrn_radiation.diffrn_id                        1 
_diffrn_radiation.wavelength_id                    1 
_diffrn_radiation.pdbx_monochromatic_or_laue_m_l   M 
_diffrn_radiation.monochromator                    ? 
_diffrn_radiation.pdbx_diffrn_protocol             'SINGLE WAVELENGTH' 
_diffrn_radiation.pdbx_scattering_type             x-ray 
# 
_diffrn_radiation_wavelength.id           1 
_diffrn_radiation_wavelength.wavelength   . 
_diffrn_radiation_wavelength.wt           1.0 
# 
_diffrn_source.diffrn_id                   1 
_diffrn_source.source                      SYNCHROTRON 
_diffrn_source.type                        'NSLS BEAMLINE X4A' 
_diffrn_source.pdbx_synchrotron_site       NSLS 
_diffrn_source.pdbx_synchrotron_beamline   X4A 
_diffrn_source.pdbx_wavelength             ? 
_diffrn_source.pdbx_wavelength_list        ? 
# 
_reflns.entry_id                     357D 
_reflns.observed_criterion_sigma_I   -3.000 
_reflns.observed_criterion_sigma_F   -3.000 
_reflns.d_resolution_low             20.000 
_reflns.d_resolution_high            3.500 
_reflns.number_obs                   6037 
_reflns.number_all                   ? 
_reflns.percent_possible_obs         99.100 
_reflns.pdbx_Rmerge_I_obs            0.057 
_reflns.pdbx_Rsym_value              0.057 
_reflns.pdbx_netI_over_sigmaI        11.300 
_reflns.B_iso_Wilson_estimate        56.60 
_reflns.pdbx_redundancy              4.900 
_reflns.R_free_details               ? 
_reflns.pdbx_chi_squared             ? 
_reflns.pdbx_scaling_rejects         ? 
_reflns.pdbx_diffrn_id               1 
_reflns.pdbx_ordinal                 1 
# 
_reflns_shell.d_res_high             3.500 
_reflns_shell.d_res_low              3.620 
_reflns_shell.percent_possible_all   95.10 
_reflns_shell.Rmerge_I_obs           0.291 
_reflns_shell.pdbx_Rsym_value        0.291 
_reflns_shell.meanI_over_sigI_obs    3.700 
_reflns_shell.pdbx_redundancy        4.500 
_reflns_shell.percent_possible_obs   ? 
_reflns_shell.number_unique_all      ? 
_reflns_shell.number_measured_all    ? 
_reflns_shell.number_measured_obs    ? 
_reflns_shell.number_unique_obs      ? 
_reflns_shell.pdbx_chi_squared       ? 
_reflns_shell.pdbx_diffrn_id         ? 
_reflns_shell.pdbx_ordinal           1 
# 
_refine.entry_id                                 357D 
_refine.ls_number_reflns_obs                     3374 
_refine.ls_number_reflns_all                     ? 
_refine.pdbx_ls_sigma_I                          ? 
_refine.pdbx_ls_sigma_F                          0.000 
_refine.pdbx_data_cutoff_high_absF               18352194.500 
_refine.pdbx_data_cutoff_low_absF                0.0000 
_refine.pdbx_data_cutoff_high_rms_absF           ? 
_refine.ls_d_res_low                             10.000 
_refine.ls_d_res_high                            3.500 
_refine.ls_percent_reflns_obs                    97.400 
_refine.ls_R_factor_obs                          0.312 
_refine.ls_R_factor_all                          ? 
_refine.ls_R_factor_R_work                       0.312 
_refine.ls_R_factor_R_free                       0.265 
_refine.ls_R_factor_R_free_error                 0.017 
_refine.ls_R_factor_R_free_error_details         ? 
_refine.ls_percent_reflns_R_free                 11.00 
_refine.ls_number_reflns_R_free                  372 
_refine.ls_number_parameters                     ? 
_refine.ls_number_restraints                     ? 
_refine.occupancy_min                            ? 
_refine.occupancy_max                            ? 
_refine.B_iso_mean                               98.60 
_refine.aniso_B[1][1]                            6.0500 
_refine.aniso_B[2][2]                            6.0500 
_refine.aniso_B[3][3]                            -12.00 
_refine.aniso_B[1][2]                            32.870 
_refine.aniso_B[1][3]                            0.0000 
_refine.aniso_B[2][3]                            0.0000 
_refine.solvent_model_details                    ? 
_refine.solvent_model_param_ksol                 ? 
_refine.solvent_model_param_bsol                 ? 
_refine.pdbx_ls_cross_valid_method               THROUGHOUT 
_refine.details                                  
;TARGET FOR REFINEMENT WAS MLHL: MAXIMUM LIKELIHOOD TARGET USING AMPLITUDES AND PHASE PROBABILITY DISTRIBUTION FROM THE COMBINED PHASES DESCRIBED BELOW.
;
_refine.pdbx_starting_model                      ? 
_refine.pdbx_method_to_determine_struct          
;MAD PHASES FROM A BROMINE WERE COMBINED WITH MAD AND SIRAS PHASES FROM A MERCURY DERIVIATIVE. MLPHARE WAS USED TO CALCULATE THE PHASES WHILE SIGMAA WAS USED TO COMBINE THE THREE PHASES SETS.
;
_refine.pdbx_isotropic_thermal_model             ? 
_refine.pdbx_stereochemistry_target_values       ? 
_refine.pdbx_stereochem_target_val_spec_case     ? 
_refine.pdbx_R_Free_selection_details            RANDOM 
_refine.pdbx_overall_ESU_R                       ? 
_refine.pdbx_overall_ESU_R_Free                  ? 
_refine.overall_SU_ML                            ? 
_refine.overall_SU_B                             ? 
_refine.ls_redundancy_reflns_obs                 ? 
_refine.correlation_coeff_Fo_to_Fc               ? 
_refine.correlation_coeff_Fo_to_Fc_free          ? 
_refine.overall_SU_R_Cruickshank_DPI             ? 
_refine.overall_SU_R_free                        ? 
_refine.pdbx_overall_phase_error                 ? 
_refine.pdbx_solvent_vdw_probe_radii             ? 
_refine.pdbx_solvent_ion_probe_radii             ? 
_refine.pdbx_solvent_shrinkage_radii             ? 
_refine.ls_wR_factor_R_free                      ? 
_refine.ls_wR_factor_R_work                      ? 
_refine.overall_FOM_free_R_set                   ? 
_refine.overall_FOM_work_R_set                   ? 
_refine.pdbx_refine_id                           'X-RAY DIFFRACTION' 
_refine.pdbx_diffrn_id                           1 
_refine.pdbx_TLS_residual_ADP_flag               ? 
_refine.pdbx_overall_SU_R_free_Cruickshank_DPI   ? 
_refine.pdbx_overall_SU_R_Blow_DPI               ? 
_refine.pdbx_overall_SU_R_free_Blow_DPI          ? 
# 
_refine_analyze.entry_id                        357D 
_refine_analyze.Luzzati_coordinate_error_obs    0.54 
_refine_analyze.Luzzati_sigma_a_obs             0.55 
_refine_analyze.Luzzati_d_res_low_obs           6.00 
_refine_analyze.Luzzati_coordinate_error_free   0.64 
_refine_analyze.Luzzati_sigma_a_free            0.7 
_refine_analyze.Luzzati_d_res_low_free          ? 
_refine_analyze.number_disordered_residues      ? 
_refine_analyze.occupancy_sum_hydrogen          ? 
_refine_analyze.occupancy_sum_non_hydrogen      ? 
_refine_analyze.pdbx_refine_id                  'X-RAY DIFFRACTION' 
# 
_refine_hist.pdbx_refine_id                   'X-RAY DIFFRACTION' 
_refine_hist.cycle_id                         LAST 
_refine_hist.pdbx_number_atoms_protein        0 
_refine_hist.pdbx_number_atoms_nucleic_acid   1294 
_refine_hist.pdbx_number_atoms_ligand         9 
_refine_hist.number_atoms_solvent             0 
_refine_hist.number_atoms_total               1303 
_refine_hist.d_res_high                       3.500 
_refine_hist.d_res_low                        10.000 
# 
loop_
_refine_ls_restr.type 
_refine_ls_restr.dev_ideal 
_refine_ls_restr.dev_ideal_target 
_refine_ls_restr.weight 
_refine_ls_restr.number 
_refine_ls_restr.pdbx_refine_id 
_refine_ls_restr.pdbx_restraint_function 
c_bond_d                0.009 ?     ? ? 'X-RAY DIFFRACTION' ? 
c_bond_d_na             ?     ?     ? ? 'X-RAY DIFFRACTION' ? 
c_bond_d_prot           ?     ?     ? ? 'X-RAY DIFFRACTION' ? 
c_angle_d               ?     ?     ? ? 'X-RAY DIFFRACTION' ? 
c_angle_d_na            ?     ?     ? ? 'X-RAY DIFFRACTION' ? 
c_angle_d_prot          ?     ?     ? ? 'X-RAY DIFFRACTION' ? 
c_angle_deg             1.50  ?     ? ? 'X-RAY DIFFRACTION' ? 
c_angle_deg_na          ?     ?     ? ? 'X-RAY DIFFRACTION' ? 
c_angle_deg_prot        ?     ?     ? ? 'X-RAY DIFFRACTION' ? 
c_dihedral_angle_d      29.9  ?     ? ? 'X-RAY DIFFRACTION' ? 
c_dihedral_angle_d_na   ?     ?     ? ? 'X-RAY DIFFRACTION' ? 
c_dihedral_angle_d_prot ?     ?     ? ? 'X-RAY DIFFRACTION' ? 
c_improper_angle_d      2.63  ?     ? ? 'X-RAY DIFFRACTION' ? 
c_improper_angle_d_na   ?     ?     ? ? 'X-RAY DIFFRACTION' ? 
c_improper_angle_d_prot ?     ?     ? ? 'X-RAY DIFFRACTION' ? 
c_mcbond_it             1.350 1.500 ? ? 'X-RAY DIFFRACTION' ? 
c_mcangle_it            2.340 2.000 ? ? 'X-RAY DIFFRACTION' ? 
c_scbond_it             0.980 2.000 ? ? 'X-RAY DIFFRACTION' ? 
c_scangle_it            1.640 2.500 ? ? 'X-RAY DIFFRACTION' ? 
# 
_refine_ls_shell.pdbx_total_number_of_bins_used   6 
_refine_ls_shell.d_res_high                       3.50 
_refine_ls_shell.d_res_low                        3.71 
_refine_ls_shell.number_reflns_R_work             442 
_refine_ls_shell.R_factor_R_work                  0.354 
_refine_ls_shell.percent_reflns_obs               91.70 
_refine_ls_shell.R_factor_R_free                  0.418 
_refine_ls_shell.R_factor_R_free_error            0.05 
_refine_ls_shell.percent_reflns_R_free            13.20 
_refine_ls_shell.number_reflns_R_free             67 
_refine_ls_shell.redundancy_reflns_obs            ? 
_refine_ls_shell.number_reflns_all                ? 
_refine_ls_shell.number_reflns_obs                ? 
_refine_ls_shell.R_factor_all                     ? 
_refine_ls_shell.pdbx_refine_id                   'X-RAY DIFFRACTION' 
# 
loop_
_pdbx_xplor_file.serial_no 
_pdbx_xplor_file.param_file 
_pdbx_xplor_file.topol_file 
_pdbx_xplor_file.pdbx_refine_id 
1 DNA-RNA-MULTI-ENDO.PARAM DNA-RNA-MULTI-ENDO.TOP 'X-RAY DIFFRACTION' 
2 MG.PARAM                 MG.PARAM               'X-RAY DIFFRACTION' 
3 PATCH.PAR                PATCH.PAR              'X-RAY DIFFRACTION' 
# 
_struct.entry_id                  357D 
_struct.title                     '3.5 A structure of fragment I from E. coli 5S RRNA' 
_struct.pdbx_model_details        ? 
_struct.pdbx_CASP_flag            ? 
_struct.pdbx_model_type_details   ? 
# 
_struct_keywords.entry_id        357D 
_struct_keywords.pdbx_keywords   RNA 
_struct_keywords.text            'U-RNA, DOUBLE HELIX, KINKED, INTERNAL LOOP, OVERHANGING BASE, MODIFIED, MISMATCHED, RNA' 
# 
loop_
_struct_asym.id 
_struct_asym.pdbx_blank_PDB_chainid_flag 
_struct_asym.pdbx_modified 
_struct_asym.entity_id 
_struct_asym.details 
A N N 1 ? 
B N N 2 ? 
C N N 3 ? 
D N N 4 ? 
E N N 4 ? 
F N N 4 ? 
G N N 5 ? 
H N N 4 ? 
I N N 4 ? 
J N N 4 ? 
K N N 4 ? 
L N N 4 ? 
# 
loop_
_struct_ref.id 
_struct_ref.entity_id 
_struct_ref.db_name 
_struct_ref.db_code 
_struct_ref.pdbx_db_accession 
_struct_ref.pdbx_db_isoform 
_struct_ref.pdbx_seq_one_letter_code 
_struct_ref.pdbx_align_begin 
1 1 PDB 357D 357D ? ? ? 
2 2 PDB 357D 357D ? ? ? 
3 3 PDB 357D 357D ? ? ? 
# 
loop_
_struct_ref_seq.align_id 
_struct_ref_seq.ref_id 
_struct_ref_seq.pdbx_PDB_id_code 
_struct_ref_seq.pdbx_strand_id 
_struct_ref_seq.seq_align_beg 
_struct_ref_seq.pdbx_seq_align_beg_ins_code 
_struct_ref_seq.seq_align_end 
_struct_ref_seq.pdbx_seq_align_end_ins_code 
_struct_ref_seq.pdbx_db_accession 
_struct_ref_seq.db_align_beg 
_struct_ref_seq.pdbx_db_align_beg_ins_code 
_struct_ref_seq.db_align_end 
_struct_ref_seq.pdbx_db_align_end_ins_code 
_struct_ref_seq.pdbx_auth_seq_align_beg 
_struct_ref_seq.pdbx_auth_seq_align_end 
1 1 357D A 1 ? 11 ? 357D 1  ? 11  ? 1  11  
2 2 357D B 1 ? 19 ? 357D 70 ? 88  ? 70 88  
3 3 357D C 1 ? 31 ? 357D 90 ? 120 ? 90 120 
# 
_pdbx_struct_assembly.id                   1 
_pdbx_struct_assembly.details              author_and_software_defined_assembly 
_pdbx_struct_assembly.method_details       PISA 
_pdbx_struct_assembly.oligomeric_details   trimeric 
_pdbx_struct_assembly.oligomeric_count     3 
# 
loop_
_pdbx_struct_assembly_prop.biol_id 
_pdbx_struct_assembly_prop.type 
_pdbx_struct_assembly_prop.value 
_pdbx_struct_assembly_prop.details 
1 'ABSA (A^2)' 4980  ? 
1 MORE         -93.5 ? 
1 'SSA (A^2)'  10800 ? 
# 
_pdbx_struct_assembly_gen.assembly_id       1 
_pdbx_struct_assembly_gen.oper_expression   1 
_pdbx_struct_assembly_gen.asym_id_list      A,B,C,D,E,F,G,H,I,J,K,L 
# 
_pdbx_struct_oper_list.id                   1 
_pdbx_struct_oper_list.type                 'identity operation' 
_pdbx_struct_oper_list.name                 1_555 
_pdbx_struct_oper_list.symmetry_operation   x,y,z 
_pdbx_struct_oper_list.matrix[1][1]         1.0000000000 
_pdbx_struct_oper_list.matrix[1][2]         0.0000000000 
_pdbx_struct_oper_list.matrix[1][3]         0.0000000000 
_pdbx_struct_oper_list.vector[1]            0.0000000000 
_pdbx_struct_oper_list.matrix[2][1]         0.0000000000 
_pdbx_struct_oper_list.matrix[2][2]         1.0000000000 
_pdbx_struct_oper_list.matrix[2][3]         0.0000000000 
_pdbx_struct_oper_list.vector[2]            0.0000000000 
_pdbx_struct_oper_list.matrix[3][1]         0.0000000000 
_pdbx_struct_oper_list.matrix[3][2]         0.0000000000 
_pdbx_struct_oper_list.matrix[3][3]         1.0000000000 
_pdbx_struct_oper_list.vector[3]            0.0000000000 
# 
_struct_biol.id                    1 
_struct_biol.pdbx_parent_biol_id   ? 
_struct_biol.details               ? 
# 
loop_
_struct_conn.id 
_struct_conn.conn_type_id 
_struct_conn.pdbx_leaving_atom_flag 
_struct_conn.pdbx_PDB_id 
_struct_conn.ptnr1_label_asym_id 
_struct_conn.ptnr1_label_comp_id 
_struct_conn.ptnr1_label_seq_id 
_struct_conn.ptnr1_label_atom_id 
_struct_conn.pdbx_ptnr1_label_alt_id 
_struct_conn.pdbx_ptnr1_PDB_ins_code 
_struct_conn.pdbx_ptnr1_standard_comp_id 
_struct_conn.ptnr1_symmetry 
_struct_conn.ptnr2_label_asym_id 
_struct_conn.ptnr2_label_comp_id 
_struct_conn.ptnr2_label_seq_id 
_struct_conn.ptnr2_label_atom_id 
_struct_conn.pdbx_ptnr2_label_alt_id 
_struct_conn.pdbx_ptnr2_PDB_ins_code 
_struct_conn.ptnr1_auth_asym_id 
_struct_conn.ptnr1_auth_comp_id 
_struct_conn.ptnr1_auth_seq_id 
_struct_conn.ptnr2_auth_asym_id 
_struct_conn.ptnr2_auth_comp_id 
_struct_conn.ptnr2_auth_seq_id 
_struct_conn.ptnr2_symmetry 
_struct_conn.pdbx_ptnr3_label_atom_id 
_struct_conn.pdbx_ptnr3_label_seq_id 
_struct_conn.pdbx_ptnr3_label_comp_id 
_struct_conn.pdbx_ptnr3_label_asym_id 
_struct_conn.pdbx_ptnr3_label_alt_id 
_struct_conn.pdbx_ptnr3_PDB_ins_code 
_struct_conn.details 
_struct_conn.pdbx_dist_value 
_struct_conn.pdbx_value_order 
_struct_conn.pdbx_role 
covale1  covale both ? A DC  4  "O3'" ? ? ? 1_555 A SSU 5  P   ? ? A DC  4  A SSU 5   1_555 ? ? ? ? ? ? ?             1.605 ? ? 
covale2  covale both ? A SSU 5  "O3'" ? ? ? 1_555 A G   6  P   ? ? A SSU 5  A G   6   1_555 ? ? ? ? ? ? ?             1.603 ? ? 
metalc1  metalc ?    ? E MG  .  MG    ? ? ? 1_555 B G   6  OP2 ? ? B MG  62 B G   75  1_555 ? ? ? ? ? ? ?             2.151 ? ? 
metalc2  metalc ?    ? F MG  .  MG    ? ? ? 1_555 B A   9  OP2 ? ? B MG  66 B A   78  1_555 ? ? ? ? ? ? ?             2.269 ? ? 
metalc3  metalc ?    ? B U   5  OP1   ? ? ? 1_555 H MG  .  MG  ? ? B U   74 C MG  63  1_555 ? ? ? ? ? ? ?             2.212 ? ? 
metalc4  metalc ?    ? I MG  .  MG    ? ? ? 1_555 C G   11 OP2 ? ? C MG  64 C G   100 1_555 ? ? ? ? ? ? ?             2.425 ? ? 
metalc5  metalc ?    ? L MG  .  MG    ? ? ? 1_555 C A   30 OP2 ? ? C MG  68 C A   119 1_555 ? ? ? ? ? ? ?             2.404 ? ? 
hydrog1  hydrog ?    ? A U   1  N3    ? ? ? 1_555 C A   30 N1  ? ? A U   1  C A   119 1_555 ? ? ? ? ? ? WATSON-CRICK  ?     ? ? 
hydrog2  hydrog ?    ? A U   1  O4    ? ? ? 1_555 C A   30 N6  ? ? A U   1  C A   119 1_555 ? ? ? ? ? ? WATSON-CRICK  ?     ? ? 
hydrog3  hydrog ?    ? A G   2  N1    ? ? ? 1_555 C C   29 N3  ? ? A G   2  C C   118 1_555 ? ? ? ? ? ? WATSON-CRICK  ?     ? ? 
hydrog4  hydrog ?    ? A G   2  N2    ? ? ? 1_555 C C   29 O2  ? ? A G   2  C C   118 1_555 ? ? ? ? ? ? WATSON-CRICK  ?     ? ? 
hydrog5  hydrog ?    ? A G   2  O6    ? ? ? 1_555 C C   29 N4  ? ? A G   2  C C   118 1_555 ? ? ? ? ? ? WATSON-CRICK  ?     ? ? 
hydrog6  hydrog ?    ? A C   3  N3    ? ? ? 1_555 C G   28 N1  ? ? A C   3  C G   117 1_555 ? ? ? ? ? ? WATSON-CRICK  ?     ? ? 
hydrog7  hydrog ?    ? A C   3  N4    ? ? ? 1_555 C G   28 O6  ? ? A C   3  C G   117 1_555 ? ? ? ? ? ? WATSON-CRICK  ?     ? ? 
hydrog8  hydrog ?    ? A C   3  O2    ? ? ? 1_555 C G   28 N2  ? ? A C   3  C G   117 1_555 ? ? ? ? ? ? WATSON-CRICK  ?     ? ? 
hydrog9  hydrog ?    ? A DC  4  N3    ? ? ? 1_555 C G   27 N1  ? ? A DC  4  C G   116 1_555 ? ? ? ? ? ? WATSON-CRICK  ?     ? ? 
hydrog10 hydrog ?    ? A DC  4  N4    ? ? ? 1_555 C G   27 O6  ? ? A DC  4  C G   116 1_555 ? ? ? ? ? ? WATSON-CRICK  ?     ? ? 
hydrog11 hydrog ?    ? A DC  4  O2    ? ? ? 1_555 C G   27 N2  ? ? A DC  4  C G   116 1_555 ? ? ? ? ? ? WATSON-CRICK  ?     ? ? 
hydrog12 hydrog ?    ? A SSU 5  N3    ? ? ? 1_555 C A   26 N1  ? ? A SSU 5  C A   115 1_555 ? ? ? ? ? ? WATSON-CRICK  ?     ? ? 
hydrog13 hydrog ?    ? A SSU 5  O4    ? ? ? 1_555 C A   26 N6  ? ? A SSU 5  C A   115 1_555 ? ? ? ? ? ? WATSON-CRICK  ?     ? ? 
hydrog14 hydrog ?    ? A G   6  N1    ? ? ? 1_555 C C   25 N3  ? ? A G   6  C C   114 1_555 ? ? ? ? ? ? WATSON-CRICK  ?     ? ? 
hydrog15 hydrog ?    ? A G   6  N2    ? ? ? 1_555 C C   25 O2  ? ? A G   6  C C   114 1_555 ? ? ? ? ? ? WATSON-CRICK  ?     ? ? 
hydrog16 hydrog ?    ? A G   6  O6    ? ? ? 1_555 C C   25 N4  ? ? A G   6  C C   114 1_555 ? ? ? ? ? ? WATSON-CRICK  ?     ? ? 
hydrog17 hydrog ?    ? A G   7  N1    ? ? ? 1_555 C C   24 N3  ? ? A G   7  C C   113 1_555 ? ? ? ? ? ? WATSON-CRICK  ?     ? ? 
hydrog18 hydrog ?    ? A G   7  N2    ? ? ? 1_555 C C   24 O2  ? ? A G   7  C C   113 1_555 ? ? ? ? ? ? WATSON-CRICK  ?     ? ? 
hydrog19 hydrog ?    ? A G   7  O6    ? ? ? 1_555 C C   24 N4  ? ? A G   7  C C   113 1_555 ? ? ? ? ? ? WATSON-CRICK  ?     ? ? 
hydrog20 hydrog ?    ? A C   8  N3    ? ? ? 1_555 C G   23 N1  ? ? A C   8  C G   112 1_555 ? ? ? ? ? ? WATSON-CRICK  ?     ? ? 
hydrog21 hydrog ?    ? A C   8  N4    ? ? ? 1_555 C G   23 O6  ? ? A C   8  C G   112 1_555 ? ? ? ? ? ? WATSON-CRICK  ?     ? ? 
hydrog22 hydrog ?    ? A C   8  O2    ? ? ? 1_555 C G   23 N2  ? ? A C   8  C G   112 1_555 ? ? ? ? ? ? WATSON-CRICK  ?     ? ? 
hydrog23 hydrog ?    ? A G   9  N1    ? ? ? 1_555 C U   22 O2  ? ? A G   9  C U   111 1_555 ? ? ? ? ? ? TYPE_28_PAIR  ?     ? ? 
hydrog24 hydrog ?    ? A G   9  O6    ? ? ? 1_555 C U   22 N3  ? ? A G   9  C U   111 1_555 ? ? ? ? ? ? TYPE_28_PAIR  ?     ? ? 
hydrog25 hydrog ?    ? A G   10 N1    ? ? ? 1_555 C C   21 N3  ? ? A G   10 C C   110 1_555 ? ? ? ? ? ? WATSON-CRICK  ?     ? ? 
hydrog26 hydrog ?    ? A G   10 N2    ? ? ? 1_555 C C   21 O2  ? ? A G   10 C C   110 1_555 ? ? ? ? ? ? WATSON-CRICK  ?     ? ? 
hydrog27 hydrog ?    ? A G   10 O6    ? ? ? 1_555 C C   21 N4  ? ? A G   10 C C   110 1_555 ? ? ? ? ? ? WATSON-CRICK  ?     ? ? 
hydrog28 hydrog ?    ? A C   11 O2    ? ? ? 1_555 C A   20 N6  ? ? A C   11 C A   109 1_555 ? ? ? ? ? ? 'C-A MISPAIR' ?     ? ? 
hydrog29 hydrog ?    ? B C   1  N3    ? ? ? 1_555 C G   17 N1  ? ? B C   70 C G   106 1_555 ? ? ? ? ? ? WATSON-CRICK  ?     ? ? 
hydrog30 hydrog ?    ? B C   1  N4    ? ? ? 1_555 C G   17 O6  ? ? B C   70 C G   106 1_555 ? ? ? ? ? ? WATSON-CRICK  ?     ? ? 
hydrog31 hydrog ?    ? B C   1  O2    ? ? ? 1_555 C G   17 N2  ? ? B C   70 C G   106 1_555 ? ? ? ? ? ? WATSON-CRICK  ?     ? ? 
hydrog32 hydrog ?    ? B C   2  N3    ? ? ? 1_555 C G   16 N1  ? ? B C   71 C G   105 1_555 ? ? ? ? ? ? WATSON-CRICK  ?     ? ? 
hydrog33 hydrog ?    ? B C   2  N4    ? ? ? 1_555 C G   16 O6  ? ? B C   71 C G   105 1_555 ? ? ? ? ? ? WATSON-CRICK  ?     ? ? 
hydrog34 hydrog ?    ? B C   2  O2    ? ? ? 1_555 C G   16 N2  ? ? B C   71 C G   105 1_555 ? ? ? ? ? ? WATSON-CRICK  ?     ? ? 
hydrog35 hydrog ?    ? B G   3  N2    ? ? ? 1_555 C A   15 N7  ? ? B G   72 C A   104 1_555 ? ? ? ? ? ? TYPE_11_PAIR  ?     ? ? 
hydrog36 hydrog ?    ? B G   3  N3    ? ? ? 1_555 C A   15 N6  ? ? B G   72 C A   104 1_555 ? ? ? ? ? ? TYPE_11_PAIR  ?     ? ? 
hydrog37 hydrog ?    ? B U   5  O4    ? ? ? 1_555 C G   13 N1  ? ? B U   74 C G   102 1_555 ? ? ? ? ? ? 'U-G MISPAIR' ?     ? ? 
hydrog38 hydrog ?    ? B U   5  O4    ? ? ? 1_555 C U   14 N3  ? ? B U   74 C U   103 1_555 ? ? ? ? ? ? 'U-U MISPAIR' ?     ? ? 
hydrog39 hydrog ?    ? B G   6  O6    ? ? ? 1_555 C G   13 N1  ? ? B G   75 C G   102 1_555 ? ? ? ? ? ? 'G-G MISPAIR' ?     ? ? 
hydrog40 hydrog ?    ? B G   7  N2    ? ? ? 1_555 C A   12 N1  ? ? B G   76 C A   101 1_555 ? ? ? ? ? ? 'G-A MISPAIR' ?     ? ? 
hydrog41 hydrog ?    ? B U   8  O4    ? ? ? 1_555 C G   9  N2  ? ? B U   77 C G   98  1_555 ? ? ? ? ? ? 'U-G MISPAIR' ?     ? ? 
hydrog42 hydrog ?    ? B U   8  N3    ? ? ? 1_555 C G   11 O6  ? ? B U   77 C G   100 1_555 ? ? ? ? ? ? 'U-G MISPAIR' ?     ? ? 
hydrog43 hydrog ?    ? B A   9  N6    ? ? ? 1_555 C G   9  N3  ? ? B A   78 C G   98  1_555 ? ? ? ? ? ? TYPE_11_PAIR  ?     ? ? 
hydrog44 hydrog ?    ? B A   9  N7    ? ? ? 1_555 C G   9  N2  ? ? B A   78 C G   98  1_555 ? ? ? ? ? ? TYPE_11_PAIR  ?     ? ? 
hydrog45 hydrog ?    ? B G   10 N1    ? ? ? 1_555 C C   8  N3  ? ? B G   79 C C   97  1_555 ? ? ? ? ? ? WATSON-CRICK  ?     ? ? 
hydrog46 hydrog ?    ? B G   10 N2    ? ? ? 1_555 C C   8  O2  ? ? B G   79 C C   97  1_555 ? ? ? ? ? ? WATSON-CRICK  ?     ? ? 
hydrog47 hydrog ?    ? B G   10 O6    ? ? ? 1_555 C C   8  N4  ? ? B G   79 C C   97  1_555 ? ? ? ? ? ? WATSON-CRICK  ?     ? ? 
hydrog48 hydrog ?    ? B G   10 O6    ? ? ? 1_555 C G   9  N1  ? ? B G   79 C G   98  1_555 ? ? ? ? ? ? 'G-G MISPAIR' ?     ? ? 
hydrog49 hydrog ?    ? B U   11 N3    ? ? ? 1_555 C G   7  O6  ? ? B U   80 C G   96  1_555 ? ? ? ? ? ? TYPE_28_PAIR  ?     ? ? 
hydrog50 hydrog ?    ? B U   11 O2    ? ? ? 1_555 C G   7  N1  ? ? B U   80 C G   96  1_555 ? ? ? ? ? ? TYPE_28_PAIR  ?     ? ? 
hydrog51 hydrog ?    ? B G   12 N1    ? ? ? 1_555 C U   6  O2  ? ? B G   81 C U   95  1_555 ? ? ? ? ? ? TYPE_28_PAIR  ?     ? ? 
hydrog52 hydrog ?    ? B G   12 O6    ? ? ? 1_555 C U   6  N3  ? ? B G   81 C U   95  1_555 ? ? ? ? ? ? TYPE_28_PAIR  ?     ? ? 
hydrog53 hydrog ?    ? B U   13 N3    ? ? ? 1_555 C A   5  N1  ? ? B U   82 C A   94  1_555 ? ? ? ? ? ? WATSON-CRICK  ?     ? ? 
hydrog54 hydrog ?    ? B U   13 O4    ? ? ? 1_555 C A   5  N6  ? ? B U   82 C A   94  1_555 ? ? ? ? ? ? WATSON-CRICK  ?     ? ? 
hydrog55 hydrog ?    ? B G   14 N1    ? ? ? 1_555 C C   4  N3  ? ? B G   83 C C   93  1_555 ? ? ? ? ? ? WATSON-CRICK  ?     ? ? 
hydrog56 hydrog ?    ? B G   14 N2    ? ? ? 1_555 C C   4  O2  ? ? B G   83 C C   93  1_555 ? ? ? ? ? ? WATSON-CRICK  ?     ? ? 
hydrog57 hydrog ?    ? B G   14 O6    ? ? ? 1_555 C C   4  N4  ? ? B G   83 C C   93  1_555 ? ? ? ? ? ? WATSON-CRICK  ?     ? ? 
hydrog58 hydrog ?    ? B G   15 N1    ? ? ? 1_555 C C   3  N3  ? ? B G   84 C C   92  1_555 ? ? ? ? ? ? WATSON-CRICK  ?     ? ? 
hydrog59 hydrog ?    ? B G   15 N2    ? ? ? 1_555 C C   3  O2  ? ? B G   84 C C   92  1_555 ? ? ? ? ? ? WATSON-CRICK  ?     ? ? 
hydrog60 hydrog ?    ? B G   15 O6    ? ? ? 1_555 C C   3  N4  ? ? B G   84 C C   92  1_555 ? ? ? ? ? ? WATSON-CRICK  ?     ? ? 
hydrog61 hydrog ?    ? B G   15 N1    ? ? ? 1_555 C C   4  N3  ? ? B G   84 C C   93  1_555 ? ? ? ? ? ? WATSON-CRICK  ?     ? ? 
hydrog62 hydrog ?    ? B G   15 N2    ? ? ? 1_555 C C   4  O2  ? ? B G   84 C C   93  1_555 ? ? ? ? ? ? WATSON-CRICK  ?     ? ? 
hydrog63 hydrog ?    ? B G   15 O6    ? ? ? 1_555 C C   4  N4  ? ? B G   84 C C   93  1_555 ? ? ? ? ? ? WATSON-CRICK  ?     ? ? 
hydrog64 hydrog ?    ? B G   16 N1    ? ? ? 1_555 C C   2  N3  ? ? B G   85 C C   91  1_555 ? ? ? ? ? ? WATSON-CRICK  ?     ? ? 
hydrog65 hydrog ?    ? B G   16 N2    ? ? ? 1_555 C C   2  O2  ? ? B G   85 C C   91  1_555 ? ? ? ? ? ? WATSON-CRICK  ?     ? ? 
hydrog66 hydrog ?    ? B G   16 O6    ? ? ? 1_555 C C   2  N4  ? ? B G   85 C C   91  1_555 ? ? ? ? ? ? WATSON-CRICK  ?     ? ? 
hydrog67 hydrog ?    ? B G   17 N1    ? ? ? 1_555 C C   1  N3  ? ? B G   86 C C   90  1_555 ? ? ? ? ? ? WATSON-CRICK  ?     ? ? 
hydrog68 hydrog ?    ? B G   17 N2    ? ? ? 1_555 C C   1  O2  ? ? B G   86 C C   90  1_555 ? ? ? ? ? ? WATSON-CRICK  ?     ? ? 
hydrog69 hydrog ?    ? B G   17 O6    ? ? ? 1_555 C C   1  N4  ? ? B G   86 C C   90  1_555 ? ? ? ? ? ? WATSON-CRICK  ?     ? ? 
# 
loop_
_struct_conn_type.id 
_struct_conn_type.criteria 
_struct_conn_type.reference 
covale ? ? 
metalc ? ? 
hydrog ? ? 
# 
loop_
_struct_site.id 
_struct_site.pdbx_evidence_code 
_struct_site.pdbx_auth_asym_id 
_struct_site.pdbx_auth_comp_id 
_struct_site.pdbx_auth_seq_id 
_struct_site.pdbx_auth_ins_code 
_struct_site.pdbx_num_residues 
_struct_site.details 
AC1 Software B MG 62 ? 2 'BINDING SITE FOR RESIDUE MG B 62' 
AC2 Software C MG 63 ? 2 'BINDING SITE FOR RESIDUE MG C 63' 
AC3 Software C MG 64 ? 1 'BINDING SITE FOR RESIDUE MG C 64' 
AC4 Software C MG 65 ? 1 'BINDING SITE FOR RESIDUE MG C 65' 
AC5 Software B MG 66 ? 2 'BINDING SITE FOR RESIDUE MG B 66' 
AC6 Software C MG 68 ? 1 'BINDING SITE FOR RESIDUE MG C 68' 
AC7 Software B HG 89 ? 2 'BINDING SITE FOR RESIDUE HG B 89' 
# 
loop_
_struct_site_gen.id 
_struct_site_gen.site_id 
_struct_site_gen.pdbx_num_res 
_struct_site_gen.label_comp_id 
_struct_site_gen.label_asym_id 
_struct_site_gen.label_seq_id 
_struct_site_gen.pdbx_auth_ins_code 
_struct_site_gen.auth_comp_id 
_struct_site_gen.auth_asym_id 
_struct_site_gen.auth_seq_id 
_struct_site_gen.label_atom_id 
_struct_site_gen.label_alt_id 
_struct_site_gen.symmetry 
_struct_site_gen.details 
1  AC1 2 G B 6  ? G B 75  . ? 1_555 ? 
2  AC1 2 A C 10 ? A C 99  . ? 1_555 ? 
3  AC2 2 U B 5  ? U B 74  . ? 1_555 ? 
4  AC2 2 A C 10 ? A C 99  . ? 1_555 ? 
5  AC3 1 G C 11 ? G C 100 . ? 1_555 ? 
6  AC4 1 G C 9  ? G C 98  . ? 1_555 ? 
7  AC5 2 A B 9  ? A B 78  . ? 1_555 ? 
8  AC5 2 G B 10 ? G B 79  . ? 1_555 ? 
9  AC6 1 A C 30 ? A C 119 . ? 1_555 ? 
10 AC7 2 A B 4  ? A B 73  . ? 1_555 ? 
11 AC7 2 U B 5  ? U B 74  . ? 1_555 ? 
# 
loop_
_pdbx_validate_rmsd_angle.id 
_pdbx_validate_rmsd_angle.PDB_model_num 
_pdbx_validate_rmsd_angle.auth_atom_id_1 
_pdbx_validate_rmsd_angle.auth_asym_id_1 
_pdbx_validate_rmsd_angle.auth_comp_id_1 
_pdbx_validate_rmsd_angle.auth_seq_id_1 
_pdbx_validate_rmsd_angle.PDB_ins_code_1 
_pdbx_validate_rmsd_angle.label_alt_id_1 
_pdbx_validate_rmsd_angle.auth_atom_id_2 
_pdbx_validate_rmsd_angle.auth_asym_id_2 
_pdbx_validate_rmsd_angle.auth_comp_id_2 
_pdbx_validate_rmsd_angle.auth_seq_id_2 
_pdbx_validate_rmsd_angle.PDB_ins_code_2 
_pdbx_validate_rmsd_angle.label_alt_id_2 
_pdbx_validate_rmsd_angle.auth_atom_id_3 
_pdbx_validate_rmsd_angle.auth_asym_id_3 
_pdbx_validate_rmsd_angle.auth_comp_id_3 
_pdbx_validate_rmsd_angle.auth_seq_id_3 
_pdbx_validate_rmsd_angle.PDB_ins_code_3 
_pdbx_validate_rmsd_angle.label_alt_id_3 
_pdbx_validate_rmsd_angle.angle_value 
_pdbx_validate_rmsd_angle.angle_target_value 
_pdbx_validate_rmsd_angle.angle_deviation 
_pdbx_validate_rmsd_angle.angle_standard_deviation 
_pdbx_validate_rmsd_angle.linker_flag 
1 1 "O4'" A DC 4  ? ? "C1'" A DC 4  ? ? N1    A DC 4  ? ? 110.64 108.30 2.34  0.30 N 
2 1 "C2'" B C  88 ? ? "C3'" B C  88 ? ? "O3'" B C  88 ? ? 123.86 113.70 10.16 1.60 N 
3 1 N1    B C  88 ? ? "C1'" B C  88 ? ? "C2'" B C  88 ? ? 124.45 114.00 10.45 1.30 N 
# 
_pdbx_validate_chiral.id              1 
_pdbx_validate_chiral.PDB_model_num   1 
_pdbx_validate_chiral.auth_atom_id    "C2'" 
_pdbx_validate_chiral.label_alt_id    ? 
_pdbx_validate_chiral.auth_asym_id    C 
_pdbx_validate_chiral.auth_comp_id    A 
_pdbx_validate_chiral.auth_seq_id     119 
_pdbx_validate_chiral.PDB_ins_code    ? 
_pdbx_validate_chiral.details         PLANAR 
_pdbx_validate_chiral.omega           . 
# 
_pdbx_struct_mod_residue.id               1 
_pdbx_struct_mod_residue.label_asym_id    A 
_pdbx_struct_mod_residue.label_comp_id    SSU 
_pdbx_struct_mod_residue.label_seq_id     5 
_pdbx_struct_mod_residue.auth_asym_id     A 
_pdbx_struct_mod_residue.auth_comp_id     SSU 
_pdbx_struct_mod_residue.auth_seq_id      5 
_pdbx_struct_mod_residue.PDB_ins_code     ? 
_pdbx_struct_mod_residue.parent_comp_id   U 
_pdbx_struct_mod_residue.details          "URIDINE-5'-PHOSPHOROTHIOATE" 
# 
loop_
_chem_comp_atom.comp_id 
_chem_comp_atom.atom_id 
_chem_comp_atom.type_symbol 
_chem_comp_atom.pdbx_aromatic_flag 
_chem_comp_atom.pdbx_stereo_config 
_chem_comp_atom.pdbx_ordinal 
A   OP3    O  N N 1   
A   P      P  N N 2   
A   OP1    O  N N 3   
A   OP2    O  N N 4   
A   "O5'"  O  N N 5   
A   "C5'"  C  N N 6   
A   "C4'"  C  N R 7   
A   "O4'"  O  N N 8   
A   "C3'"  C  N S 9   
A   "O3'"  O  N N 10  
A   "C2'"  C  N R 11  
A   "O2'"  O  N N 12  
A   "C1'"  C  N R 13  
A   N9     N  Y N 14  
A   C8     C  Y N 15  
A   N7     N  Y N 16  
A   C5     C  Y N 17  
A   C6     C  Y N 18  
A   N6     N  N N 19  
A   N1     N  Y N 20  
A   C2     C  Y N 21  
A   N3     N  Y N 22  
A   C4     C  Y N 23  
A   HOP3   H  N N 24  
A   HOP2   H  N N 25  
A   "H5'"  H  N N 26  
A   "H5''" H  N N 27  
A   "H4'"  H  N N 28  
A   "H3'"  H  N N 29  
A   "HO3'" H  N N 30  
A   "H2'"  H  N N 31  
A   "HO2'" H  N N 32  
A   "H1'"  H  N N 33  
A   H8     H  N N 34  
A   H61    H  N N 35  
A   H62    H  N N 36  
A   H2     H  N N 37  
C   OP3    O  N N 38  
C   P      P  N N 39  
C   OP1    O  N N 40  
C   OP2    O  N N 41  
C   "O5'"  O  N N 42  
C   "C5'"  C  N N 43  
C   "C4'"  C  N R 44  
C   "O4'"  O  N N 45  
C   "C3'"  C  N S 46  
C   "O3'"  O  N N 47  
C   "C2'"  C  N R 48  
C   "O2'"  O  N N 49  
C   "C1'"  C  N R 50  
C   N1     N  N N 51  
C   C2     C  N N 52  
C   O2     O  N N 53  
C   N3     N  N N 54  
C   C4     C  N N 55  
C   N4     N  N N 56  
C   C5     C  N N 57  
C   C6     C  N N 58  
C   HOP3   H  N N 59  
C   HOP2   H  N N 60  
C   "H5'"  H  N N 61  
C   "H5''" H  N N 62  
C   "H4'"  H  N N 63  
C   "H3'"  H  N N 64  
C   "HO3'" H  N N 65  
C   "H2'"  H  N N 66  
C   "HO2'" H  N N 67  
C   "H1'"  H  N N 68  
C   H41    H  N N 69  
C   H42    H  N N 70  
C   H5     H  N N 71  
C   H6     H  N N 72  
DC  OP3    O  N N 73  
DC  P      P  N N 74  
DC  OP1    O  N N 75  
DC  OP2    O  N N 76  
DC  "O5'"  O  N N 77  
DC  "C5'"  C  N N 78  
DC  "C4'"  C  N R 79  
DC  "O4'"  O  N N 80  
DC  "C3'"  C  N S 81  
DC  "O3'"  O  N N 82  
DC  "C2'"  C  N N 83  
DC  "C1'"  C  N R 84  
DC  N1     N  N N 85  
DC  C2     C  N N 86  
DC  O2     O  N N 87  
DC  N3     N  N N 88  
DC  C4     C  N N 89  
DC  N4     N  N N 90  
DC  C5     C  N N 91  
DC  C6     C  N N 92  
DC  HOP3   H  N N 93  
DC  HOP2   H  N N 94  
DC  "H5'"  H  N N 95  
DC  "H5''" H  N N 96  
DC  "H4'"  H  N N 97  
DC  "H3'"  H  N N 98  
DC  "HO3'" H  N N 99  
DC  "H2'"  H  N N 100 
DC  "H2''" H  N N 101 
DC  "H1'"  H  N N 102 
DC  H41    H  N N 103 
DC  H42    H  N N 104 
DC  H5     H  N N 105 
DC  H6     H  N N 106 
G   OP3    O  N N 107 
G   P      P  N N 108 
G   OP1    O  N N 109 
G   OP2    O  N N 110 
G   "O5'"  O  N N 111 
G   "C5'"  C  N N 112 
G   "C4'"  C  N R 113 
G   "O4'"  O  N N 114 
G   "C3'"  C  N S 115 
G   "O3'"  O  N N 116 
G   "C2'"  C  N R 117 
G   "O2'"  O  N N 118 
G   "C1'"  C  N R 119 
G   N9     N  Y N 120 
G   C8     C  Y N 121 
G   N7     N  Y N 122 
G   C5     C  Y N 123 
G   C6     C  N N 124 
G   O6     O  N N 125 
G   N1     N  N N 126 
G   C2     C  N N 127 
G   N2     N  N N 128 
G   N3     N  N N 129 
G   C4     C  Y N 130 
G   HOP3   H  N N 131 
G   HOP2   H  N N 132 
G   "H5'"  H  N N 133 
G   "H5''" H  N N 134 
G   "H4'"  H  N N 135 
G   "H3'"  H  N N 136 
G   "HO3'" H  N N 137 
G   "H2'"  H  N N 138 
G   "HO2'" H  N N 139 
G   "H1'"  H  N N 140 
G   H8     H  N N 141 
G   H1     H  N N 142 
G   H21    H  N N 143 
G   H22    H  N N 144 
HG  HG     HG N N 145 
MG  MG     MG N N 146 
SSU "O2'"  O  N N 147 
SSU "C2'"  C  N R 148 
SSU "C1'"  C  N R 149 
SSU "O4'"  O  N N 150 
SSU "C4'"  C  N R 151 
SSU "C5'"  C  N N 152 
SSU "O5'"  O  N N 153 
SSU P      P  N N 154 
SSU S1P    S  N N 155 
SSU OP2    O  N N 156 
SSU OP3    O  N N 157 
SSU "C3'"  C  N S 158 
SSU "O3'"  O  N N 159 
SSU N1     N  N N 160 
SSU C6     C  N N 161 
SSU C5     C  N N 162 
SSU C4     C  N N 163 
SSU O4     O  N N 164 
SSU N3     N  N N 165 
SSU C2     C  N N 166 
SSU O2     O  N N 167 
SSU "HO2'" H  N N 168 
SSU "H2'"  H  N N 169 
SSU "H1'"  H  N N 170 
SSU "H4'"  H  N N 171 
SSU "H5'"  H  N N 172 
SSU "H5''" H  N N 173 
SSU H2P    H  N N 174 
SSU H3P    H  N N 175 
SSU "H3'"  H  N N 176 
SSU "HO3'" H  N N 177 
SSU H6     H  N N 178 
SSU H5     H  N N 179 
SSU H3     H  N N 180 
U   OP3    O  N N 181 
U   P      P  N N 182 
U   OP1    O  N N 183 
U   OP2    O  N N 184 
U   "O5'"  O  N N 185 
U   "C5'"  C  N N 186 
U   "C4'"  C  N R 187 
U   "O4'"  O  N N 188 
U   "C3'"  C  N S 189 
U   "O3'"  O  N N 190 
U   "C2'"  C  N R 191 
U   "O2'"  O  N N 192 
U   "C1'"  C  N R 193 
U   N1     N  N N 194 
U   C2     C  N N 195 
U   O2     O  N N 196 
U   N3     N  N N 197 
U   C4     C  N N 198 
U   O4     O  N N 199 
U   C5     C  N N 200 
U   C6     C  N N 201 
U   HOP3   H  N N 202 
U   HOP2   H  N N 203 
U   "H5'"  H  N N 204 
U   "H5''" H  N N 205 
U   "H4'"  H  N N 206 
U   "H3'"  H  N N 207 
U   "HO3'" H  N N 208 
U   "H2'"  H  N N 209 
U   "HO2'" H  N N 210 
U   "H1'"  H  N N 211 
U   H3     H  N N 212 
U   H5     H  N N 213 
U   H6     H  N N 214 
# 
loop_
_chem_comp_bond.comp_id 
_chem_comp_bond.atom_id_1 
_chem_comp_bond.atom_id_2 
_chem_comp_bond.value_order 
_chem_comp_bond.pdbx_aromatic_flag 
_chem_comp_bond.pdbx_stereo_config 
_chem_comp_bond.pdbx_ordinal 
A   OP3   P      sing N N 1   
A   OP3   HOP3   sing N N 2   
A   P     OP1    doub N N 3   
A   P     OP2    sing N N 4   
A   P     "O5'"  sing N N 5   
A   OP2   HOP2   sing N N 6   
A   "O5'" "C5'"  sing N N 7   
A   "C5'" "C4'"  sing N N 8   
A   "C5'" "H5'"  sing N N 9   
A   "C5'" "H5''" sing N N 10  
A   "C4'" "O4'"  sing N N 11  
A   "C4'" "C3'"  sing N N 12  
A   "C4'" "H4'"  sing N N 13  
A   "O4'" "C1'"  sing N N 14  
A   "C3'" "O3'"  sing N N 15  
A   "C3'" "C2'"  sing N N 16  
A   "C3'" "H3'"  sing N N 17  
A   "O3'" "HO3'" sing N N 18  
A   "C2'" "O2'"  sing N N 19  
A   "C2'" "C1'"  sing N N 20  
A   "C2'" "H2'"  sing N N 21  
A   "O2'" "HO2'" sing N N 22  
A   "C1'" N9     sing N N 23  
A   "C1'" "H1'"  sing N N 24  
A   N9    C8     sing Y N 25  
A   N9    C4     sing Y N 26  
A   C8    N7     doub Y N 27  
A   C8    H8     sing N N 28  
A   N7    C5     sing Y N 29  
A   C5    C6     sing Y N 30  
A   C5    C4     doub Y N 31  
A   C6    N6     sing N N 32  
A   C6    N1     doub Y N 33  
A   N6    H61    sing N N 34  
A   N6    H62    sing N N 35  
A   N1    C2     sing Y N 36  
A   C2    N3     doub Y N 37  
A   C2    H2     sing N N 38  
A   N3    C4     sing Y N 39  
C   OP3   P      sing N N 40  
C   OP3   HOP3   sing N N 41  
C   P     OP1    doub N N 42  
C   P     OP2    sing N N 43  
C   P     "O5'"  sing N N 44  
C   OP2   HOP2   sing N N 45  
C   "O5'" "C5'"  sing N N 46  
C   "C5'" "C4'"  sing N N 47  
C   "C5'" "H5'"  sing N N 48  
C   "C5'" "H5''" sing N N 49  
C   "C4'" "O4'"  sing N N 50  
C   "C4'" "C3'"  sing N N 51  
C   "C4'" "H4'"  sing N N 52  
C   "O4'" "C1'"  sing N N 53  
C   "C3'" "O3'"  sing N N 54  
C   "C3'" "C2'"  sing N N 55  
C   "C3'" "H3'"  sing N N 56  
C   "O3'" "HO3'" sing N N 57  
C   "C2'" "O2'"  sing N N 58  
C   "C2'" "C1'"  sing N N 59  
C   "C2'" "H2'"  sing N N 60  
C   "O2'" "HO2'" sing N N 61  
C   "C1'" N1     sing N N 62  
C   "C1'" "H1'"  sing N N 63  
C   N1    C2     sing N N 64  
C   N1    C6     sing N N 65  
C   C2    O2     doub N N 66  
C   C2    N3     sing N N 67  
C   N3    C4     doub N N 68  
C   C4    N4     sing N N 69  
C   C4    C5     sing N N 70  
C   N4    H41    sing N N 71  
C   N4    H42    sing N N 72  
C   C5    C6     doub N N 73  
C   C5    H5     sing N N 74  
C   C6    H6     sing N N 75  
DC  OP3   P      sing N N 76  
DC  OP3   HOP3   sing N N 77  
DC  P     OP1    doub N N 78  
DC  P     OP2    sing N N 79  
DC  P     "O5'"  sing N N 80  
DC  OP2   HOP2   sing N N 81  
DC  "O5'" "C5'"  sing N N 82  
DC  "C5'" "C4'"  sing N N 83  
DC  "C5'" "H5'"  sing N N 84  
DC  "C5'" "H5''" sing N N 85  
DC  "C4'" "O4'"  sing N N 86  
DC  "C4'" "C3'"  sing N N 87  
DC  "C4'" "H4'"  sing N N 88  
DC  "O4'" "C1'"  sing N N 89  
DC  "C3'" "O3'"  sing N N 90  
DC  "C3'" "C2'"  sing N N 91  
DC  "C3'" "H3'"  sing N N 92  
DC  "O3'" "HO3'" sing N N 93  
DC  "C2'" "C1'"  sing N N 94  
DC  "C2'" "H2'"  sing N N 95  
DC  "C2'" "H2''" sing N N 96  
DC  "C1'" N1     sing N N 97  
DC  "C1'" "H1'"  sing N N 98  
DC  N1    C2     sing N N 99  
DC  N1    C6     sing N N 100 
DC  C2    O2     doub N N 101 
DC  C2    N3     sing N N 102 
DC  N3    C4     doub N N 103 
DC  C4    N4     sing N N 104 
DC  C4    C5     sing N N 105 
DC  N4    H41    sing N N 106 
DC  N4    H42    sing N N 107 
DC  C5    C6     doub N N 108 
DC  C5    H5     sing N N 109 
DC  C6    H6     sing N N 110 
G   OP3   P      sing N N 111 
G   OP3   HOP3   sing N N 112 
G   P     OP1    doub N N 113 
G   P     OP2    sing N N 114 
G   P     "O5'"  sing N N 115 
G   OP2   HOP2   sing N N 116 
G   "O5'" "C5'"  sing N N 117 
G   "C5'" "C4'"  sing N N 118 
G   "C5'" "H5'"  sing N N 119 
G   "C5'" "H5''" sing N N 120 
G   "C4'" "O4'"  sing N N 121 
G   "C4'" "C3'"  sing N N 122 
G   "C4'" "H4'"  sing N N 123 
G   "O4'" "C1'"  sing N N 124 
G   "C3'" "O3'"  sing N N 125 
G   "C3'" "C2'"  sing N N 126 
G   "C3'" "H3'"  sing N N 127 
G   "O3'" "HO3'" sing N N 128 
G   "C2'" "O2'"  sing N N 129 
G   "C2'" "C1'"  sing N N 130 
G   "C2'" "H2'"  sing N N 131 
G   "O2'" "HO2'" sing N N 132 
G   "C1'" N9     sing N N 133 
G   "C1'" "H1'"  sing N N 134 
G   N9    C8     sing Y N 135 
G   N9    C4     sing Y N 136 
G   C8    N7     doub Y N 137 
G   C8    H8     sing N N 138 
G   N7    C5     sing Y N 139 
G   C5    C6     sing N N 140 
G   C5    C4     doub Y N 141 
G   C6    O6     doub N N 142 
G   C6    N1     sing N N 143 
G   N1    C2     sing N N 144 
G   N1    H1     sing N N 145 
G   C2    N2     sing N N 146 
G   C2    N3     doub N N 147 
G   N2    H21    sing N N 148 
G   N2    H22    sing N N 149 
G   N3    C4     sing N N 150 
SSU "O2'" "C2'"  sing N N 151 
SSU "O2'" "HO2'" sing N N 152 
SSU "C2'" "C1'"  sing N N 153 
SSU "C2'" "C3'"  sing N N 154 
SSU "C2'" "H2'"  sing N N 155 
SSU "C1'" "O4'"  sing N N 156 
SSU "C1'" N1     sing N N 157 
SSU "C1'" "H1'"  sing N N 158 
SSU "O4'" "C4'"  sing N N 159 
SSU "C4'" "C5'"  sing N N 160 
SSU "C4'" "C3'"  sing N N 161 
SSU "C4'" "H4'"  sing N N 162 
SSU "C5'" "O5'"  sing N N 163 
SSU "C5'" "H5'"  sing N N 164 
SSU "C5'" "H5''" sing N N 165 
SSU "O5'" P      sing N N 166 
SSU P     S1P    doub N N 167 
SSU P     OP2    sing N N 168 
SSU P     OP3    sing N N 169 
SSU OP2   H2P    sing N N 170 
SSU OP3   H3P    sing N N 171 
SSU "C3'" "O3'"  sing N N 172 
SSU "C3'" "H3'"  sing N N 173 
SSU "O3'" "HO3'" sing N N 174 
SSU N1    C6     sing N N 175 
SSU N1    C2     sing N N 176 
SSU C6    C5     doub N N 177 
SSU C6    H6     sing N N 178 
SSU C5    C4     sing N N 179 
SSU C5    H5     sing N N 180 
SSU C4    O4     doub N N 181 
SSU C4    N3     sing N N 182 
SSU N3    C2     sing N N 183 
SSU N3    H3     sing N N 184 
SSU C2    O2     doub N N 185 
U   OP3   P      sing N N 186 
U   OP3   HOP3   sing N N 187 
U   P     OP1    doub N N 188 
U   P     OP2    sing N N 189 
U   P     "O5'"  sing N N 190 
U   OP2   HOP2   sing N N 191 
U   "O5'" "C5'"  sing N N 192 
U   "C5'" "C4'"  sing N N 193 
U   "C5'" "H5'"  sing N N 194 
U   "C5'" "H5''" sing N N 195 
U   "C4'" "O4'"  sing N N 196 
U   "C4'" "C3'"  sing N N 197 
U   "C4'" "H4'"  sing N N 198 
U   "O4'" "C1'"  sing N N 199 
U   "C3'" "O3'"  sing N N 200 
U   "C3'" "C2'"  sing N N 201 
U   "C3'" "H3'"  sing N N 202 
U   "O3'" "HO3'" sing N N 203 
U   "C2'" "O2'"  sing N N 204 
U   "C2'" "C1'"  sing N N 205 
U   "C2'" "H2'"  sing N N 206 
U   "O2'" "HO2'" sing N N 207 
U   "C1'" N1     sing N N 208 
U   "C1'" "H1'"  sing N N 209 
U   N1    C2     sing N N 210 
U   N1    C6     sing N N 211 
U   C2    O2     doub N N 212 
U   C2    N3     sing N N 213 
U   N3    C4     sing N N 214 
U   N3    H3     sing N N 215 
U   C4    O4     doub N N 216 
U   C4    C5     sing N N 217 
U   C5    C6     doub N N 218 
U   C5    H5     sing N N 219 
U   C6    H6     sing N N 220 
# 
loop_
_ndb_struct_conf_na.entry_id 
_ndb_struct_conf_na.feature 
357D 'double helix'         
357D 'a-form double helix'  
357D 'bulge loop'           
357D 'mismatched base pair' 
# 
loop_
_ndb_struct_na_base_pair.model_number 
_ndb_struct_na_base_pair.i_label_asym_id 
_ndb_struct_na_base_pair.i_label_comp_id 
_ndb_struct_na_base_pair.i_label_seq_id 
_ndb_struct_na_base_pair.i_symmetry 
_ndb_struct_na_base_pair.j_label_asym_id 
_ndb_struct_na_base_pair.j_label_comp_id 
_ndb_struct_na_base_pair.j_label_seq_id 
_ndb_struct_na_base_pair.j_symmetry 
_ndb_struct_na_base_pair.shear 
_ndb_struct_na_base_pair.stretch 
_ndb_struct_na_base_pair.stagger 
_ndb_struct_na_base_pair.buckle 
_ndb_struct_na_base_pair.propeller 
_ndb_struct_na_base_pair.opening 
_ndb_struct_na_base_pair.pair_number 
_ndb_struct_na_base_pair.pair_name 
_ndb_struct_na_base_pair.i_auth_asym_id 
_ndb_struct_na_base_pair.i_auth_seq_id 
_ndb_struct_na_base_pair.i_PDB_ins_code 
_ndb_struct_na_base_pair.j_auth_asym_id 
_ndb_struct_na_base_pair.j_auth_seq_id 
_ndb_struct_na_base_pair.j_PDB_ins_code 
_ndb_struct_na_base_pair.hbond_type_28 
_ndb_struct_na_base_pair.hbond_type_12 
1 A U   1  1_555 C A 30 1_555 -0.424 -0.280 -0.564 -9.419  -15.173 10.276  1  A_U1:A119_C   A 1  ? C 119 ? 20 1  
1 A G   2  1_555 C C 29 1_555 0.359  -0.142 -0.160 5.929   7.742   0.526   2  A_G2:C118_C   A 2  ? C 118 ? 19 1  
1 A C   3  1_555 C G 28 1_555 0.329  -0.419 -0.584 16.218  -11.404 -3.280  3  A_C3:G117_C   A 3  ? C 117 ? 19 1  
1 A DC  4  1_555 C G 27 1_555 0.190  -0.068 0.137  -3.936  11.959  5.739   4  A_DC4:G116_C  A 4  ? C 116 ? 19 1  
1 A SSU 5  1_555 C A 26 1_555 0.028  -0.059 -0.740 8.022   -28.098 7.951   5  A_SSU5:A115_C A 5  ? C 115 ? 20 1  
1 A G   6  1_555 C C 25 1_555 0.205  -0.059 -0.328 -3.066  -13.431 -0.815  6  A_G6:C114_C   A 6  ? C 114 ? 19 1  
1 A G   7  1_555 C C 24 1_555 -0.536 -0.050 -0.152 4.079   13.606  5.153   7  A_G7:C113_C   A 7  ? C 113 ? 19 1  
1 A C   8  1_555 C G 23 1_555 -0.041 -0.347 -1.169 0.586   8.787   -8.732  8  A_C8:G112_C   A 8  ? C 112 ? 19 1  
1 A G   9  1_555 C U 22 1_555 -1.858 -0.516 1.127  4.771   1.253   -18.562 9  A_G9:U111_C   A 9  ? C 111 ? 28 ?  
1 A G   10 1_555 C C 21 1_555 -0.135 -0.154 0.334  -4.021  -16.698 -3.115  10 A_G10:C110_C  A 10 ? C 110 ? 19 1  
1 A C   11 1_555 C A 20 1_555 2.689  -3.272 1.224  -20.556 2.289   -95.474 11 A_C11:A109_C  A 11 ? C 109 ? ?  ?  
1 B C   1  1_555 C G 17 1_555 0.340  -0.043 0.398  -4.289  3.101   -2.990  12 B_C70:G106_C  B 70 ? C 106 ? 19 1  
1 B C   2  1_555 C G 16 1_555 0.271  -0.242 0.242  -3.242  3.594   1.446   13 B_C71:G105_C  B 71 ? C 105 ? 19 1  
1 B G   3  1_555 C A 15 1_555 7.049  -4.307 -0.487 -6.572  -6.558  -4.881  14 B_G72:A104_C  B 72 ? C 104 ? 11 10 
1 B U   5  1_555 C G 13 1_555 -3.390 1.313  -0.845 -2.323  24.874  -86.588 15 B_U74:G102_C  B 74 ? C 102 ? ?  ?  
1 B G   7  1_555 C A 12 1_555 2.328  0.999  1.173  20.226  16.292  -21.710 16 B_G76:A101_C  B 76 ? C 101 ? ?  ?  
1 B U   8  1_555 C G 11 1_555 3.809  -1.310 -0.687 32.387  -19.859 -38.363 17 B_U77:G100_C  B 77 ? C 100 ? ?  ?  
1 B A   9  1_555 C G 9  1_555 -6.548 -3.895 0.655  -0.610  15.403  -5.768  18 B_A78:G98_C   B 78 ? C 98  ? 11 10 
1 B G   10 1_555 C C 8  1_555 0.099  -0.344 0.143  7.400   34.735  5.401   19 B_G79:C97_C   B 79 ? C 97  ? 19 1  
1 B U   11 1_555 C G 7  1_555 3.233  -0.714 -0.042 4.993   22.876  4.730   20 B_U80:G96_C   B 80 ? C 96  ? 28 ?  
1 B G   12 1_555 C U 6  1_555 -1.671 -0.334 -0.041 -3.406  -2.996  -0.418  21 B_G81:U95_C   B 81 ? C 95  ? 28 1  
1 B U   13 1_555 C A 5  1_555 -0.342 0.019  -0.583 5.307   -13.162 8.134   22 B_U82:A94_C   B 82 ? C 94  ? 20 1  
1 B G   14 1_555 C C 4  1_555 -0.510 -0.402 -0.879 -12.183 -16.178 -1.082  23 B_G83:C93_C   B 83 ? C 93  ? 19 1  
1 B G   15 1_555 C C 3  1_555 -0.559 -0.294 -0.261 6.098   4.174   -5.300  24 B_G84:C92_C   B 84 ? C 92  ? 19 1  
1 B G   16 1_555 C C 2  1_555 -0.510 -0.198 0.415  7.792   -8.519  -5.575  25 B_G85:C91_C   B 85 ? C 91  ? 19 1  
1 B G   17 1_555 C C 1  1_555 0.091  0.178  -0.432 -9.693  -7.692  3.611   26 B_G86:C90_C   B 86 ? C 90  ? 19 1  
# 
loop_
_ndb_struct_na_base_pair_step.model_number 
_ndb_struct_na_base_pair_step.i_label_asym_id_1 
_ndb_struct_na_base_pair_step.i_label_comp_id_1 
_ndb_struct_na_base_pair_step.i_label_seq_id_1 
_ndb_struct_na_base_pair_step.i_symmetry_1 
_ndb_struct_na_base_pair_step.j_label_asym_id_1 
_ndb_struct_na_base_pair_step.j_label_comp_id_1 
_ndb_struct_na_base_pair_step.j_label_seq_id_1 
_ndb_struct_na_base_pair_step.j_symmetry_1 
_ndb_struct_na_base_pair_step.i_label_asym_id_2 
_ndb_struct_na_base_pair_step.i_label_comp_id_2 
_ndb_struct_na_base_pair_step.i_label_seq_id_2 
_ndb_struct_na_base_pair_step.i_symmetry_2 
_ndb_struct_na_base_pair_step.j_label_asym_id_2 
_ndb_struct_na_base_pair_step.j_label_comp_id_2 
_ndb_struct_na_base_pair_step.j_label_seq_id_2 
_ndb_struct_na_base_pair_step.j_symmetry_2 
_ndb_struct_na_base_pair_step.shift 
_ndb_struct_na_base_pair_step.slide 
_ndb_struct_na_base_pair_step.rise 
_ndb_struct_na_base_pair_step.tilt 
_ndb_struct_na_base_pair_step.roll 
_ndb_struct_na_base_pair_step.twist 
_ndb_struct_na_base_pair_step.x_displacement 
_ndb_struct_na_base_pair_step.y_displacement 
_ndb_struct_na_base_pair_step.helical_rise 
_ndb_struct_na_base_pair_step.inclination 
_ndb_struct_na_base_pair_step.tip 
_ndb_struct_na_base_pair_step.helical_twist 
_ndb_struct_na_base_pair_step.step_number 
_ndb_struct_na_base_pair_step.step_name 
_ndb_struct_na_base_pair_step.i_auth_asym_id_1 
_ndb_struct_na_base_pair_step.i_auth_seq_id_1 
_ndb_struct_na_base_pair_step.i_PDB_ins_code_1 
_ndb_struct_na_base_pair_step.j_auth_asym_id_1 
_ndb_struct_na_base_pair_step.j_auth_seq_id_1 
_ndb_struct_na_base_pair_step.j_PDB_ins_code_1 
_ndb_struct_na_base_pair_step.i_auth_asym_id_2 
_ndb_struct_na_base_pair_step.i_auth_seq_id_2 
_ndb_struct_na_base_pair_step.i_PDB_ins_code_2 
_ndb_struct_na_base_pair_step.j_auth_asym_id_2 
_ndb_struct_na_base_pair_step.j_auth_seq_id_2 
_ndb_struct_na_base_pair_step.j_PDB_ins_code_2 
1 A U   1  1_555 C A 30 1_555 A G   2  1_555 C C 29 1_555 -0.174 -1.882 3.534 -11.693 -6.697  18.635  -1.908  -4.487 3.507 -17.949 
31.340  22.962  1  AA_U1G2:C118A119_CC    A 1  ? C 119 ? A 2  ? C 118 ? 
1 A G   2  1_555 C C 29 1_555 A C   3  1_555 C G 28 1_555 -1.245 -2.271 2.872 1.204   1.195   28.651  -4.813  2.744  2.724 2.413   
-2.430  28.701  2  AA_G2C3:G117C118_CC    A 2  ? C 118 ? A 3  ? C 117 ? 
1 A C   3  1_555 C G 28 1_555 A DC  4  1_555 C G 27 1_555 -0.320 -2.628 3.653 -9.336  14.740  29.832  -6.631  -0.849 2.161 26.020  
16.481  34.460  3  AA_C3DC4:G116G117_CC   A 3  ? C 117 ? A 4  ? C 116 ? 
1 A DC  4  1_555 C G 27 1_555 A SSU 5  1_555 C A 26 1_555 -0.168 -1.292 2.877 11.360  9.267   34.520  -3.021  1.496  2.302 14.817  
-18.163 37.417  4  AA_DC4SSU5:A115G116_CC A 4  ? C 116 ? A 5  ? C 115 ? 
1 A SSU 5  1_555 C A 26 1_555 A G   6  1_555 C C 25 1_555 -0.286 -0.848 3.631 -5.516  14.164  32.729  -3.529  -0.378 3.029 23.613  
9.197   35.999  5  AA_SSU5G6:C114A115_CC  A 5  ? C 115 ? A 6  ? C 114 ? 
1 A G   6  1_555 C C 25 1_555 A G   7  1_555 C C 24 1_555 0.067  -1.682 2.812 -5.185  10.535  24.901  -5.502  -1.107 1.905 22.878  
11.260  27.491  6  AA_G6G7:C113C114_CC    A 6  ? C 114 ? A 7  ? C 113 ? 
1 A G   7  1_555 C C 24 1_555 A C   8  1_555 C G 23 1_555 -0.092 -2.088 3.431 8.011   5.059   34.784  -4.099  1.291  3.014 8.274   
-13.101 36.013  7  AA_G7C8:G112C113_CC    A 7  ? C 113 ? A 8  ? C 112 ? 
1 A C   8  1_555 C G 23 1_555 A G   9  1_555 C U 22 1_555 0.181  -3.495 3.279 -9.545  -8.277  14.238  -5.214  -6.733 3.884 -27.369 
31.558  19.013  8  AA_C8G9:U111G112_CC    A 8  ? C 112 ? A 9  ? C 111 ? 
1 A G   9  1_555 C U 22 1_555 A G   10 1_555 C C 21 1_555 0.792  -2.209 3.207 4.447   9.821   39.393  -4.161  -0.687 2.674 14.248  
-6.452  40.785  9  AA_G9G10:C110U111_CC   A 9  ? C 111 ? A 10 ? C 110 ? 
1 A G   10 1_555 C C 21 1_555 A C   11 1_555 C A 20 1_555 1.126  -1.257 3.317 8.781   3.097   115.652 -0.775  -0.570 3.346 1.828   
-5.183  115.890 10 AA_G10C11:A109C110_CC  A 10 ? C 110 ? A 11 ? C 109 ? 
1 B C   1  1_555 C G 17 1_555 B C   2  1_555 C G 16 1_555 -0.799 -3.105 2.784 -0.553  1.984   29.734  -6.378  1.459  2.590 3.860   
1.075   29.804  11 BB_C70C71:G105G106_CC  B 70 ? C 106 ? B 71 ? C 105 ? 
1 B C   2  1_555 C G 16 1_555 B G   3  1_555 C A 15 1_555 -0.638 -0.994 3.706 5.462   -1.317  61.102  -0.904  0.916  3.661 -1.293  
-5.361  61.335  12 BB_C71G72:A104G105_CC  B 71 ? C 105 ? B 72 ? C 104 ? 
1 B U   5  1_555 C G 13 1_555 B G   7  1_555 C A 12 1_555 1.351  -2.814 4.948 3.690   -21.092 68.313  -1.221  -0.951 5.566 -18.332 
-3.207  71.200  13 BB_U74G76:A101G102_CC  B 74 ? C 102 ? B 76 ? C 101 ? 
1 B G   7  1_555 C A 12 1_555 B U   8  1_555 C G 11 1_555 0.511  -0.704 2.888 24.396  15.480  37.055  -2.062  1.205  2.349 20.913  
-32.957 46.674  14 BB_G76U77:G100A101_CC  B 76 ? C 101 ? B 77 ? C 100 ? 
1 B A   9  1_555 C G 9  1_555 B G   10 1_555 C C 8  1_555 0.473  -1.424 2.491 -2.750  8.543   58.624  -1.758  -0.580 2.260 8.669   
2.790   59.247  15 BB_A78G79:C97G98_CC    B 78 ? C 98  ? B 79 ? C 97  ? 
1 B G   10 1_555 C C 8  1_555 B U   11 1_555 C G 7  1_555 -0.763 -2.672 3.215 1.600   -0.829  39.765  -3.830  1.304  3.236 -1.218  
-2.350  39.804  16 BB_G79U80:G96C97_CC    B 79 ? C 97  ? B 80 ? C 96  ? 
1 B U   11 1_555 C G 7  1_555 B G   12 1_555 C U 6  1_555 -0.640 -3.435 3.262 1.357   2.727   8.458   -27.090 6.658  1.933 17.753  
-8.831  8.989   17 BB_U80G81:U95G96_CC    B 80 ? C 96  ? B 81 ? C 95  ? 
1 B G   12 1_555 C U 6  1_555 B U   13 1_555 C A 5  1_555 0.247  -1.467 3.237 4.746   4.057   34.788  -2.998  0.274  3.058 6.719   
-7.860  35.327  18 BB_G81U82:A94U95_CC    B 81 ? C 95  ? B 82 ? C 94  ? 
1 B U   13 1_555 C A 5  1_555 B G   14 1_555 C C 4  1_555 -1.030 -1.256 4.086 -0.566  9.226   23.544  -6.050  2.160  3.381 21.574  
1.324   25.270  19 BB_U82G83:C93A94_CC    B 82 ? C 94  ? B 83 ? C 93  ? 
1 B G   14 1_555 C C 4  1_555 B G   15 1_555 C C 3  1_555 0.131  -2.037 2.729 -8.189  8.214   40.974  -3.452  -0.823 2.233 11.460  
11.426  42.516  20 BB_G83G84:C92C93_CC    B 83 ? C 93  ? B 84 ? C 92  ? 
1 B G   15 1_555 C C 3  1_555 B G   16 1_555 C C 2  1_555 0.660  -2.071 3.125 -3.354  -3.811  24.810  -3.631  -2.469 3.284 -8.753  
7.704   25.316  21 BB_G84G85:C91C92_CC    B 84 ? C 92  ? B 85 ? C 91  ? 
1 B G   16 1_555 C C 2  1_555 B G   17 1_555 C C 1  1_555 0.303  -2.536 3.688 15.389  7.266   32.708  -5.086  1.776  2.929 11.947  
-25.306 36.763  22 BB_G85G86:C90C91_CC    B 85 ? C 91  ? B 86 ? C 90  ? 
# 
_atom_sites.entry_id                    357D 
_atom_sites.fract_transf_matrix[1][1]   0.00877354 
_atom_sites.fract_transf_matrix[1][2]   -0.01715028 
_atom_sites.fract_transf_matrix[1][3]   0.00402942 
_atom_sites.fract_transf_matrix[2][1]   0.00137454 
_atom_sites.fract_transf_matrix[2][2]   -0.01385754 
_atom_sites.fract_transf_matrix[2][3]   -0.01390759 
_atom_sites.fract_transf_matrix[3][1]   0.00352674 
_atom_sites.fract_transf_matrix[3][2]   0.00152829 
_atom_sites.fract_transf_matrix[3][3]   -0.00117423 
_atom_sites.fract_transf_vector[1]      0.185898 
_atom_sites.fract_transf_vector[2]      0.549257 
_atom_sites.fract_transf_vector[3]      0.133667 
# 
loop_
_atom_type.symbol 
C  
HG 
MG 
N  
O  
P  
S  
# 
loop_
_atom_site.group_PDB 
_atom_site.id 
_atom_site.type_symbol 
_atom_site.label_atom_id 
_atom_site.label_alt_id 
_atom_site.label_comp_id 
_atom_site.label_asym_id 
_atom_site.label_entity_id 
_atom_site.label_seq_id 
_atom_site.pdbx_PDB_ins_code 
_atom_site.Cartn_x 
_atom_site.Cartn_y 
_atom_site.Cartn_z 
_atom_site.occupancy 
_atom_site.B_iso_or_equiv 
_atom_site.pdbx_formal_charge 
_atom_site.auth_seq_id 
_atom_site.auth_comp_id 
_atom_site.auth_asym_id 
_atom_site.auth_atom_id 
_atom_site.pdbx_PDB_model_num 
ATOM   1    O  "O5'" . U   A 1 1  ? 18.926  32.724  13.500  1.00 122.18 ? 1   U   A "O5'" 1 
ATOM   2    C  "C5'" . U   A 1 1  ? 18.369  33.983  13.900  1.00 121.72 ? 1   U   A "C5'" 1 
ATOM   3    C  "C4'" . U   A 1 1  ? 17.043  33.749  14.576  1.00 121.17 ? 1   U   A "C4'" 1 
ATOM   4    O  "O4'" . U   A 1 1  ? 16.442  35.028  14.917  1.00 121.29 ? 1   U   A "O4'" 1 
ATOM   5    C  "C3'" . U   A 1 1  ? 15.995  33.076  13.710  1.00 121.21 ? 1   U   A "C3'" 1 
ATOM   6    O  "O3'" . U   A 1 1  ? 16.092  31.667  13.635  1.00 121.41 ? 1   U   A "O3'" 1 
ATOM   7    C  "C2'" . U   A 1 1  ? 14.696  33.517  14.361  1.00 121.22 ? 1   U   A "C2'" 1 
ATOM   8    O  "O2'" . U   A 1 1  ? 14.394  32.722  15.498  1.00 120.65 ? 1   U   A "O2'" 1 
ATOM   9    C  "C1'" . U   A 1 1  ? 15.029  34.961  14.752  1.00 121.44 ? 1   U   A "C1'" 1 
ATOM   10   N  N1    . U   A 1 1  ? 14.650  35.891  13.672  1.00 121.73 ? 1   U   A N1    1 
ATOM   11   C  C2    . U   A 1 1  ? 13.557  36.754  13.857  1.00 121.72 ? 1   U   A C2    1 
ATOM   12   O  O2    . U   A 1 1  ? 12.884  36.795  14.881  1.00 121.60 ? 1   U   A O2    1 
ATOM   13   N  N3    . U   A 1 1  ? 13.285  37.567  12.783  1.00 122.43 ? 1   U   A N3    1 
ATOM   14   C  C4    . U   A 1 1  ? 13.968  37.618  11.568  1.00 123.25 ? 1   U   A C4    1 
ATOM   15   O  O4    . U   A 1 1  ? 13.594  38.404  10.682  1.00 124.39 ? 1   U   A O4    1 
ATOM   16   C  C5    . U   A 1 1  ? 15.074  36.707  11.465  1.00 123.11 ? 1   U   A C5    1 
ATOM   17   C  C6    . U   A 1 1  ? 15.369  35.900  12.489  1.00 122.41 ? 1   U   A C6    1 
ATOM   18   P  P     . G   A 1 2  ? 14.981  30.861  12.792  1.00 121.64 ? 2   G   A P     1 
ATOM   19   O  OP1   . G   A 1 2  ? 15.422  29.439  12.635  1.00 122.05 ? 2   G   A OP1   1 
ATOM   20   O  OP2   . G   A 1 2  ? 14.642  31.668  11.566  1.00 121.09 ? 2   G   A OP2   1 
ATOM   21   O  "O5'" . G   A 1 2  ? 13.725  30.900  13.779  1.00 119.80 ? 2   G   A "O5'" 1 
ATOM   22   C  "C5'" . G   A 1 2  ? 12.381  30.815  13.276  1.00 117.38 ? 2   G   A "C5'" 1 
ATOM   23   C  "C4'" . G   A 1 2  ? 11.462  31.690  14.095  1.00 115.67 ? 2   G   A "C4'" 1 
ATOM   24   O  "O4'" . G   A 1 2  ? 11.847  33.086  13.952  1.00 115.44 ? 2   G   A "O4'" 1 
ATOM   25   C  "C3'" . G   A 1 2  ? 10.005  31.651  13.665  1.00 114.39 ? 2   G   A "C3'" 1 
ATOM   26   O  "O3'" . G   A 1 2  ? 9.369   30.528  14.284  1.00 113.04 ? 2   G   A "O3'" 1 
ATOM   27   C  "C2'" . G   A 1 2  ? 9.469   32.998  14.153  1.00 114.24 ? 2   G   A "C2'" 1 
ATOM   28   O  "O2'" . G   A 1 2  ? 9.065   32.998  15.507  1.00 114.08 ? 2   G   A "O2'" 1 
ATOM   29   C  "C1'" . G   A 1 2  ? 10.690  33.908  13.970  1.00 114.70 ? 2   G   A "C1'" 1 
ATOM   30   N  N9    . G   A 1 2  ? 10.660  34.699  12.743  1.00 114.75 ? 2   G   A N9    1 
ATOM   31   C  C8    . G   A 1 2  ? 11.561  34.665  11.704  1.00 114.67 ? 2   G   A C8    1 
ATOM   32   N  N7    . G   A 1 2  ? 11.254  35.487  10.734  1.00 115.18 ? 2   G   A N7    1 
ATOM   33   C  C5    . G   A 1 2  ? 10.084  36.103  11.161  1.00 115.10 ? 2   G   A C5    1 
ATOM   34   C  C6    . G   A 1 2  ? 9.272   37.100  10.531  1.00 114.66 ? 2   G   A C6    1 
ATOM   35   O  O6    . G   A 1 2  ? 9.428   37.650  9.434   1.00 114.80 ? 2   G   A O6    1 
ATOM   36   N  N1    . G   A 1 2  ? 8.182   37.440  11.321  1.00 114.80 ? 2   G   A N1    1 
ATOM   37   C  C2    . G   A 1 2  ? 7.902   36.903  12.555  1.00 115.43 ? 2   G   A C2    1 
ATOM   38   N  N2    . G   A 1 2  ? 6.809   37.368  13.171  1.00 115.88 ? 2   G   A N2    1 
ATOM   39   N  N3    . G   A 1 2  ? 8.643   35.978  13.148  1.00 115.28 ? 2   G   A N3    1 
ATOM   40   C  C4    . G   A 1 2  ? 9.708   35.629  12.401  1.00 115.03 ? 2   G   A C4    1 
ATOM   41   P  P     . C   A 1 3  ? 7.969   29.964  13.709  1.00 112.16 ? 3   C   A P     1 
ATOM   42   O  OP1   . C   A 1 3  ? 7.929   28.477  13.881  1.00 112.09 ? 3   C   A OP1   1 
ATOM   43   O  OP2   . C   A 1 3  ? 7.752   30.560  12.349  1.00 112.40 ? 3   C   A OP2   1 
ATOM   44   O  "O5'" . C   A 1 3  ? 6.890   30.572  14.709  1.00 110.22 ? 3   C   A "O5'" 1 
ATOM   45   C  "C5'" . C   A 1 3  ? 5.508   30.537  14.387  1.00 107.09 ? 3   C   A "C5'" 1 
ATOM   46   C  "C4'" . C   A 1 3  ? 4.838   31.794  14.862  1.00 105.28 ? 3   C   A "C4'" 1 
ATOM   47   O  "O4'" . C   A 1 3  ? 5.685   32.945  14.658  1.00 103.46 ? 3   C   A "O4'" 1 
ATOM   48   C  "C3'" . C   A 1 3  ? 3.573   32.104  14.101  1.00 104.12 ? 3   C   A "C3'" 1 
ATOM   49   O  "O3'" . C   A 1 3  ? 2.548   31.358  14.683  1.00 104.76 ? 3   C   A "O3'" 1 
ATOM   50   C  "C2'" . C   A 1 3  ? 3.423   33.605  14.263  1.00 103.28 ? 3   C   A "C2'" 1 
ATOM   51   O  "O2'" . C   A 1 3  ? 2.766   33.996  15.451  1.00 102.45 ? 3   C   A "O2'" 1 
ATOM   52   C  "C1'" . C   A 1 3  ? 4.889   34.047  14.259  1.00 102.70 ? 3   C   A "C1'" 1 
ATOM   53   N  N1    . C   A 1 3  ? 5.338   34.436  12.922  1.00 101.68 ? 3   C   A N1    1 
ATOM   54   C  C2    . C   A 1 3  ? 4.707   35.504  12.285  1.00 100.93 ? 3   C   A C2    1 
ATOM   55   O  O2    . C   A 1 3  ? 3.775   36.092  12.875  1.00 101.13 ? 3   C   A O2    1 
ATOM   56   N  N3    . C   A 1 3  ? 5.129   35.869  11.051  1.00 100.07 ? 3   C   A N3    1 
ATOM   57   C  C4    . C   A 1 3  ? 6.132   35.207  10.466  1.00 100.00 ? 3   C   A C4    1 
ATOM   58   N  N4    . C   A 1 3  ? 6.524   35.597  9.254   1.00 100.26 ? 3   C   A N4    1 
ATOM   59   C  C5    . C   A 1 3  ? 6.783   34.113  11.098  1.00 100.31 ? 3   C   A C5    1 
ATOM   60   C  C6    . C   A 1 3  ? 6.358   33.764  12.310  1.00 100.64 ? 3   C   A C6    1 
ATOM   61   P  P     . DC  A 1 4  ? 2.013   30.078  13.911  1.00 105.49 ? 4   DC  A P     1 
ATOM   62   O  OP1   . DC  A 1 4  ? 1.484   29.113  14.917  1.00 105.64 ? 4   DC  A OP1   1 
ATOM   63   O  OP2   . DC  A 1 4  ? 3.123   29.668  13.011  1.00 105.36 ? 4   DC  A OP2   1 
ATOM   64   O  "O5'" . DC  A 1 4  ? 0.812   30.709  13.084  1.00 105.64 ? 4   DC  A "O5'" 1 
ATOM   65   C  "C5'" . DC  A 1 4  ? -0.202  31.412  13.801  1.00 106.23 ? 4   DC  A "C5'" 1 
ATOM   66   C  "C4'" . DC  A 1 4  ? -0.952  32.369  12.919  1.00 106.59 ? 4   DC  A "C4'" 1 
ATOM   67   O  "O4'" . DC  A 1 4  ? -0.129  33.520  12.569  1.00 106.48 ? 4   DC  A "O4'" 1 
ATOM   68   C  "C3'" . DC  A 1 4  ? -1.364  31.794  11.577  1.00 106.60 ? 4   DC  A "C3'" 1 
ATOM   69   O  "O3'" . DC  A 1 4  ? -2.530  30.999  11.711  1.00 107.19 ? 4   DC  A "O3'" 1 
ATOM   70   C  "C2'" . DC  A 1 4  ? -1.568  33.046  10.731  1.00 106.49 ? 4   DC  A "C2'" 1 
ATOM   71   C  "C1'" . DC  A 1 4  ? -0.486  33.979  11.276  1.00 106.07 ? 4   DC  A "C1'" 1 
ATOM   72   N  N1    . DC  A 1 4  ? 0.711   34.097  10.418  1.00 106.28 ? 4   DC  A N1    1 
ATOM   73   C  C2    . DC  A 1 4  ? 0.531   34.620  9.127   1.00 106.68 ? 4   DC  A C2    1 
ATOM   74   O  O2    . DC  A 1 4  ? -0.611  34.961  8.782   1.00 107.49 ? 4   DC  A O2    1 
ATOM   75   N  N3    . DC  A 1 4  ? 1.597   34.745  8.293   1.00 106.01 ? 4   DC  A N3    1 
ATOM   76   C  C4    . DC  A 1 4  ? 2.809   34.376  8.706   1.00 106.16 ? 4   DC  A C4    1 
ATOM   77   N  N4    . DC  A 1 4  ? 3.826   34.523  7.846   1.00 105.91 ? 4   DC  A N4    1 
ATOM   78   C  C5    . DC  A 1 4  ? 3.030   33.839  10.019  1.00 106.15 ? 4   DC  A C5    1 
ATOM   79   C  C6    . DC  A 1 4  ? 1.959   33.717  10.836  1.00 106.17 ? 4   DC  A C6    1 
HETATM 80   O  "O2'" . SSU A 1 5  ? -5.584  32.417  5.585   1.00 102.79 ? 5   SSU A "O2'" 1 
HETATM 81   C  "C2'" . SSU A 1 5  ? -4.360  31.912  6.095   1.00 103.12 ? 5   SSU A "C2'" 1 
HETATM 82   C  "C1'" . SSU A 1 5  ? -3.504  33.053  6.629   1.00 102.42 ? 5   SSU A "C1'" 1 
HETATM 83   O  "O4'" . SSU A 1 5  ? -3.780  33.174  8.018   1.00 103.68 ? 5   SSU A "O4'" 1 
HETATM 84   C  "C4'" . SSU A 1 5  ? -4.704  32.130  8.429   1.00 104.15 ? 5   SSU A "C4'" 1 
HETATM 85   C  "C5'" . SSU A 1 5  ? -4.371  31.692  9.829   1.00 104.92 ? 5   SSU A "C5'" 1 
HETATM 86   O  "O5'" . SSU A 1 5  ? -4.041  30.292  9.855   1.00 106.86 ? 5   SSU A "O5'" 1 
HETATM 87   P  P     . SSU A 1 5  ? -2.790  29.787  10.692  1.00 108.42 ? 5   SSU A P     1 
HETATM 88   S  S1P   . SSU A 1 5  ? -3.239  28.303  11.684  1.00 109.57 ? 5   SSU A S1P   1 
HETATM 89   O  OP2   . SSU A 1 5  ? -1.629  29.684  9.788   1.00 108.45 ? 5   SSU A OP2   1 
HETATM 90   C  "C3'" . SSU A 1 5  ? -4.548  31.077  7.351   1.00 103.73 ? 5   SSU A "C3'" 1 
HETATM 91   O  "O3'" . SSU A 1 5  ? -5.629  30.181  7.237   1.00 103.92 ? 5   SSU A "O3'" 1 
HETATM 92   N  N1    . SSU A 1 5  ? -2.075  32.749  6.459   1.00 100.65 ? 5   SSU A N1    1 
HETATM 93   C  C6    . SSU A 1 5  ? -1.452  31.819  7.260   1.00 99.80  ? 5   SSU A C6    1 
HETATM 94   C  C5    . SSU A 1 5  ? -0.153  31.515  7.145   1.00 99.55  ? 5   SSU A C5    1 
HETATM 95   C  C4    . SSU A 1 5  ? 0.649   32.173  6.162   1.00 99.55  ? 5   SSU A C4    1 
HETATM 96   O  O4    . SSU A 1 5  ? 1.852   31.991  5.975   1.00 98.89  ? 5   SSU A O4    1 
HETATM 97   N  N3    . SSU A 1 5  ? -0.034  33.093  5.382   1.00 100.13 ? 5   SSU A N3    1 
HETATM 98   C  C2    . SSU A 1 5  ? -1.368  33.424  5.467   1.00 100.33 ? 5   SSU A C2    1 
HETATM 99   O  O2    . SSU A 1 5  ? -1.886  34.245  4.716   1.00 99.33  ? 5   SSU A O2    1 
ATOM   100  P  P     . G   A 1 6  ? -5.403  28.803  6.451   1.00 103.82 ? 6   G   A P     1 
ATOM   101  O  OP1   . G   A 1 6  ? -6.660  28.018  6.561   1.00 104.59 ? 6   G   A OP1   1 
ATOM   102  O  OP2   . G   A 1 6  ? -4.119  28.220  6.973   1.00 103.45 ? 6   G   A OP2   1 
ATOM   103  O  "O5'" . G   A 1 6  ? -5.208  29.273  4.933   1.00 102.76 ? 6   G   A "O5'" 1 
ATOM   104  C  "C5'" . G   A 1 6  ? -6.291  29.886  4.193   1.00 101.11 ? 6   G   A "C5'" 1 
ATOM   105  C  "C4'" . G   A 1 6  ? -5.859  30.191  2.776   1.00 100.44 ? 6   G   A "C4'" 1 
ATOM   106  O  "O4'" . G   A 1 6  ? -4.837  31.224  2.791   1.00 100.34 ? 6   G   A "O4'" 1 
ATOM   107  C  "C3'" . G   A 1 6  ? -5.207  29.049  2.013   1.00 100.21 ? 6   G   A "C3'" 1 
ATOM   108  O  "O3'" . G   A 1 6  ? -6.121  28.146  1.421   1.00 100.41 ? 6   G   A "O3'" 1 
ATOM   109  C  "C2'" . G   A 1 6  ? -4.375  29.779  0.970   1.00 99.81  ? 6   G   A "C2'" 1 
ATOM   110  O  "O2'" . G   A 1 6  ? -5.153  30.220  -0.124  1.00 99.35  ? 6   G   A "O2'" 1 
ATOM   111  C  "C1'" . G   A 1 6  ? -3.880  30.980  1.769   1.00 99.83  ? 6   G   A "C1'" 1 
ATOM   112  N  N9    . G   A 1 6  ? -2.603  30.661  2.407   1.00 99.75  ? 6   G   A N9    1 
ATOM   113  C  C8    . G   A 1 6  ? -2.423  30.133  3.665   1.00 100.50 ? 6   G   A C8    1 
ATOM   114  N  N7    . G   A 1 6  ? -1.168  29.943  3.971   1.00 99.55  ? 6   G   A N7    1 
ATOM   115  C  C5    . G   A 1 6  ? -0.475  30.371  2.851   1.00 98.61  ? 6   G   A C5    1 
ATOM   116  C  C6    . G   A 1 6  ? 0.908   30.404  2.604   1.00 98.43  ? 6   G   A C6    1 
ATOM   117  O  O6    . G   A 1 6  ? 1.828   30.055  3.353   1.00 98.53  ? 6   G   A O6    1 
ATOM   118  N  N1    . G   A 1 6  ? 1.189   30.907  1.337   1.00 97.84  ? 6   G   A N1    1 
ATOM   119  C  C2    . G   A 1 6  ? 0.250   31.323  0.428   1.00 97.86  ? 6   G   A C2    1 
ATOM   120  N  N2    . G   A 1 6  ? 0.716   31.781  -0.735  1.00 96.93  ? 6   G   A N2    1 
ATOM   121  N  N3    . G   A 1 6  ? -1.053  31.295  0.648   1.00 98.83  ? 6   G   A N3    1 
ATOM   122  C  C4    . G   A 1 6  ? -1.344  30.813  1.873   1.00 99.07  ? 6   G   A C4    1 
ATOM   123  P  P     . G   A 1 7  ? -5.662  26.621  1.161   1.00 100.26 ? 7   G   A P     1 
ATOM   124  O  OP1   . G   A 1 7  ? -6.867  25.910  0.625   1.00 100.53 ? 7   G   A OP1   1 
ATOM   125  O  OP2   . G   A 1 7  ? -4.978  26.109  2.394   1.00 99.15  ? 7   G   A OP2   1 
ATOM   126  O  "O5'" . G   A 1 7  ? -4.567  26.726  -0.005  1.00 99.87  ? 7   G   A "O5'" 1 
ATOM   127  C  "C5'" . G   A 1 7  ? -4.963  27.077  -1.361  1.00 98.13  ? 7   G   A "C5'" 1 
ATOM   128  C  "C4'" . G   A 1 7  ? -3.775  27.100  -2.321  1.00 96.11  ? 7   G   A "C4'" 1 
ATOM   129  O  "O4'" . G   A 1 7  ? -2.886  28.208  -2.006  1.00 95.33  ? 7   G   A "O4'" 1 
ATOM   130  C  "C3'" . G   A 1 7  ? -2.870  25.875  -2.348  1.00 95.04  ? 7   G   A "C3'" 1 
ATOM   131  O  "O3'" . G   A 1 7  ? -3.385  24.879  -3.222  1.00 94.85  ? 7   G   A "O3'" 1 
ATOM   132  C  "C2'" . G   A 1 7  ? -1.565  26.437  -2.900  1.00 94.59  ? 7   G   A "C2'" 1 
ATOM   133  O  "O2'" . G   A 1 7  ? -1.583  26.540  -4.308  1.00 94.81  ? 7   G   A "O2'" 1 
ATOM   134  C  "C1'" . G   A 1 7  ? -1.547  27.841  -2.297  1.00 94.24  ? 7   G   A "C1'" 1 
ATOM   135  N  N9    . G   A 1 7  ? -0.768  27.903  -1.070  1.00 91.91  ? 7   G   A N9    1 
ATOM   136  C  C8    . G   A 1 7  ? -1.251  27.938  0.210   1.00 91.68  ? 7   G   A C8    1 
ATOM   137  N  N7    . G   A 1 7  ? -0.309  27.971  1.107   1.00 90.45  ? 7   G   A N7    1 
ATOM   138  C  C5    . G   A 1 7  ? 0.866   27.960  0.373   1.00 88.92  ? 7   G   A C5    1 
ATOM   139  C  C6    . G   A 1 7  ? 2.203   27.980  0.802   1.00 88.24  ? 7   G   A C6    1 
ATOM   140  O  O6    . G   A 1 7  ? 2.638   28.006  1.959   1.00 88.67  ? 7   G   A O6    1 
ATOM   141  N  N1    . G   A 1 7  ? 3.086   27.965  -0.271  1.00 86.49  ? 7   G   A N1    1 
ATOM   142  C  C2    . G   A 1 7  ? 2.719   27.930  -1.586  1.00 86.21  ? 7   G   A C2    1 
ATOM   143  N  N2    . G   A 1 7  ? 3.714   27.918  -2.466  1.00 85.48  ? 7   G   A N2    1 
ATOM   144  N  N3    . G   A 1 7  ? 1.469   27.905  -2.002  1.00 87.91  ? 7   G   A N3    1 
ATOM   145  C  C4    . G   A 1 7  ? 0.598   27.924  -0.973  1.00 89.47  ? 7   G   A C4    1 
ATOM   146  P  P     . C   A 1 8  ? -2.679  23.438  -3.284  1.00 94.85  ? 8   C   A P     1 
ATOM   147  O  OP1   . C   A 1 8  ? -3.261  22.680  -4.429  1.00 93.57  ? 8   C   A OP1   1 
ATOM   148  O  OP2   . C   A 1 8  ? -2.687  22.841  -1.919  1.00 94.98  ? 8   C   A OP2   1 
ATOM   149  O  "O5'" . C   A 1 8  ? -1.162  23.776  -3.603  1.00 94.74  ? 8   C   A "O5'" 1 
ATOM   150  C  "C5'" . C   A 1 8  ? -0.771  24.209  -4.898  1.00 94.74  ? 8   C   A "C5'" 1 
ATOM   151  C  "C4'" . C   A 1 8  ? 0.716   24.125  -5.025  1.00 94.26  ? 8   C   A "C4'" 1 
ATOM   152  O  "O4'" . C   A 1 8  ? 1.339   25.049  -4.095  1.00 93.81  ? 8   C   A "O4'" 1 
ATOM   153  C  "C3'" . C   A 1 8  ? 1.271   22.774  -4.617  1.00 94.40  ? 8   C   A "C3'" 1 
ATOM   154  O  "O3'" . C   A 1 8  ? 1.210   21.881  -5.717  1.00 94.99  ? 8   C   A "O3'" 1 
ATOM   155  C  "C2'" . C   A 1 8  ? 2.707   23.105  -4.236  1.00 94.20  ? 8   C   A "C2'" 1 
ATOM   156  O  "O2'" . C   A 1 8  ? 3.549   23.165  -5.367  1.00 95.60  ? 8   C   A "O2'" 1 
ATOM   157  C  "C1'" . C   A 1 8  ? 2.566   24.505  -3.650  1.00 93.82  ? 8   C   A "C1'" 1 
ATOM   158  N  N1    . C   A 1 8  ? 2.679   24.630  -2.192  1.00 93.08  ? 8   C   A N1    1 
ATOM   159  C  C2    . C   A 1 8  ? 3.963   24.734  -1.629  1.00 92.90  ? 8   C   A C2    1 
ATOM   160  O  O2    . C   A 1 8  ? 4.953   24.703  -2.373  1.00 92.27  ? 8   C   A O2    1 
ATOM   161  N  N3    . C   A 1 8  ? 4.091   24.870  -0.296  1.00 92.08  ? 8   C   A N3    1 
ATOM   162  C  C4    . C   A 1 8  ? 3.005   24.908  0.474   1.00 93.01  ? 8   C   A C4    1 
ATOM   163  N  N4    . C   A 1 8  ? 3.181   25.056  1.784   1.00 93.36  ? 8   C   A N4    1 
ATOM   164  C  C5    . C   A 1 8  ? 1.687   24.799  -0.068  1.00 93.32  ? 8   C   A C5    1 
ATOM   165  C  C6    . C   A 1 8  ? 1.572   24.659  -1.394  1.00 93.73  ? 8   C   A C6    1 
ATOM   166  P  P     . G   A 1 9  ? 2.142   20.571  -5.736  1.00 96.45  ? 9   G   A P     1 
ATOM   167  O  OP1   . G   A 1 9  ? 3.009   20.719  -6.922  1.00 97.11  ? 9   G   A OP1   1 
ATOM   168  O  OP2   . G   A 1 9  ? 1.247   19.388  -5.625  1.00 97.17  ? 9   G   A OP2   1 
ATOM   169  O  "O5'" . G   A 1 9  ? 3.053   20.684  -4.425  1.00 96.15  ? 9   G   A "O5'" 1 
ATOM   170  C  "C5'" . G   A 1 9  ? 4.061   19.699  -4.109  1.00 96.11  ? 9   G   A "C5'" 1 
ATOM   171  C  "C4'" . G   A 1 9  ? 5.437   20.340  -4.064  1.00 97.04  ? 9   G   A "C4'" 1 
ATOM   172  O  "O4'" . G   A 1 9  ? 5.497   21.370  -3.029  1.00 97.57  ? 9   G   A "O4'" 1 
ATOM   173  C  "C3'" . G   A 1 9  ? 6.547   19.392  -3.652  1.00 97.98  ? 9   G   A "C3'" 1 
ATOM   174  O  "O3'" . G   A 1 9  ? 7.010   18.579  -4.694  1.00 99.69  ? 9   G   A "O3'" 1 
ATOM   175  C  "C2'" . G   A 1 9  ? 7.632   20.312  -3.113  1.00 97.21  ? 9   G   A "C2'" 1 
ATOM   176  O  "O2'" . G   A 1 9  ? 8.441   20.869  -4.130  1.00 96.22  ? 9   G   A "O2'" 1 
ATOM   177  C  "C1'" . G   A 1 9  ? 6.798   21.391  -2.428  1.00 97.28  ? 9   G   A "C1'" 1 
ATOM   178  N  N9    . G   A 1 9  ? 6.685   21.168  -0.981  1.00 97.07  ? 9   G   A N9    1 
ATOM   179  C  C8    . G   A 1 9  ? 5.530   20.973  -0.252  1.00 96.71  ? 9   G   A C8    1 
ATOM   180  N  N7    . G   A 1 9  ? 5.752   20.797  1.025   1.00 96.32  ? 9   G   A N7    1 
ATOM   181  C  C5    . G   A 1 9  ? 7.137   20.882  1.155   1.00 96.50  ? 9   G   A C5    1 
ATOM   182  C  C6    . G   A 1 9  ? 7.978   20.776  2.321   1.00 96.60  ? 9   G   A C6    1 
ATOM   183  O  O6    . G   A 1 9  ? 7.652   20.581  3.503   1.00 96.75  ? 9   G   A O6    1 
ATOM   184  N  N1    . G   A 1 9  ? 9.324   20.924  1.996   1.00 95.83  ? 9   G   A N1    1 
ATOM   185  C  C2    . G   A 1 9  ? 9.815   21.146  0.732   1.00 95.70  ? 9   G   A C2    1 
ATOM   186  N  N2    . G   A 1 9  ? 11.155  21.259  0.639   1.00 95.20  ? 9   G   A N2    1 
ATOM   187  N  N3    . G   A 1 9  ? 9.053   21.248  -0.356  1.00 96.09  ? 9   G   A N3    1 
ATOM   188  C  C4    . G   A 1 9  ? 7.733   21.108  -0.073  1.00 96.28  ? 9   G   A C4    1 
ATOM   189  P  P     . G   A 1 10 ? 7.653   17.166  -4.326  1.00 100.72 ? 10  G   A P     1 
ATOM   190  O  OP1   . G   A 1 10 ? 7.956   16.432  -5.578  1.00 101.10 ? 10  G   A OP1   1 
ATOM   191  O  OP2   . G   A 1 10 ? 6.788   16.544  -3.285  1.00 100.33 ? 10  G   A OP2   1 
ATOM   192  O  "O5'" . G   A 1 10 ? 9.032   17.543  -3.643  1.00 101.35 ? 10  G   A "O5'" 1 
ATOM   193  C  "C5'" . G   A 1 10 ? 9.806   16.536  -3.033  1.00 103.50 ? 10  G   A "C5'" 1 
ATOM   194  C  "C4'" . G   A 1 10 ? 10.804  17.153  -2.118  1.00 105.65 ? 10  G   A "C4'" 1 
ATOM   195  O  "O4'" . G   A 1 10 ? 10.194  18.234  -1.384  1.00 105.87 ? 10  G   A "O4'" 1 
ATOM   196  C  "C3'" . G   A 1 10 ? 11.309  16.198  -1.064  1.00 107.98 ? 10  G   A "C3'" 1 
ATOM   197  O  "O3'" . G   A 1 10 ? 12.348  15.403  -1.609  1.00 111.05 ? 10  G   A "O3'" 1 
ATOM   198  C  "C2'" . G   A 1 10 ? 11.754  17.144  0.042   1.00 107.09 ? 10  G   A "C2'" 1 
ATOM   199  O  "O2'" . G   A 1 10 ? 13.021  17.702  -0.227  1.00 107.36 ? 10  G   A "O2'" 1 
ATOM   200  C  "C1'" . G   A 1 10 ? 10.698  18.248  -0.061  1.00 106.46 ? 10  G   A "C1'" 1 
ATOM   201  N  N9    . G   A 1 10 ? 9.569   18.071  0.850   1.00 105.92 ? 10  G   A N9    1 
ATOM   202  C  C8    . G   A 1 10 ? 8.235   18.004  0.507   1.00 106.28 ? 10  G   A C8    1 
ATOM   203  N  N7    . G   A 1 10 ? 7.444   17.856  1.538   1.00 106.39 ? 10  G   A N7    1 
ATOM   204  C  C5    . G   A 1 10 ? 8.305   17.819  2.631   1.00 105.09 ? 10  G   A C5    1 
ATOM   205  C  C6    . G   A 1 10 ? 8.025   17.677  4.019   1.00 103.99 ? 10  G   A C6    1 
ATOM   206  O  O6    . G   A 1 10 ? 6.924   17.555  4.580   1.00 102.34 ? 10  G   A O6    1 
ATOM   207  N  N1    . G   A 1 10 ? 9.194   17.686  4.775   1.00 103.91 ? 10  G   A N1    1 
ATOM   208  C  C2    . G   A 1 10 ? 10.468  17.814  4.267   1.00 104.22 ? 10  G   A C2    1 
ATOM   209  N  N2    . G   A 1 10 ? 11.469  17.794  5.161   1.00 104.26 ? 10  G   A N2    1 
ATOM   210  N  N3    . G   A 1 10 ? 10.742  17.952  2.978   1.00 104.24 ? 10  G   A N3    1 
ATOM   211  C  C4    . G   A 1 10 ? 9.623   17.946  2.221   1.00 105.45 ? 10  G   A C4    1 
ATOM   212  P  P     . C   A 1 11 ? 12.096  13.830  -1.851  1.00 113.21 ? 11  C   A P     1 
ATOM   213  O  OP1   . C   A 1 11 ? 13.230  13.353  -2.711  1.00 113.40 ? 11  C   A OP1   1 
ATOM   214  O  OP2   . C   A 1 11 ? 10.678  13.657  -2.322  1.00 112.63 ? 11  C   A OP2   1 
ATOM   215  O  "O5'" . C   A 1 11 ? 12.230  13.197  -0.386  1.00 113.64 ? 11  C   A "O5'" 1 
ATOM   216  C  "C5'" . C   A 1 11 ? 13.429  13.411  0.425   1.00 114.93 ? 11  C   A "C5'" 1 
ATOM   217  C  "C4'" . C   A 1 11 ? 13.079  13.407  1.904   1.00 115.67 ? 11  C   A "C4'" 1 
ATOM   218  O  "O4'" . C   A 1 11 ? 12.146  14.482  2.170   1.00 115.93 ? 11  C   A "O4'" 1 
ATOM   219  C  "C3'" . C   A 1 11 ? 12.391  12.155  2.437   1.00 115.94 ? 11  C   A "C3'" 1 
ATOM   220  O  "O3'" . C   A 1 11 ? 13.179  10.952  2.573   1.00 116.44 ? 11  C   A "O3'" 1 
ATOM   221  C  "C2'" . C   A 1 11 ? 11.603  12.671  3.639   1.00 115.92 ? 11  C   A "C2'" 1 
ATOM   222  O  "O2'" . C   A 1 11 ? 12.350  12.784  4.844   1.00 115.41 ? 11  C   A "O2'" 1 
ATOM   223  C  "C1'" . C   A 1 11 ? 11.190  14.061  3.136   1.00 115.91 ? 11  C   A "C1'" 1 
ATOM   224  N  N1    . C   A 1 11 ? 9.890   14.078  2.455   1.00 115.32 ? 11  C   A N1    1 
ATOM   225  C  C2    . C   A 1 11 ? 8.711   14.175  3.208   1.00 114.53 ? 11  C   A C2    1 
ATOM   226  O  O2    . C   A 1 11 ? 8.781   14.210  4.454   1.00 113.15 ? 11  C   A O2    1 
ATOM   227  N  N3    . C   A 1 11 ? 7.531   14.223  2.555   1.00 114.67 ? 11  C   A N3    1 
ATOM   228  C  C4    . C   A 1 11 ? 7.500   14.171  1.214   1.00 115.43 ? 11  C   A C4    1 
ATOM   229  N  N4    . C   A 1 11 ? 6.311   14.232  0.604   1.00 116.26 ? 11  C   A N4    1 
ATOM   230  C  C5    . C   A 1 11 ? 8.686   14.056  0.435   1.00 115.40 ? 11  C   A C5    1 
ATOM   231  C  C6    . C   A 1 11 ? 9.842   14.015  1.088   1.00 115.38 ? 11  C   A C6    1 
ATOM   232  O  OP3   . C   B 2 1  ? 2.249   5.534   15.850  1.00 120.27 ? 70  C   B OP3   1 
ATOM   233  P  P     . C   B 2 1  ? 2.203   3.922   15.995  1.00 120.21 ? 70  C   B P     1 
ATOM   234  O  OP1   . C   B 2 1  ? 3.386   3.336   15.268  1.00 119.88 ? 70  C   B OP1   1 
ATOM   235  O  OP2   . C   B 2 1  ? 2.001   3.619   17.446  1.00 120.58 ? 70  C   B OP2   1 
ATOM   236  O  "O5'" . C   B 2 1  ? 0.863   3.476   15.243  1.00 118.47 ? 70  C   B "O5'" 1 
ATOM   237  C  "C5'" . C   B 2 1  ? -0.415  3.615   15.899  1.00 115.44 ? 70  C   B "C5'" 1 
ATOM   238  C  "C4'" . C   B 2 1  ? -1.339  4.530   15.106  1.00 113.05 ? 70  C   B "C4'" 1 
ATOM   239  O  "O4'" . C   B 2 1  ? -0.657  5.781   14.782  1.00 113.25 ? 70  C   B "O4'" 1 
ATOM   240  C  "C3'" . C   B 2 1  ? -1.803  4.015   13.754  1.00 110.69 ? 70  C   B "C3'" 1 
ATOM   241  O  "O3'" . C   B 2 1  ? -2.911  3.146   13.827  1.00 106.18 ? 70  C   B "O3'" 1 
ATOM   242  C  "C2'" . C   B 2 1  ? -2.160  5.290   13.006  1.00 111.70 ? 70  C   B "C2'" 1 
ATOM   243  O  "O2'" . C   B 2 1  ? -3.447  5.777   13.340  1.00 110.95 ? 70  C   B "O2'" 1 
ATOM   244  C  "C1'" . C   B 2 1  ? -1.069  6.238   13.496  1.00 113.17 ? 70  C   B "C1'" 1 
ATOM   245  N  N1    . C   B 2 1  ? 0.077   6.134   12.575  1.00 115.75 ? 70  C   B N1    1 
ATOM   246  C  C2    . C   B 2 1  ? -0.159  6.270   11.187  1.00 116.13 ? 70  C   B C2    1 
ATOM   247  O  O2    . C   B 2 1  ? -1.319  6.507   10.789  1.00 115.19 ? 70  C   B O2    1 
ATOM   248  N  N3    . C   B 2 1  ? 0.885   6.141   10.324  1.00 116.48 ? 70  C   B N3    1 
ATOM   249  C  C4    . C   B 2 1  ? 2.120   5.899   10.797  1.00 117.22 ? 70  C   B C4    1 
ATOM   250  N  N4    . C   B 2 1  ? 3.123   5.785   9.913   1.00 117.66 ? 70  C   B N4    1 
ATOM   251  C  C5    . C   B 2 1  ? 2.384   5.766   12.201  1.00 117.45 ? 70  C   B C5    1 
ATOM   252  C  C6    . C   B 2 1  ? 1.344   5.892   13.044  1.00 116.91 ? 70  C   B C6    1 
ATOM   253  P  P     . C   B 2 2  ? -3.118  2.069   12.666  1.00 101.85 ? 71  C   B P     1 
ATOM   254  O  OP1   . C   B 2 2  ? -4.252  1.183   13.060  1.00 101.51 ? 71  C   B OP1   1 
ATOM   255  O  OP2   . C   B 2 2  ? -1.768  1.494   12.387  1.00 101.69 ? 71  C   B OP2   1 
ATOM   256  O  "O5'" . C   B 2 2  ? -3.541  2.937   11.406  1.00 97.24  ? 71  C   B "O5'" 1 
ATOM   257  C  "C5'" . C   B 2 2  ? -4.847  3.495   11.328  1.00 90.87  ? 71  C   B "C5'" 1 
ATOM   258  C  "C4'" . C   B 2 2  ? -5.202  3.761   9.898   1.00 85.70  ? 71  C   B "C4'" 1 
ATOM   259  O  "O4'" . C   B 2 2  ? -4.298  4.755   9.370   1.00 84.73  ? 71  C   B "O4'" 1 
ATOM   260  C  "C3'" . C   B 2 2  ? -5.036  2.580   8.965   1.00 82.99  ? 71  C   B "C3'" 1 
ATOM   261  O  "O3'" . C   B 2 2  ? -6.187  1.774   8.916   1.00 79.19  ? 71  C   B "O3'" 1 
ATOM   262  C  "C2'" . C   B 2 2  ? -4.842  3.249   7.623   1.00 83.29  ? 71  C   B "C2'" 1 
ATOM   263  O  "O2'" . C   B 2 2  ? -6.081  3.662   7.091   1.00 84.38  ? 71  C   B "O2'" 1 
ATOM   264  C  "C1'" . C   B 2 2  ? -4.032  4.477   8.010   1.00 83.56  ? 71  C   B "C1'" 1 
ATOM   265  N  N1    . C   B 2 2  ? -2.596  4.257   7.844   1.00 82.74  ? 71  C   B N1    1 
ATOM   266  C  C2    . C   B 2 2  ? -2.080  4.230   6.557   1.00 82.12  ? 71  C   B C2    1 
ATOM   267  O  O2    . C   B 2 2  ? -2.853  4.389   5.607   1.00 80.21  ? 71  C   B O2    1 
ATOM   268  N  N3    . C   B 2 2  ? -0.758  4.034   6.377   1.00 81.97  ? 71  C   B N3    1 
ATOM   269  C  C4    . C   B 2 2  ? 0.038   3.869   7.435   1.00 83.34  ? 71  C   B C4    1 
ATOM   270  N  N4    . C   B 2 2  ? 1.340   3.684   7.217   1.00 84.35  ? 71  C   B N4    1 
ATOM   271  C  C5    . C   B 2 2  ? -0.465  3.888   8.766   1.00 83.58  ? 71  C   B C5    1 
ATOM   272  C  C6    . C   B 2 2  ? -1.776  4.082   8.924   1.00 83.40  ? 71  C   B C6    1 
ATOM   273  P  P     . G   B 2 3  ? -6.068  0.292   8.340   1.00 76.35  ? 72  G   B P     1 
ATOM   274  O  OP1   . G   B 2 3  ? -7.416  -0.245  8.044   1.00 76.78  ? 72  G   B OP1   1 
ATOM   275  O  OP2   . G   B 2 3  ? -5.166  -0.427  9.266   1.00 76.55  ? 72  G   B OP2   1 
ATOM   276  O  "O5'" . G   B 2 3  ? -5.293  0.463   6.970   1.00 72.72  ? 72  G   B "O5'" 1 
ATOM   277  C  "C5'" . G   B 2 3  ? -5.919  1.059   5.842   1.00 67.23  ? 72  G   B "C5'" 1 
ATOM   278  C  "C4'" . G   B 2 3  ? -4.965  1.046   4.687   1.00 63.43  ? 72  G   B "C4'" 1 
ATOM   279  O  "O4'" . G   B 2 3  ? -3.794  1.822   5.024   1.00 62.69  ? 72  G   B "O4'" 1 
ATOM   280  C  "C3'" . G   B 2 3  ? -4.426  -0.320  4.352   1.00 61.47  ? 72  G   B "C3'" 1 
ATOM   281  O  "O3'" . G   B 2 3  ? -5.335  -0.972  3.504   1.00 60.76  ? 72  G   B "O3'" 1 
ATOM   282  C  "C2'" . G   B 2 3  ? -3.108  0.005   3.671   1.00 60.36  ? 72  G   B "C2'" 1 
ATOM   283  O  "O2'" . G   B 2 3  ? -3.300  0.389   2.334   1.00 59.06  ? 72  G   B "O2'" 1 
ATOM   284  C  "C1'" . G   B 2 3  ? -2.644  1.220   4.473   1.00 61.59  ? 72  G   B "C1'" 1 
ATOM   285  N  N9    . G   B 2 3  ? -1.776  0.862   5.587   1.00 64.21  ? 72  G   B N9    1 
ATOM   286  C  C8    . G   B 2 3  ? -2.160  0.647   6.889   1.00 65.07  ? 72  G   B C8    1 
ATOM   287  N  N7    . G   B 2 3  ? -1.168  0.326   7.671   1.00 66.05  ? 72  G   B N7    1 
ATOM   288  C  C5    . G   B 2 3  ? -0.060  0.333   6.837   1.00 67.02  ? 72  G   B C5    1 
ATOM   289  C  C6    . G   B 2 3  ? 1.303   0.060   7.120   1.00 69.25  ? 72  G   B C6    1 
ATOM   290  O  O6    . G   B 2 3  ? 1.827   -0.257  8.212   1.00 72.60  ? 72  G   B O6    1 
ATOM   291  N  N1    . G   B 2 3  ? 2.089   0.183   5.978   1.00 68.33  ? 72  G   B N1    1 
ATOM   292  C  C2    . G   B 2 3  ? 1.626   0.516   4.733   1.00 65.62  ? 72  G   B C2    1 
ATOM   293  N  N2    . G   B 2 3  ? 2.537   0.567   3.765   1.00 63.89  ? 72  G   B N2    1 
ATOM   294  N  N3    . G   B 2 3  ? 0.365   0.775   4.458   1.00 65.18  ? 72  G   B N3    1 
ATOM   295  C  C4    . G   B 2 3  ? -0.418  0.664   5.548   1.00 65.34  ? 72  G   B C4    1 
ATOM   296  P  P     . A   B 2 4  ? -5.042  -2.469  3.034   1.00 60.58  ? 73  A   B P     1 
ATOM   297  O  OP1   . A   B 2 4  ? -6.318  -3.084  2.650   1.00 60.30  ? 73  A   B OP1   1 
ATOM   298  O  OP2   . A   B 2 4  ? -4.176  -3.129  4.027   1.00 59.98  ? 73  A   B OP2   1 
ATOM   299  O  "O5'" . A   B 2 4  ? -4.192  -2.272  1.712   1.00 58.34  ? 73  A   B "O5'" 1 
ATOM   300  C  "C5'" . A   B 2 4  ? -3.937  -3.369  0.840   1.00 53.92  ? 73  A   B "C5'" 1 
ATOM   301  C  "C4'" . A   B 2 4  ? -4.104  -2.944  -0.589  1.00 51.11  ? 73  A   B "C4'" 1 
ATOM   302  O  "O4'" . A   B 2 4  ? -3.205  -1.849  -0.869  1.00 49.84  ? 73  A   B "O4'" 1 
ATOM   303  C  "C3'" . A   B 2 4  ? -3.750  -4.001  -1.603  1.00 50.44  ? 73  A   B "C3'" 1 
ATOM   304  O  "O3'" . A   B 2 4  ? -4.829  -4.905  -1.774  1.00 53.35  ? 73  A   B "O3'" 1 
ATOM   305  C  "C2'" . A   B 2 4  ? -3.375  -3.170  -2.829  1.00 49.15  ? 73  A   B "C2'" 1 
ATOM   306  O  "O2'" . A   B 2 4  ? -4.490  -2.731  -3.575  1.00 49.13  ? 73  A   B "O2'" 1 
ATOM   307  C  "C1'" . A   B 2 4  ? -2.709  -1.943  -2.195  1.00 48.99  ? 73  A   B "C1'" 1 
ATOM   308  N  N9    . A   B 2 4  ? -1.233  -1.967  -2.167  1.00 47.77  ? 73  A   B N9    1 
ATOM   309  C  C8    . A   B 2 4  ? -0.397  -2.199  -1.097  1.00 47.31  ? 73  A   B C8    1 
ATOM   310  N  N7    . A   B 2 4  ? 0.878   -2.188  -1.404  1.00 45.07  ? 73  A   B N7    1 
ATOM   311  C  C5    . A   B 2 4  ? 0.885   -1.915  -2.757  1.00 45.82  ? 73  A   B C5    1 
ATOM   312  C  C6    . A   B 2 4  ? 1.919   -1.783  -3.670  1.00 47.49  ? 73  A   B C6    1 
ATOM   313  N  N6    . A   B 2 4  ? 3.208   -1.910  -3.342  1.00 48.67  ? 73  A   B N6    1 
ATOM   314  N  N1    . A   B 2 4  ? 1.594   -1.523  -4.955  1.00 47.69  ? 73  A   B N1    1 
ATOM   315  C  C2    . A   B 2 4  ? 0.307   -1.408  -5.276  1.00 44.53  ? 73  A   B C2    1 
ATOM   316  N  N3    . A   B 2 4  ? -0.758  -1.507  -4.505  1.00 43.86  ? 73  A   B N3    1 
ATOM   317  C  C4    . A   B 2 4  ? -0.403  -1.770  -3.242  1.00 45.75  ? 73  A   B C4    1 
ATOM   318  P  P     . U   B 2 5  ? -4.535  -6.435  -2.085  1.00 55.55  ? 74  U   B P     1 
ATOM   319  O  OP1   . U   B 2 5  ? -5.852  -7.135  -2.201  1.00 55.50  ? 74  U   B OP1   1 
ATOM   320  O  OP2   . U   B 2 5  ? -3.550  -6.891  -1.097  1.00 56.51  ? 74  U   B OP2   1 
ATOM   321  O  "O5'" . U   B 2 5  ? -3.878  -6.352  -3.525  1.00 55.52  ? 74  U   B "O5'" 1 
ATOM   322  C  "C5'" . U   B 2 5  ? -4.645  -5.837  -4.624  1.00 55.04  ? 74  U   B "C5'" 1 
ATOM   323  C  "C4'" . U   B 2 5  ? -3.813  -5.728  -5.880  1.00 54.22  ? 74  U   B "C4'" 1 
ATOM   324  O  "O4'" . U   B 2 5  ? -2.922  -4.600  -5.799  1.00 53.43  ? 74  U   B "O4'" 1 
ATOM   325  C  "C3'" . U   B 2 5  ? -2.940  -6.915  -6.195  1.00 53.41  ? 74  U   B "C3'" 1 
ATOM   326  O  "O3'" . U   B 2 5  ? -3.711  -7.886  -6.881  1.00 55.66  ? 74  U   B "O3'" 1 
ATOM   327  C  "C2'" . U   B 2 5  ? -1.858  -6.295  -7.065  1.00 51.45  ? 74  U   B "C2'" 1 
ATOM   328  O  "O2'" . U   B 2 5  ? -2.248  -6.136  -8.405  1.00 50.61  ? 74  U   B "O2'" 1 
ATOM   329  C  "C1'" . U   B 2 5  ? -1.700  -4.910  -6.441  1.00 50.83  ? 74  U   B "C1'" 1 
ATOM   330  N  N1    . U   B 2 5  ? -0.671  -4.871  -5.408  1.00 49.93  ? 74  U   B N1    1 
ATOM   331  C  C2    . U   B 2 5  ? 0.508   -5.469  -5.656  1.00 51.70  ? 74  U   B C2    1 
ATOM   332  O  O2    . U   B 2 5  ? 0.749   -6.007  -6.718  1.00 52.95  ? 74  U   B O2    1 
ATOM   333  N  N3    . U   B 2 5  ? 1.402   -5.416  -4.614  1.00 53.03  ? 74  U   B N3    1 
ATOM   334  C  C4    . U   B 2 5  ? 1.209   -4.818  -3.378  1.00 51.54  ? 74  U   B C4    1 
ATOM   335  O  O4    . U   B 2 5  ? 2.098   -4.826  -2.523  1.00 49.18  ? 74  U   B O4    1 
ATOM   336  C  C5    . U   B 2 5  ? -0.047  -4.219  -3.230  1.00 50.45  ? 74  U   B C5    1 
ATOM   337  C  C6    . U   B 2 5  ? -0.921  -4.259  -4.226  1.00 50.02  ? 74  U   B C6    1 
ATOM   338  P  P     . G   B 2 6  ? -3.324  -9.435  -6.767  1.00 58.18  ? 75  G   B P     1 
ATOM   339  O  OP1   . G   B 2 6  ? -3.984  -10.099 -7.911  1.00 57.16  ? 75  G   B OP1   1 
ATOM   340  O  OP2   . G   B 2 6  ? -3.583  -9.918  -5.372  1.00 57.84  ? 75  G   B OP2   1 
ATOM   341  O  "O5'" . G   B 2 6  ? -1.752  -9.455  -7.031  1.00 59.27  ? 75  G   B "O5'" 1 
ATOM   342  C  "C5'" . G   B 2 6  ? -1.222  -9.245  -8.359  1.00 59.06  ? 75  G   B "C5'" 1 
ATOM   343  C  "C4'" . G   B 2 6  ? 0.258   -9.511  -8.380  1.00 57.67  ? 75  G   B "C4'" 1 
ATOM   344  O  "O4'" . G   B 2 6  ? 0.945   -8.467  -7.671  1.00 55.77  ? 75  G   B "O4'" 1 
ATOM   345  C  "C3'" . G   B 2 6  ? 0.681   -10.794 -7.700  1.00 59.05  ? 75  G   B "C3'" 1 
ATOM   346  O  "O3'" . G   B 2 6  ? 0.595   -11.864 -8.633  1.00 62.36  ? 75  G   B "O3'" 1 
ATOM   347  C  "C2'" . G   B 2 6  ? 2.116   -10.487 -7.314  1.00 58.42  ? 75  G   B "C2'" 1 
ATOM   348  O  "O2'" . G   B 2 6  ? 2.985   -10.599 -8.413  1.00 60.70  ? 75  G   B "O2'" 1 
ATOM   349  C  "C1'" . G   B 2 6  ? 2.032   -9.008  -6.969  1.00 55.52  ? 75  G   B "C1'" 1 
ATOM   350  N  N9    . G   B 2 6  ? 1.764   -8.791  -5.568  1.00 53.89  ? 75  G   B N9    1 
ATOM   351  C  C8    . G   B 2 6  ? 0.538   -8.640  -4.988  1.00 52.94  ? 75  G   B C8    1 
ATOM   352  N  N7    . G   B 2 6  ? 0.605   -8.432  -3.709  1.00 52.63  ? 75  G   B N7    1 
ATOM   353  C  C5    . G   B 2 6  ? 1.960   -8.456  -3.435  1.00 52.81  ? 75  G   B C5    1 
ATOM   354  C  C6    . G   B 2 6  ? 2.646   -8.290  -2.219  1.00 52.44  ? 75  G   B C6    1 
ATOM   355  O  O6    . G   B 2 6  ? 2.186   -8.081  -1.109  1.00 53.51  ? 75  G   B O6    1 
ATOM   356  N  N1    . G   B 2 6  ? 4.013   -8.392  -2.384  1.00 53.56  ? 75  G   B N1    1 
ATOM   357  C  C2    . G   B 2 6  ? 4.639   -8.623  -3.571  1.00 55.46  ? 75  G   B C2    1 
ATOM   358  N  N2    . G   B 2 6  ? 5.968   -8.684  -3.521  1.00 58.99  ? 75  G   B N2    1 
ATOM   359  N  N3    . G   B 2 6  ? 4.011   -8.782  -4.721  1.00 54.86  ? 75  G   B N3    1 
ATOM   360  C  C4    . G   B 2 6  ? 2.683   -8.685  -4.575  1.00 53.51  ? 75  G   B C4    1 
ATOM   361  P  P     . G   B 2 7  ? 0.512   -13.380 -8.111  1.00 64.53  ? 76  G   B P     1 
ATOM   362  O  OP1   . G   B 2 7  ? 0.700   -14.260 -9.290  1.00 64.44  ? 76  G   B OP1   1 
ATOM   363  O  OP2   . G   B 2 7  ? -0.698  -13.537 -7.281  1.00 65.44  ? 76  G   B OP2   1 
ATOM   364  O  "O5'" . G   B 2 7  ? 1.780   -13.502 -7.159  1.00 65.06  ? 76  G   B "O5'" 1 
ATOM   365  C  "C5'" . G   B 2 7  ? 3.106   -13.475 -7.706  1.00 67.99  ? 76  G   B "C5'" 1 
ATOM   366  C  "C4'" . G   B 2 7  ? 4.120   -13.694 -6.614  1.00 69.91  ? 76  G   B "C4'" 1 
ATOM   367  O  "O4'" . G   B 2 7  ? 4.128   -12.559 -5.715  1.00 70.30  ? 76  G   B "O4'" 1 
ATOM   368  C  "C3'" . G   B 2 7  ? 3.839   -14.892 -5.728  1.00 71.17  ? 76  G   B "C3'" 1 
ATOM   369  O  "O3'" . G   B 2 7  ? 4.350   -16.077 -6.326  1.00 70.56  ? 76  G   B "O3'" 1 
ATOM   370  C  "C2'" . G   B 2 7  ? 4.553   -14.521 -4.433  1.00 71.40  ? 76  G   B "C2'" 1 
ATOM   371  O  "O2'" . G   B 2 7  ? 5.922   -14.866 -4.408  1.00 72.03  ? 76  G   B "O2'" 1 
ATOM   372  C  "C1'" . G   B 2 7  ? 4.354   -13.001 -4.394  1.00 70.96  ? 76  G   B "C1'" 1 
ATOM   373  N  N9    . G   B 2 7  ? 3.163   -12.673 -3.641  1.00 71.33  ? 76  G   B N9    1 
ATOM   374  C  C8    . G   B 2 7  ? 1.882   -12.729 -4.111  1.00 71.62  ? 76  G   B C8    1 
ATOM   375  N  N7    . G   B 2 7  ? 0.996   -12.417 -3.210  1.00 73.25  ? 76  G   B N7    1 
ATOM   376  C  C5    . G   B 2 7  ? 1.745   -12.132 -2.079  1.00 72.99  ? 76  G   B C5    1 
ATOM   377  C  C6    . G   B 2 7  ? 1.333   -11.736 -0.782  1.00 73.96  ? 76  G   B C6    1 
ATOM   378  O  O6    . G   B 2 7  ? 0.184   -11.556 -0.358  1.00 76.12  ? 76  G   B O6    1 
ATOM   379  N  N1    . G   B 2 7  ? 2.416   -11.547 0.061   1.00 72.62  ? 76  G   B N1    1 
ATOM   380  C  C2    . G   B 2 7  ? 3.720   -11.712 -0.291  1.00 72.16  ? 76  G   B C2    1 
ATOM   381  N  N2    . G   B 2 7  ? 4.610   -11.461 0.675   1.00 73.74  ? 76  G   B N2    1 
ATOM   382  N  N3    . G   B 2 7  ? 4.123   -12.089 -1.497  1.00 72.16  ? 76  G   B N3    1 
ATOM   383  C  C4    . G   B 2 7  ? 3.086   -12.278 -2.334  1.00 71.79  ? 76  G   B C4    1 
ATOM   384  P  P     . U   B 2 8  ? 3.612   -17.472 -6.073  1.00 69.87  ? 77  U   B P     1 
ATOM   385  O  OP1   . U   B 2 8  ? 4.439   -18.492 -6.746  1.00 70.09  ? 77  U   B OP1   1 
ATOM   386  O  OP2   . U   B 2 8  ? 2.190   -17.360 -6.419  1.00 70.82  ? 77  U   B OP2   1 
ATOM   387  O  "O5'" . U   B 2 8  ? 3.727   -17.640 -4.503  1.00 67.66  ? 77  U   B "O5'" 1 
ATOM   388  C  "C5'" . U   B 2 8  ? 4.985   -17.915 -3.954  1.00 66.71  ? 77  U   B "C5'" 1 
ATOM   389  C  "C4'" . U   B 2 8  ? 4.924   -17.939 -2.467  1.00 66.75  ? 77  U   B "C4'" 1 
ATOM   390  O  "O4'" . U   B 2 8  ? 4.695   -16.589 -1.994  1.00 66.39  ? 77  U   B "O4'" 1 
ATOM   391  C  "C3'" . U   B 2 8  ? 3.792   -18.747 -1.845  1.00 67.77  ? 77  U   B "C3'" 1 
ATOM   392  O  "O3'" . U   B 2 8  ? 4.017   -20.153 -1.761  1.00 69.14  ? 77  U   B "O3'" 1 
ATOM   393  C  "C2'" . U   B 2 8  ? 3.689   -18.107 -0.471  1.00 67.63  ? 77  U   B "C2'" 1 
ATOM   394  O  "O2'" . U   B 2 8  ? 4.689   -18.572 0.409   1.00 66.99  ? 77  U   B "O2'" 1 
ATOM   395  C  "C1'" . U   B 2 8  ? 3.946   -16.637 -0.795  1.00 67.45  ? 77  U   B "C1'" 1 
ATOM   396  N  N1    . U   B 2 8  ? 2.656   -15.956 -0.965  1.00 67.62  ? 77  U   B N1    1 
ATOM   397  C  C2    . U   B 2 8  ? 2.330   -14.966 -0.060  1.00 65.64  ? 77  U   B C2    1 
ATOM   398  O  O2    . U   B 2 8  ? 3.075   -14.609 0.825   1.00 65.28  ? 77  U   B O2    1 
ATOM   399  N  N3    . U   B 2 8  ? 1.093   -14.416 -0.227  1.00 65.60  ? 77  U   B N3    1 
ATOM   400  C  C4    . U   B 2 8  ? 0.171   -14.737 -1.191  1.00 66.72  ? 77  U   B C4    1 
ATOM   401  O  O4    . U   B 2 8  ? -0.899  -14.128 -1.229  1.00 67.46  ? 77  U   B O4    1 
ATOM   402  C  C5    . U   B 2 8  ? 0.589   -15.758 -2.100  1.00 66.72  ? 77  U   B C5    1 
ATOM   403  C  C6    . U   B 2 8  ? 1.790   -16.313 -1.963  1.00 67.29  ? 77  U   B C6    1 
ATOM   404  P  P     . A   B 2 9  ? 2.763   -21.158 -1.585  1.00 70.74  ? 78  A   B P     1 
ATOM   405  O  OP1   . A   B 2 9  ? 3.284   -22.528 -1.479  1.00 71.17  ? 78  A   B OP1   1 
ATOM   406  O  OP2   . A   B 2 9  ? 1.740   -20.855 -2.613  1.00 70.92  ? 78  A   B OP2   1 
ATOM   407  O  "O5'" . A   B 2 9  ? 2.177   -20.778 -0.159  1.00 71.35  ? 78  A   B "O5'" 1 
ATOM   408  C  "C5'" . A   B 2 9  ? 3.014   -20.822 1.005   1.00 73.16  ? 78  A   B "C5'" 1 
ATOM   409  C  "C4'" . A   B 2 9  ? 2.187   -20.676 2.262   1.00 74.94  ? 78  A   B "C4'" 1 
ATOM   410  O  "O4'" . A   B 2 9  ? 1.790   -19.290 2.450   1.00 75.63  ? 78  A   B "O4'" 1 
ATOM   411  C  "C3'" . A   B 2 9  ? 0.876   -21.427 2.264   1.00 76.17  ? 78  A   B "C3'" 1 
ATOM   412  O  "O3'" . A   B 2 9  ? 0.983   -22.783 2.563   1.00 78.06  ? 78  A   B "O3'" 1 
ATOM   413  C  "C2'" . A   B 2 9  ? 0.057   -20.670 3.290   1.00 76.06  ? 78  A   B "C2'" 1 
ATOM   414  O  "O2'" . A   B 2 9  ? 0.403   -21.070 4.603   1.00 76.30  ? 78  A   B "O2'" 1 
ATOM   415  C  "C1'" . A   B 2 9  ? 0.480   -19.228 3.005   1.00 75.41  ? 78  A   B "C1'" 1 
ATOM   416  N  N9    . A   B 2 9  ? -0.432  -18.672 1.995   1.00 73.58  ? 78  A   B N9    1 
ATOM   417  C  C8    . A   B 2 9  ? -0.241  -18.599 0.638   1.00 73.47  ? 78  A   B C8    1 
ATOM   418  N  N7    . A   B 2 9  ? -1.259  -18.099 -0.013  1.00 71.20  ? 78  A   B N7    1 
ATOM   419  C  C5    . A   B 2 9  ? -2.179  -17.815 0.979   1.00 68.85  ? 78  A   B C5    1 
ATOM   420  C  C6    . A   B 2 9  ? -3.457  -17.271 0.936   1.00 67.98  ? 78  A   B C6    1 
ATOM   421  N  N6    . A   B 2 9  ? -4.063  -16.902 -0.190  1.00 68.25  ? 78  A   B N6    1 
ATOM   422  N  N1    . A   B 2 9  ? -4.107  -17.109 2.101   1.00 67.25  ? 78  A   B N1    1 
ATOM   423  C  C2    . A   B 2 9  ? -3.501  -17.474 3.221   1.00 66.73  ? 78  A   B C2    1 
ATOM   424  N  N3    . A   B 2 9  ? -2.300  -18.002 3.391   1.00 67.55  ? 78  A   B N3    1 
ATOM   425  C  C4    . A   B 2 9  ? -1.681  -18.150 2.218   1.00 69.54  ? 78  A   B C4    1 
ATOM   426  P  P     . G   B 2 10 ? 0.059   -23.806 1.763   1.00 80.62  ? 79  G   B P     1 
ATOM   427  O  OP1   . G   B 2 10 ? 0.254   -25.150 2.338   1.00 81.69  ? 79  G   B OP1   1 
ATOM   428  O  OP2   . G   B 2 10 ? 0.291   -23.577 0.311   1.00 80.65  ? 79  G   B OP2   1 
ATOM   429  O  "O5'" . G   B 2 10 ? -1.416  -23.328 2.110   1.00 81.57  ? 79  G   B "O5'" 1 
ATOM   430  C  "C5'" . G   B 2 10 ? -1.969  -23.511 3.434   1.00 82.00  ? 79  G   B "C5'" 1 
ATOM   431  C  "C4'" . G   B 2 10 ? -3.362  -22.932 3.492   1.00 81.19  ? 79  G   B "C4'" 1 
ATOM   432  O  "O4'" . G   B 2 10 ? -3.290  -21.519 3.187   1.00 81.52  ? 79  G   B "O4'" 1 
ATOM   433  C  "C3'" . G   B 2 10 ? -4.347  -23.500 2.489   1.00 80.79  ? 79  G   B "C3'" 1 
ATOM   434  O  "O3'" . G   B 2 10 ? -4.984  -24.659 3.013   1.00 80.05  ? 79  G   B "O3'" 1 
ATOM   435  C  "C2'" . G   B 2 10 ? -5.329  -22.354 2.316   1.00 80.84  ? 79  G   B "C2'" 1 
ATOM   436  O  "O2'" . G   B 2 10 ? -6.263  -22.323 3.372   1.00 81.11  ? 79  G   B "O2'" 1 
ATOM   437  C  "C1'" . G   B 2 10 ? -4.408  -21.134 2.411   1.00 81.46  ? 79  G   B "C1'" 1 
ATOM   438  N  N9    . G   B 2 10 ? -3.890  -20.714 1.115   1.00 81.34  ? 79  G   B N9    1 
ATOM   439  C  C8    . G   B 2 10 ? -2.572  -20.696 0.746   1.00 81.27  ? 79  G   B C8    1 
ATOM   440  N  N7    . G   B 2 10 ? -2.389  -20.306 -0.481  1.00 81.45  ? 79  G   B N7    1 
ATOM   441  C  C5    . G   B 2 10 ? -3.664  -20.042 -0.950  1.00 82.45  ? 79  G   B C5    1 
ATOM   442  C  C6    . G   B 2 10 ? -4.093  -19.592 -2.218  1.00 83.50  ? 79  G   B C6    1 
ATOM   443  O  O6    . G   B 2 10 ? -3.412  -19.328 -3.213  1.00 84.91  ? 79  G   B O6    1 
ATOM   444  N  N1    . G   B 2 10 ? -5.470  -19.458 -2.271  1.00 83.27  ? 79  G   B N1    1 
ATOM   445  C  C2    . G   B 2 10 ? -6.324  -19.720 -1.239  1.00 83.44  ? 79  G   B C2    1 
ATOM   446  N  N2    . G   B 2 10 ? -7.618  -19.524 -1.498  1.00 84.01  ? 79  G   B N2    1 
ATOM   447  N  N3    . G   B 2 10 ? -5.937  -20.141 -0.047  1.00 82.74  ? 79  G   B N3    1 
ATOM   448  C  C4    . G   B 2 10 ? -4.602  -20.281 0.026   1.00 81.65  ? 79  G   B C4    1 
ATOM   449  P  P     . U   B 2 11 ? -6.051  -25.458 2.112   1.00 80.62  ? 80  U   B P     1 
ATOM   450  O  OP1   . U   B 2 11 ? -6.870  -26.330 2.984   1.00 80.95  ? 80  U   B OP1   1 
ATOM   451  O  OP2   . U   B 2 11 ? -5.362  -26.033 0.945   1.00 80.68  ? 80  U   B OP2   1 
ATOM   452  O  "O5'" . U   B 2 11 ? -7.011  -24.328 1.559   1.00 80.64  ? 80  U   B "O5'" 1 
ATOM   453  C  "C5'" . U   B 2 11 ? -8.256  -24.045 2.198   1.00 80.53  ? 80  U   B "C5'" 1 
ATOM   454  C  "C4'" . U   B 2 11 ? -9.211  -23.541 1.172   1.00 80.00  ? 80  U   B "C4'" 1 
ATOM   455  O  "O4'" . U   B 2 11 ? -8.643  -22.366 0.566   1.00 79.40  ? 80  U   B "O4'" 1 
ATOM   456  C  "C3'" . U   B 2 11 ? -9.408  -24.493 0.018   1.00 80.86  ? 80  U   B "C3'" 1 
ATOM   457  O  "O3'" . U   B 2 11 ? -10.442 -25.385 0.318   1.00 84.20  ? 80  U   B "O3'" 1 
ATOM   458  C  "C2'" . U   B 2 11 ? -9.808  -23.566 -1.110  1.00 79.61  ? 80  U   B "C2'" 1 
ATOM   459  O  "O2'" . U   B 2 11 ? -11.153 -23.175 -1.015  1.00 79.72  ? 80  U   B "O2'" 1 
ATOM   460  C  "C1'" . U   B 2 11 ? -8.944  -22.352 -0.812  1.00 79.00  ? 80  U   B "C1'" 1 
ATOM   461  N  N1    . U   B 2 11 ? -7.678  -22.406 -1.543  1.00 78.83  ? 80  U   B N1    1 
ATOM   462  C  C2    . U   B 2 11 ? -7.727  -22.216 -2.886  1.00 78.22  ? 80  U   B C2    1 
ATOM   463  O  O2    . U   B 2 11 ? -8.757  -22.020 -3.476  1.00 77.82  ? 80  U   B O2    1 
ATOM   464  N  N3    . U   B 2 11 ? -6.522  -22.260 -3.518  1.00 78.69  ? 80  U   B N3    1 
ATOM   465  C  C4    . U   B 2 11 ? -5.300  -22.474 -2.939  1.00 79.65  ? 80  U   B C4    1 
ATOM   466  O  O4    . U   B 2 11 ? -4.295  -22.476 -3.641  1.00 83.03  ? 80  U   B O4    1 
ATOM   467  C  C5    . U   B 2 11 ? -5.332  -22.672 -1.532  1.00 79.06  ? 80  U   B C5    1 
ATOM   468  C  C6    . U   B 2 11 ? -6.495  -22.635 -0.899  1.00 79.01  ? 80  U   B C6    1 
ATOM   469  P  P     . G   B 2 12 ? -10.849 -26.487 -0.757  1.00 87.56  ? 81  G   B P     1 
ATOM   470  O  OP1   . G   B 2 12 ? -11.785 -27.413 -0.072  1.00 88.03  ? 81  G   B OP1   1 
ATOM   471  O  OP2   . G   B 2 12 ? -9.580  -27.006 -1.347  1.00 87.82  ? 81  G   B OP2   1 
ATOM   472  O  "O5'" . G   B 2 12 ? -11.642 -25.679 -1.881  1.00 87.39  ? 81  G   B "O5'" 1 
ATOM   473  C  "C5'" . G   B 2 12 ? -12.896 -25.052 -1.578  1.00 87.44  ? 81  G   B "C5'" 1 
ATOM   474  C  "C4'" . G   B 2 12 ? -13.513 -24.441 -2.817  1.00 87.49  ? 81  G   B "C4'" 1 
ATOM   475  O  "O4'" . G   B 2 12 ? -12.628 -23.436 -3.382  1.00 87.51  ? 81  G   B "O4'" 1 
ATOM   476  C  "C3'" . G   B 2 12 ? -13.722 -25.394 -3.972  1.00 87.61  ? 81  G   B "C3'" 1 
ATOM   477  O  "O3'" . G   B 2 12 ? -14.882 -26.157 -3.832  1.00 88.96  ? 81  G   B "O3'" 1 
ATOM   478  C  "C2'" . G   B 2 12 ? -13.775 -24.478 -5.183  1.00 86.81  ? 81  G   B "C2'" 1 
ATOM   479  O  "O2'" . G   B 2 12 ? -15.035 -23.874 -5.391  1.00 85.89  ? 81  G   B "O2'" 1 
ATOM   480  C  "C1'" . G   B 2 12 ? -12.750 -23.423 -4.798  1.00 86.80  ? 81  G   B "C1'" 1 
ATOM   481  N  N9    . G   B 2 12 ? -11.464 -23.735 -5.403  1.00 86.97  ? 81  G   B N9    1 
ATOM   482  C  C8    . G   B 2 12 ? -10.305 -24.146 -4.784  1.00 87.55  ? 81  G   B C8    1 
ATOM   483  N  N7    . G   B 2 12 ? -9.325  -24.357 -5.623  1.00 87.41  ? 81  G   B N7    1 
ATOM   484  C  C5    . G   B 2 12 ? -9.873  -24.066 -6.864  1.00 86.51  ? 81  G   B C5    1 
ATOM   485  C  C6    . G   B 2 12 ? -9.298  -24.115 -8.146  1.00 86.31  ? 81  G   B C6    1 
ATOM   486  O  O6    . G   B 2 12 ? -8.145  -24.437 -8.456  1.00 86.92  ? 81  G   B O6    1 
ATOM   487  N  N1    . G   B 2 12 ? -10.211 -23.740 -9.130  1.00 84.87  ? 81  G   B N1    1 
ATOM   488  C  C2    . G   B 2 12 ? -11.512 -23.366 -8.901  1.00 83.70  ? 81  G   B C2    1 
ATOM   489  N  N2    . G   B 2 12 ? -12.234 -23.032 -9.970  1.00 84.02  ? 81  G   B N2    1 
ATOM   490  N  N3    . G   B 2 12 ? -12.062 -23.322 -7.709  1.00 83.48  ? 81  G   B N3    1 
ATOM   491  C  C4    . G   B 2 12 ? -11.191 -23.680 -6.743  1.00 85.73  ? 81  G   B C4    1 
ATOM   492  P  P     . U   B 2 13 ? -14.892 -27.640 -4.413  1.00 90.08  ? 82  U   B P     1 
ATOM   493  O  OP1   . U   B 2 13 ? -16.088 -28.305 -3.848  1.00 90.97  ? 82  U   B OP1   1 
ATOM   494  O  OP2   . U   B 2 13 ? -13.538 -28.202 -4.173  1.00 89.45  ? 82  U   B OP2   1 
ATOM   495  O  "O5'" . U   B 2 13 ? -15.071 -27.442 -5.978  1.00 89.71  ? 82  U   B "O5'" 1 
ATOM   496  C  "C5'" . U   B 2 13 ? -16.071 -26.554 -6.480  1.00 90.71  ? 82  U   B "C5'" 1 
ATOM   497  C  "C4'" . U   B 2 13 ? -15.924 -26.422 -7.966  1.00 91.57  ? 82  U   B "C4'" 1 
ATOM   498  O  "O4'" . U   B 2 13 ? -14.712 -25.700 -8.287  1.00 91.53  ? 82  U   B "O4'" 1 
ATOM   499  C  "C3'" . U   B 2 13 ? -15.782 -27.744 -8.684  1.00 92.13  ? 82  U   B "C3'" 1 
ATOM   500  O  "O3'" . U   B 2 13 ? -17.074 -28.270 -8.915  1.00 94.52  ? 82  U   B "O3'" 1 
ATOM   501  C  "C2'" . U   B 2 13 ? -15.047 -27.357 -9.963  1.00 91.46  ? 82  U   B "C2'" 1 
ATOM   502  O  "O2'" . U   B 2 13 ? -15.899 -26.833 -10.964 1.00 91.41  ? 82  U   B "O2'" 1 
ATOM   503  C  "C1'" . U   B 2 13 ? -14.134 -26.241 -9.458  1.00 90.65  ? 82  U   B "C1'" 1 
ATOM   504  N  N1    . U   B 2 13 ? -12.769 -26.662 -9.127  1.00 89.61  ? 82  U   B N1    1 
ATOM   505  C  C2    . U   B 2 13 ? -11.824 -26.585 -10.124 1.00 88.92  ? 82  U   B C2    1 
ATOM   506  O  O2    . U   B 2 13 ? -12.091 -26.213 -11.256 1.00 87.30  ? 82  U   B O2    1 
ATOM   507  N  N3    . U   B 2 13 ? -10.554 -26.961 -9.753  1.00 87.91  ? 82  U   B N3    1 
ATOM   508  C  C4    . U   B 2 13 ? -10.146 -27.404 -8.509  1.00 87.81  ? 82  U   B C4    1 
ATOM   509  O  O4    . U   B 2 13 ? -8.962  -27.704 -8.330  1.00 87.17  ? 82  U   B O4    1 
ATOM   510  C  C5    . U   B 2 13 ? -11.191 -27.469 -7.529  1.00 88.75  ? 82  U   B C5    1 
ATOM   511  C  C6    . U   B 2 13 ? -12.436 -27.106 -7.863  1.00 89.08  ? 82  U   B C6    1 
ATOM   512  P  P     . G   B 2 14 ? -17.242 -29.803 -9.339  1.00 95.47  ? 83  G   B P     1 
ATOM   513  O  OP1   . G   B 2 14 ? -18.536 -30.313 -8.785  1.00 94.75  ? 83  G   B OP1   1 
ATOM   514  O  OP2   . G   B 2 14 ? -15.965 -30.511 -9.025  1.00 95.64  ? 83  G   B OP2   1 
ATOM   515  O  "O5'" . G   B 2 14 ? -17.345 -29.722 -10.922 1.00 95.39  ? 83  G   B "O5'" 1 
ATOM   516  C  "C5'" . G   B 2 14 ? -16.826 -30.779 -11.722 1.00 95.44  ? 83  G   B "C5'" 1 
ATOM   517  C  "C4'" . G   B 2 14 ? -16.155 -30.230 -12.954 1.00 95.47  ? 83  G   B "C4'" 1 
ATOM   518  O  "O4'" . G   B 2 14 ? -15.107 -29.304 -12.586 1.00 94.03  ? 83  G   B "O4'" 1 
ATOM   519  C  "C3'" . G   B 2 14 ? -15.452 -31.296 -13.771 1.00 96.03  ? 83  G   B "C3'" 1 
ATOM   520  O  "O3'" . G   B 2 14 ? -16.390 -31.934 -14.623 1.00 97.83  ? 83  G   B "O3'" 1 
ATOM   521  C  "C2'" . G   B 2 14 ? -14.379 -30.511 -14.516 1.00 94.93  ? 83  G   B "C2'" 1 
ATOM   522  O  "O2'" . G   B 2 14 ? -14.799 -29.902 -15.719 1.00 95.28  ? 83  G   B "O2'" 1 
ATOM   523  C  "C1'" . G   B 2 14 ? -14.021 -29.446 -13.482 1.00 93.57  ? 83  G   B "C1'" 1 
ATOM   524  N  N9    . G   B 2 14 ? -12.866 -29.833 -12.703 1.00 91.67  ? 83  G   B N9    1 
ATOM   525  C  C8    . G   B 2 14 ? -12.805 -30.017 -11.344 1.00 91.55  ? 83  G   B C8    1 
ATOM   526  N  N7    . G   B 2 14 ? -11.616 -30.351 -10.927 1.00 90.73  ? 83  G   B N7    1 
ATOM   527  C  C5    . G   B 2 14 ? -10.851 -30.391 -12.084 1.00 90.36  ? 83  G   B C5    1 
ATOM   528  C  C6    . G   B 2 14 ? -9.489  -30.688 -12.261 1.00 89.71  ? 83  G   B C6    1 
ATOM   529  O  O6    . G   B 2 14 ? -8.652  -30.984 -11.395 1.00 89.05  ? 83  G   B O6    1 
ATOM   530  N  N1    . G   B 2 14 ? -9.122  -30.617 -13.607 1.00 89.76  ? 83  G   B N1    1 
ATOM   531  C  C2    . G   B 2 14 ? -9.970  -30.298 -14.650 1.00 88.73  ? 83  G   B C2    1 
ATOM   532  N  N2    . G   B 2 14 ? -9.430  -30.282 -15.883 1.00 87.63  ? 83  G   B N2    1 
ATOM   533  N  N3    . G   B 2 14 ? -11.249 -30.017 -14.490 1.00 88.77  ? 83  G   B N3    1 
ATOM   534  C  C4    . G   B 2 14 ? -11.615 -30.081 -13.189 1.00 90.43  ? 83  G   B C4    1 
ATOM   535  P  P     . G   B 2 15 ? -16.507 -33.529 -14.601 1.00 98.74  ? 84  G   B P     1 
ATOM   536  O  OP1   . G   B 2 15 ? -17.926 -33.859 -14.905 1.00 98.31  ? 84  G   B OP1   1 
ATOM   537  O  OP2   . G   B 2 15 ? -15.893 -33.991 -13.319 1.00 98.34  ? 84  G   B OP2   1 
ATOM   538  O  "O5'" . G   B 2 15 ? -15.551 -33.946 -15.801 1.00 100.08 ? 84  G   B "O5'" 1 
ATOM   539  C  "C5'" . G   B 2 15 ? -14.386 -33.167 -16.077 1.00 101.69 ? 84  G   B "C5'" 1 
ATOM   540  C  "C4'" . G   B 2 15 ? -13.373 -33.967 -16.863 1.00 103.13 ? 84  G   B "C4'" 1 
ATOM   541  O  "O4'" . G   B 2 15 ? -12.124 -33.234 -16.877 1.00 103.44 ? 84  G   B "O4'" 1 
ATOM   542  C  "C3'" . G   B 2 15 ? -13.000 -35.330 -16.304 1.00 104.19 ? 84  G   B "C3'" 1 
ATOM   543  O  "O3'" . G   B 2 15 ? -13.908 -36.351 -16.735 1.00 105.73 ? 84  G   B "O3'" 1 
ATOM   544  C  "C2'" . G   B 2 15 ? -11.602 -35.533 -16.866 1.00 104.07 ? 84  G   B "C2'" 1 
ATOM   545  O  "O2'" . G   B 2 15 ? -11.579 -35.936 -18.223 1.00 104.67 ? 84  G   B "O2'" 1 
ATOM   546  C  "C1'" . G   B 2 15 ? -11.038 -34.114 -16.775 1.00 103.89 ? 84  G   B "C1'" 1 
ATOM   547  N  N9    . G   B 2 15 ? -10.533 -33.966 -15.420 1.00 104.46 ? 84  G   B N9    1 
ATOM   548  C  C8    . G   B 2 15 ? -11.275 -33.624 -14.325 1.00 104.34 ? 84  G   B C8    1 
ATOM   549  N  N7    . G   B 2 15 ? -10.569 -33.554 -13.243 1.00 104.47 ? 84  G   B N7    1 
ATOM   550  C  C5    . G   B 2 15 ? -9.278  -33.881 -13.641 1.00 105.54 ? 84  G   B C5    1 
ATOM   551  C  C6    . G   B 2 15 ? -8.055  -33.974 -12.901 1.00 106.36 ? 84  G   B C6    1 
ATOM   552  O  O6    . G   B 2 15 ? -7.854  -33.776 -11.690 1.00 107.60 ? 84  G   B O6    1 
ATOM   553  N  N1    . G   B 2 15 ? -6.992  -34.323 -13.710 1.00 107.12 ? 84  G   B N1    1 
ATOM   554  C  C2    . G   B 2 15 ? -7.072  -34.553 -15.077 1.00 107.41 ? 84  G   B C2    1 
ATOM   555  N  N2    . G   B 2 15 ? -5.929  -34.876 -15.703 1.00 108.54 ? 84  G   B N2    1 
ATOM   556  N  N3    . G   B 2 15 ? -8.189  -34.465 -15.776 1.00 106.65 ? 84  G   B N3    1 
ATOM   557  C  C4    . G   B 2 15 ? -9.244  -34.126 -15.005 1.00 105.55 ? 84  G   B C4    1 
ATOM   558  P  P     . G   B 2 16 ? -13.565 -37.900 -16.445 1.00 106.14 ? 85  G   B P     1 
ATOM   559  O  OP1   . G   B 2 16 ? -14.768 -38.669 -16.913 1.00 106.17 ? 85  G   B OP1   1 
ATOM   560  O  OP2   . G   B 2 16 ? -13.073 -38.079 -15.043 1.00 105.72 ? 85  G   B OP2   1 
ATOM   561  O  "O5'" . G   B 2 16 ? -12.332 -38.180 -17.423 1.00 105.46 ? 85  G   B "O5'" 1 
ATOM   562  C  "C5'" . G   B 2 16 ? -11.427 -39.265 -17.168 1.00 104.62 ? 85  G   B "C5'" 1 
ATOM   563  C  "C4'" . G   B 2 16 ? -9.994  -38.863 -17.461 1.00 103.87 ? 85  G   B "C4'" 1 
ATOM   564  O  "O4'" . G   B 2 16 ? -9.674  -37.597 -16.823 1.00 103.16 ? 85  G   B "O4'" 1 
ATOM   565  C  "C3'" . G   B 2 16 ? -8.966  -39.836 -16.910 1.00 103.98 ? 85  G   B "C3'" 1 
ATOM   566  O  "O3'" . G   B 2 16 ? -8.840  -41.005 -17.725 1.00 103.87 ? 85  G   B "O3'" 1 
ATOM   567  C  "C2'" . G   B 2 16 ? -7.721  -38.959 -16.744 1.00 103.03 ? 85  G   B "C2'" 1 
ATOM   568  O  "O2'" . G   B 2 16 ? -6.962  -38.747 -17.916 1.00 102.68 ? 85  G   B "O2'" 1 
ATOM   569  C  "C1'" . G   B 2 16 ? -8.346  -37.634 -16.302 1.00 102.28 ? 85  G   B "C1'" 1 
ATOM   570  N  N9    . G   B 2 16 ? -8.465  -37.564 -14.847 1.00 100.53 ? 85  G   B N9    1 
ATOM   571  C  C8    . G   B 2 16 ? -9.633  -37.383 -14.145 1.00 99.10  ? 85  G   B C8    1 
ATOM   572  N  N7    . G   B 2 16 ? -9.460  -37.366 -12.854 1.00 98.42  ? 85  G   B N7    1 
ATOM   573  C  C5    . G   B 2 16 ? -8.096  -37.546 -12.686 1.00 98.89  ? 85  G   B C5    1 
ATOM   574  C  C6    . G   B 2 16 ? -7.332  -37.612 -11.501 1.00 99.35  ? 85  G   B C6    1 
ATOM   575  O  O6    . G   B 2 16 ? -7.727  -37.519 -10.330 1.00 100.26 ? 85  G   B O6    1 
ATOM   576  N  N1    . G   B 2 16 ? -5.981  -37.809 -11.770 1.00 98.96  ? 85  G   B N1    1 
ATOM   577  C  C2    . G   B 2 16 ? -5.436  -37.925 -13.023 1.00 98.94  ? 85  G   B C2    1 
ATOM   578  N  N2    . G   B 2 16 ? -4.106  -38.114 -13.062 1.00 98.90  ? 85  G   B N2    1 
ATOM   579  N  N3    . G   B 2 16 ? -6.143  -37.862 -14.148 1.00 99.13  ? 85  G   B N3    1 
ATOM   580  C  C4    . G   B 2 16 ? -7.460  -37.672 -13.902 1.00 99.37  ? 85  G   B C4    1 
ATOM   581  P  P     . G   B 2 17 ? -9.009  -42.461 -17.050 1.00 103.57 ? 86  G   B P     1 
ATOM   582  O  OP1   . G   B 2 17 ? -8.877  -43.460 -18.137 1.00 103.49 ? 86  G   B OP1   1 
ATOM   583  O  OP2   . G   B 2 17 ? -10.234 -42.468 -16.184 1.00 102.52 ? 86  G   B OP2   1 
ATOM   584  O  "O5'" . G   B 2 17 ? -7.711  -42.567 -16.131 1.00 102.76 ? 86  G   B "O5'" 1 
ATOM   585  C  "C5'" . G   B 2 17 ? -6.415  -42.300 -16.696 1.00 102.76 ? 86  G   B "C5'" 1 
ATOM   586  C  "C4'" . G   B 2 17 ? -5.325  -42.655 -15.718 1.00 103.49 ? 86  G   B "C4'" 1 
ATOM   587  O  "O4'" . G   B 2 17 ? -5.208  -41.614 -14.714 1.00 102.66 ? 86  G   B "O4'" 1 
ATOM   588  C  "C3'" . G   B 2 17 ? -5.566  -43.921 -14.910 1.00 104.56 ? 86  G   B "C3'" 1 
ATOM   589  O  "O3'" . G   B 2 17 ? -5.168  -45.092 -15.597 1.00 107.48 ? 86  G   B "O3'" 1 
ATOM   590  C  "C2'" . G   B 2 17 ? -4.716  -43.699 -13.666 1.00 103.33 ? 86  G   B "C2'" 1 
ATOM   591  O  "O2'" . G   B 2 17 ? -3.359  -44.059 -13.844 1.00 103.21 ? 86  G   B "O2'" 1 
ATOM   592  C  "C1'" . G   B 2 17 ? -4.843  -42.190 -13.469 1.00 101.48 ? 86  G   B "C1'" 1 
ATOM   593  N  N9    . G   B 2 17 ? -5.805  -41.789 -12.445 1.00 98.63  ? 86  G   B N9    1 
ATOM   594  C  C8    . G   B 2 17 ? -7.157  -41.598 -12.592 1.00 96.95  ? 86  G   B C8    1 
ATOM   595  N  N7    . G   B 2 17 ? -7.745  -41.235 -11.483 1.00 95.73  ? 86  G   B N7    1 
ATOM   596  C  C5    . G   B 2 17 ? -6.718  -41.179 -10.549 1.00 95.40  ? 86  G   B C5    1 
ATOM   597  C  C6    . G   B 2 17 ? -6.740  -40.829 -9.164  1.00 94.53  ? 86  G   B C6    1 
ATOM   598  O  O6    . G   B 2 17 ? -7.699  -40.473 -8.471  1.00 93.19  ? 86  G   B O6    1 
ATOM   599  N  N1    . G   B 2 17 ? -5.475  -40.918 -8.593  1.00 94.69  ? 86  G   B N1    1 
ATOM   600  C  C2    . G   B 2 17 ? -4.337  -41.284 -9.260  1.00 95.94  ? 86  G   B C2    1 
ATOM   601  N  N2    . G   B 2 17 ? -3.213  -41.312 -8.528  1.00 96.80  ? 86  G   B N2    1 
ATOM   602  N  N3    . G   B 2 17 ? -4.298  -41.600 -10.548 1.00 96.32  ? 86  G   B N3    1 
ATOM   603  C  C4    . G   B 2 17 ? -5.516  -41.527 -11.124 1.00 96.64  ? 86  G   B C4    1 
ATOM   604  P  P     . U   B 2 18 ? -5.880  -46.499 -15.258 1.00 109.28 ? 87  U   B P     1 
ATOM   605  O  OP1   . U   B 2 18 ? -6.103  -47.252 -16.528 1.00 109.40 ? 87  U   B OP1   1 
ATOM   606  O  OP2   . U   B 2 18 ? -7.018  -46.323 -14.292 1.00 108.65 ? 87  U   B OP2   1 
ATOM   607  O  "O5'" . U   B 2 18 ? -4.745  -47.260 -14.451 1.00 110.78 ? 87  U   B "O5'" 1 
ATOM   608  C  "C5'" . U   B 2 18 ? -5.005  -47.740 -13.142 1.00 113.25 ? 87  U   B "C5'" 1 
ATOM   609  C  "C4'" . U   B 2 18 ? -4.252  -46.920 -12.159 1.00 114.76 ? 87  U   B "C4'" 1 
ATOM   610  O  "O4'" . U   B 2 18 ? -4.971  -45.688 -11.903 1.00 114.32 ? 87  U   B "O4'" 1 
ATOM   611  C  "C3'" . U   B 2 18 ? -4.198  -47.611 -10.832 1.00 116.35 ? 87  U   B "C3'" 1 
ATOM   612  O  "O3'" . U   B 2 18 ? -3.130  -48.577 -10.845 1.00 120.31 ? 87  U   B "O3'" 1 
ATOM   613  C  "C2'" . U   B 2 18 ? -4.024  -46.451 -9.863  1.00 115.71 ? 87  U   B "C2'" 1 
ATOM   614  O  "O2'" . U   B 2 18 ? -2.670  -46.048 -9.731  1.00 116.10 ? 87  U   B "O2'" 1 
ATOM   615  C  "C1'" . U   B 2 18 ? -4.850  -45.349 -10.536 1.00 114.56 ? 87  U   B "C1'" 1 
ATOM   616  N  N1    . U   B 2 18 ? -6.193  -45.054 -9.993  1.00 113.93 ? 87  U   B N1    1 
ATOM   617  C  C2    . U   B 2 18 ? -6.251  -44.684 -8.672  1.00 113.81 ? 87  U   B C2    1 
ATOM   618  O  O2    . U   B 2 18 ? -5.248  -44.589 -7.979  1.00 114.41 ? 87  U   B O2    1 
ATOM   619  N  N3    . U   B 2 18 ? -7.509  -44.410 -8.189  1.00 114.09 ? 87  U   B N3    1 
ATOM   620  C  C4    . U   B 2 18 ? -8.704  -44.468 -8.877  1.00 113.70 ? 87  U   B C4    1 
ATOM   621  O  O4    . U   B 2 18 ? -9.752  -44.206 -8.278  1.00 113.65 ? 87  U   B O4    1 
ATOM   622  C  C5    . U   B 2 18 ? -8.579  -44.855 -10.252 1.00 113.47 ? 87  U   B C5    1 
ATOM   623  C  C6    . U   B 2 18 ? -7.356  -45.135 -10.752 1.00 113.93 ? 87  U   B C6    1 
ATOM   624  P  P     . C   B 2 19 ? -2.583  -49.162 -9.447  1.00 123.04 ? 88  C   B P     1 
ATOM   625  O  OP1   . C   B 2 19 ? -2.748  -48.002 -8.499  1.00 123.17 ? 88  C   B OP1   1 
ATOM   626  O  OP2   . C   B 2 19 ? -1.215  -49.752 -9.650  1.00 123.19 ? 88  C   B OP2   1 
ATOM   627  O  "O5'" . C   B 2 19 ? -3.627  -50.302 -9.060  1.00 124.49 ? 88  C   B "O5'" 1 
ATOM   628  C  "C5'" . C   B 2 19 ? -4.388  -50.231 -7.854  1.00 126.43 ? 88  C   B "C5'" 1 
ATOM   629  C  "C4'" . C   B 2 19 ? -4.884  -51.599 -7.486  1.00 127.58 ? 88  C   B "C4'" 1 
ATOM   630  O  "O4'" . C   B 2 19 ? -4.479  -51.886 -6.126  1.00 128.34 ? 88  C   B "O4'" 1 
ATOM   631  C  "C3'" . C   B 2 19 ? -6.395  -51.673 -7.441  1.00 128.29 ? 88  C   B "C3'" 1 
ATOM   632  O  "O3'" . C   B 2 19 ? -6.821  -51.690 -8.843  1.00 128.07 ? 88  C   B "O3'" 1 
ATOM   633  C  "C2'" . C   B 2 19 ? -6.680  -52.801 -6.451  1.00 128.71 ? 88  C   B "C2'" 1 
ATOM   634  O  "O2'" . C   B 2 19 ? -6.575  -54.069 -7.097  1.00 129.02 ? 88  C   B "O2'" 1 
ATOM   635  C  "C1'" . C   B 2 19 ? -5.473  -52.676 -5.487  1.00 129.06 ? 88  C   B "C1'" 1 
ATOM   636  N  N1    . C   B 2 19 ? -5.569  -52.230 -4.058  1.00 129.85 ? 88  C   B N1    1 
ATOM   637  C  C2    . C   B 2 19 ? -6.174  -53.082 -3.099  1.00 129.80 ? 88  C   B C2    1 
ATOM   638  O  O2    . C   B 2 19 ? -6.616  -54.191 -3.455  1.00 129.43 ? 88  C   B O2    1 
ATOM   639  N  N3    . C   B 2 19 ? -6.235  -52.679 -1.807  1.00 130.35 ? 88  C   B N3    1 
ATOM   640  C  C4    . C   B 2 19 ? -5.733  -51.485 -1.447  1.00 130.93 ? 88  C   B C4    1 
ATOM   641  N  N4    . C   B 2 19 ? -5.820  -51.121 -0.151  1.00 130.74 ? 88  C   B N4    1 
ATOM   642  C  C5    . C   B 2 19 ? -5.115  -50.605 -2.394  1.00 130.57 ? 88  C   B C5    1 
ATOM   643  C  C6    . C   B 2 19 ? -5.053  -51.014 -3.674  1.00 130.56 ? 88  C   B C6    1 
ATOM   644  O  OP3   . C   C 3 1  ? -5.866  -37.649 -0.580  1.00 123.53 ? 90  C   C OP3   1 
ATOM   645  P  P     . C   C 3 1  ? -4.413  -37.009 -0.914  1.00 124.27 ? 90  C   C P     1 
ATOM   646  O  OP1   . C   C 3 1  ? -4.247  -36.774 -2.390  1.00 123.74 ? 90  C   C OP1   1 
ATOM   647  O  OP2   . C   C 3 1  ? -4.139  -35.888 0.040   1.00 124.43 ? 90  C   C OP2   1 
ATOM   648  O  "O5'" . C   C 3 1  ? -3.501  -38.249 -0.500  1.00 122.82 ? 90  C   C "O5'" 1 
ATOM   649  C  "C5'" . C   C 3 1  ? -2.079  -38.106 -0.288  1.00 119.82 ? 90  C   C "C5'" 1 
ATOM   650  C  "C4'" . C   C 3 1  ? -1.330  -38.692 -1.457  1.00 117.72 ? 90  C   C "C4'" 1 
ATOM   651  O  "O4'" . C   C 3 1  ? -1.991  -39.932 -1.855  1.00 116.60 ? 90  C   C "O4'" 1 
ATOM   652  C  "C3'" . C   C 3 1  ? -1.356  -37.865 -2.731  1.00 116.95 ? 90  C   C "C3'" 1 
ATOM   653  O  "O3'" . C   C 3 1  ? -0.401  -36.820 -2.779  1.00 116.13 ? 90  C   C "O3'" 1 
ATOM   654  C  "C2'" . C   C 3 1  ? -1.129  -38.915 -3.810  1.00 116.29 ? 90  C   C "C2'" 1 
ATOM   655  O  "O2'" . C   C 3 1  ? 0.225   -39.319 -3.896  1.00 117.32 ? 90  C   C "O2'" 1 
ATOM   656  C  "C1'" . C   C 3 1  ? -1.951  -40.076 -3.269  1.00 114.66 ? 90  C   C "C1'" 1 
ATOM   657  N  N1    . C   C 3 1  ? -3.324  -39.973 -3.797  1.00 111.16 ? 90  C   C N1    1 
ATOM   658  C  C2    . C   C 3 1  ? -3.600  -40.499 -5.062  1.00 109.10 ? 90  C   C C2    1 
ATOM   659  O  O2    . C   C 3 1  ? -2.691  -41.055 -5.697  1.00 110.17 ? 90  C   C O2    1 
ATOM   660  N  N3    . C   C 3 1  ? -4.849  -40.387 -5.564  1.00 107.03 ? 90  C   C N3    1 
ATOM   661  C  C4    . C   C 3 1  ? -5.797  -39.781 -4.855  1.00 106.04 ? 90  C   C C4    1 
ATOM   662  N  N4    . C   C 3 1  ? -7.010  -39.692 -5.396  1.00 105.94 ? 90  C   C N4    1 
ATOM   663  C  C5    . C   C 3 1  ? -5.547  -39.241 -3.565  1.00 106.63 ? 90  C   C C5    1 
ATOM   664  C  C6    . C   C 3 1  ? -4.310  -39.360 -3.077  1.00 107.99 ? 90  C   C C6    1 
ATOM   665  P  P     . C   C 3 2  ? -0.540  -35.702 -3.929  1.00 115.50 ? 91  C   C P     1 
ATOM   666  O  OP1   . C   C 3 2  ? 0.669   -34.817 -3.887  1.00 115.45 ? 91  C   C OP1   1 
ATOM   667  O  OP2   . C   C 3 2  ? -1.912  -35.108 -3.794  1.00 115.69 ? 91  C   C OP2   1 
ATOM   668  O  "O5'" . C   C 3 2  ? -0.483  -36.557 -5.274  1.00 113.61 ? 91  C   C "O5'" 1 
ATOM   669  C  "C5'" . C   C 3 2  ? 0.586   -37.497 -5.476  1.00 111.45 ? 91  C   C "C5'" 1 
ATOM   670  C  "C4'" . C   C 3 2  ? 0.494   -38.114 -6.838  1.00 109.62 ? 91  C   C "C4'" 1 
ATOM   671  O  "O4'" . C   C 3 2  ? -0.626  -39.030 -6.917  1.00 109.10 ? 91  C   C "O4'" 1 
ATOM   672  C  "C3'" . C   C 3 2  ? 0.208   -37.106 -7.920  1.00 109.19 ? 91  C   C "C3'" 1 
ATOM   673  O  "O3'" . C   C 3 2  ? 1.359   -36.428 -8.317  1.00 108.27 ? 91  C   C "O3'" 1 
ATOM   674  C  "C2'" . C   C 3 2  ? -0.398  -37.947 -9.022  1.00 108.72 ? 91  C   C "C2'" 1 
ATOM   675  O  "O2'" . C   C 3 2  ? 0.588   -38.597 -9.797  1.00 108.63 ? 91  C   C "O2'" 1 
ATOM   676  C  "C1'" . C   C 3 2  ? -1.203  -38.956 -8.209  1.00 108.92 ? 91  C   C "C1'" 1 
ATOM   677  N  N1    . C   C 3 2  ? -2.578  -38.476 -8.075  1.00 109.18 ? 91  C   C N1    1 
ATOM   678  C  C2    . C   C 3 2  ? -3.329  -38.257 -9.243  1.00 108.89 ? 91  C   C C2    1 
ATOM   679  O  O2    . C   C 3 2  ? -2.804  -38.477 -10.353 1.00 108.53 ? 91  C   C O2    1 
ATOM   680  N  N3    . C   C 3 2  ? -4.597  -37.811 -9.134  1.00 108.86 ? 91  C   C N3    1 
ATOM   681  C  C4    . C   C 3 2  ? -5.118  -37.574 -7.923  1.00 109.54 ? 91  C   C C4    1 
ATOM   682  N  N4    . C   C 3 2  ? -6.372  -37.124 -7.860  1.00 109.83 ? 91  C   C N4    1 
ATOM   683  C  C5    . C   C 3 2  ? -4.375  -37.787 -6.723  1.00 110.00 ? 91  C   C C5    1 
ATOM   684  C  C6    . C   C 3 2  ? -3.121  -38.233 -6.844  1.00 109.65 ? 91  C   C C6    1 
ATOM   685  P  P     . C   C 3 3  ? 1.247   -34.877 -8.645  1.00 107.38 ? 92  C   C P     1 
ATOM   686  O  OP1   . C   C 3 3  ? 2.062   -34.136 -7.641  1.00 107.30 ? 92  C   C OP1   1 
ATOM   687  O  OP2   . C   C 3 3  ? -0.216  -34.597 -8.758  1.00 106.68 ? 92  C   C OP2   1 
ATOM   688  O  "O5'" . C   C 3 3  ? 1.915   -34.782 -10.088 1.00 106.08 ? 92  C   C "O5'" 1 
ATOM   689  C  "C5'" . C   C 3 3  ? 1.343   -33.953 -11.096 1.00 103.65 ? 92  C   C "C5'" 1 
ATOM   690  C  "C4'" . C   C 3 3  ? 0.728   -34.794 -12.183 1.00 101.60 ? 92  C   C "C4'" 1 
ATOM   691  O  "O4'" . C   C 3 3  ? -0.213  -35.751 -11.630 1.00 100.73 ? 92  C   C "O4'" 1 
ATOM   692  C  "C3'" . C   C 3 3  ? -0.102  -33.980 -13.149 1.00 100.66 ? 92  C   C "C3'" 1 
ATOM   693  O  "O3'" . C   C 3 3  ? 0.735   -33.378 -14.099 1.00 99.74  ? 92  C   C "O3'" 1 
ATOM   694  C  "C2'" . C   C 3 3  ? -1.071  -35.000 -13.729 1.00 100.31 ? 92  C   C "C2'" 1 
ATOM   695  O  "O2'" . C   C 3 3  ? -0.559  -35.754 -14.809 1.00 100.22 ? 92  C   C "O2'" 1 
ATOM   696  C  "C1'" . C   C 3 3  ? -1.318  -35.898 -12.516 1.00 100.55 ? 92  C   C "C1'" 1 
ATOM   697  N  N1    . C   C 3 3  ? -2.540  -35.515 -11.794 1.00 100.81 ? 92  C   C N1    1 
ATOM   698  C  C2    . C   C 3 3  ? -3.720  -35.251 -12.526 1.00 100.15 ? 92  C   C C2    1 
ATOM   699  O  O2    . C   C 3 3  ? -3.697  -35.344 -13.768 1.00 100.12 ? 92  C   C O2    1 
ATOM   700  N  N3    . C   C 3 3  ? -4.845  -34.901 -11.855 1.00 99.83  ? 92  C   C N3    1 
ATOM   701  C  C4    . C   C 3 3  ? -4.824  -34.810 -10.515 1.00 100.28 ? 92  C   C C4    1 
ATOM   702  N  N4    . C   C 3 3  ? -5.951  -34.468 -9.881  1.00 100.31 ? 92  C   C N4    1 
ATOM   703  C  C5    . C   C 3 3  ? -3.642  -35.070 -9.759  1.00 101.26 ? 92  C   C C5    1 
ATOM   704  C  C6    . C   C 3 3  ? -2.536  -35.416 -10.431 1.00 101.00 ? 92  C   C C6    1 
ATOM   705  P  P     . C   C 3 4  ? 0.649   -31.802 -14.311 1.00 98.96  ? 93  C   C P     1 
ATOM   706  O  OP1   . C   C 3 4  ? 2.033   -31.259 -14.307 1.00 98.78  ? 93  C   C OP1   1 
ATOM   707  O  OP2   . C   C 3 4  ? -0.353  -31.310 -13.321 1.00 98.62  ? 93  C   C OP2   1 
ATOM   708  O  "O5'" . C   C 3 4  ? 0.031   -31.689 -15.767 1.00 97.62  ? 93  C   C "O5'" 1 
ATOM   709  C  "C5'" . C   C 3 4  ? -0.988  -32.601 -16.154 1.00 96.28  ? 93  C   C "C5'" 1 
ATOM   710  C  "C4'" . C   C 3 4  ? -2.016  -31.905 -16.984 1.00 95.53  ? 93  C   C "C4'" 1 
ATOM   711  O  "O4'" . C   C 3 4  ? -3.254  -32.633 -16.831 1.00 94.68  ? 93  C   C "O4'" 1 
ATOM   712  C  "C3'" . C   C 3 4  ? -2.359  -30.476 -16.606 1.00 95.89  ? 93  C   C "C3'" 1 
ATOM   713  O  "O3'" . C   C 3 4  ? -1.459  -29.518 -17.164 1.00 97.60  ? 93  C   C "O3'" 1 
ATOM   714  C  "C2'" . C   C 3 4  ? -3.781  -30.354 -17.134 1.00 95.22  ? 93  C   C "C2'" 1 
ATOM   715  O  "O2'" . C   C 3 4  ? -3.870  -30.171 -18.535 1.00 95.54  ? 93  C   C "O2'" 1 
ATOM   716  C  "C1'" . C   C 3 4  ? -4.334  -31.731 -16.786 1.00 93.91  ? 93  C   C "C1'" 1 
ATOM   717  N  N1    . C   C 3 4  ? -4.758  -31.679 -15.390 1.00 92.32  ? 93  C   C N1    1 
ATOM   718  C  C2    . C   C 3 4  ? -6.110  -31.751 -15.092 1.00 91.86  ? 93  C   C C2    1 
ATOM   719  O  O2    . C   C 3 4  ? -6.929  -31.874 -16.034 1.00 90.92  ? 93  C   C O2    1 
ATOM   720  N  N3    . C   C 3 4  ? -6.495  -31.684 -13.793 1.00 90.68  ? 93  C   C N3    1 
ATOM   721  C  C4    . C   C 3 4  ? -5.578  -31.548 -12.826 1.00 89.84  ? 93  C   C C4    1 
ATOM   722  N  N4    . C   C 3 4  ? -5.996  -31.480 -11.562 1.00 88.28  ? 93  C   C N4    1 
ATOM   723  C  C5    . C   C 3 4  ? -4.191  -31.475 -13.114 1.00 90.52  ? 93  C   C C5    1 
ATOM   724  C  C6    . C   C 3 4  ? -3.828  -31.547 -14.393 1.00 91.01  ? 93  C   C C6    1 
ATOM   725  P  P     . A   C 3 5  ? -1.430  -28.012 -16.573 1.00 98.69  ? 94  A   C P     1 
ATOM   726  O  OP1   . A   C 3 5  ? -0.549  -27.141 -17.413 1.00 98.62  ? 94  A   C OP1   1 
ATOM   727  O  OP2   . A   C 3 5  ? -1.192  -28.105 -15.106 1.00 98.85  ? 94  A   C OP2   1 
ATOM   728  O  "O5'" . A   C 3 5  ? -2.924  -27.514 -16.793 1.00 98.51  ? 94  A   C "O5'" 1 
ATOM   729  C  "C5'" . A   C 3 5  ? -3.507  -27.575 -18.100 1.00 98.43  ? 94  A   C "C5'" 1 
ATOM   730  C  "C4'" . A   C 3 5  ? -4.957  -27.181 -18.045 1.00 97.95  ? 94  A   C "C4'" 1 
ATOM   731  O  "O4'" . A   C 3 5  ? -5.717  -28.189 -17.326 1.00 97.59  ? 94  A   C "O4'" 1 
ATOM   732  C  "C3'" . A   C 3 5  ? -5.253  -25.894 -17.302 1.00 97.49  ? 94  A   C "C3'" 1 
ATOM   733  O  "O3'" . A   C 3 5  ? -4.980  -24.729 -18.050 1.00 96.05  ? 94  A   C "O3'" 1 
ATOM   734  C  "C2'" . A   C 3 5  ? -6.711  -26.076 -16.910 1.00 97.50  ? 94  A   C "C2'" 1 
ATOM   735  O  "O2'" . A   C 3 5  ? -7.615  -25.808 -17.975 1.00 97.67  ? 94  A   C "O2'" 1 
ATOM   736  C  "C1'" . A   C 3 5  ? -6.729  -27.561 -16.558 1.00 97.16  ? 94  A   C "C1'" 1 
ATOM   737  N  N9    . A   C 3 5  ? -6.362  -27.690 -15.149 1.00 96.26  ? 94  A   C N9    1 
ATOM   738  C  C8    . A   C 3 5  ? -5.113  -27.858 -14.583 1.00 95.45  ? 94  A   C C8    1 
ATOM   739  N  N7    . A   C 3 5  ? -5.132  -27.917 -13.269 1.00 95.35  ? 94  A   C N7    1 
ATOM   740  C  C5    . A   C 3 5  ? -6.479  -27.781 -12.950 1.00 94.64  ? 94  A   C C5    1 
ATOM   741  C  C6    . A   C 3 5  ? -7.171  -27.762 -11.722 1.00 93.78  ? 94  A   C C6    1 
ATOM   742  N  N6    . A   C 3 5  ? -6.590  -27.886 -10.529 1.00 92.53  ? 94  A   C N6    1 
ATOM   743  N  N1    . A   C 3 5  ? -8.511  -27.608 -11.766 1.00 94.01  ? 94  A   C N1    1 
ATOM   744  C  C2    . A   C 3 5  ? -9.113  -27.480 -12.964 1.00 94.50  ? 94  A   C C2    1 
ATOM   745  N  N3    . A   C 3 5  ? -8.578  -27.483 -14.181 1.00 94.31  ? 94  A   C N3    1 
ATOM   746  C  C4    . A   C 3 5  ? -7.245  -27.640 -14.103 1.00 95.38  ? 94  A   C C4    1 
ATOM   747  P  P     . U   C 3 6  ? -4.498  -23.414 -17.275 1.00 94.83  ? 95  U   C P     1 
ATOM   748  O  OP1   . U   C 3 6  ? -4.001  -22.488 -18.329 1.00 94.00  ? 95  U   C OP1   1 
ATOM   749  O  OP2   . U   C 3 6  ? -3.593  -23.831 -16.158 1.00 93.63  ? 95  U   C OP2   1 
ATOM   750  O  "O5'" . U   C 3 6  ? -5.859  -22.861 -16.652 1.00 93.72  ? 95  U   C "O5'" 1 
ATOM   751  C  "C5'" . U   C 3 6  ? -7.030  -22.735 -17.493 1.00 93.40  ? 95  U   C "C5'" 1 
ATOM   752  C  "C4'" . U   C 3 6  ? -8.276  -22.457 -16.673 1.00 92.48  ? 95  U   C "C4'" 1 
ATOM   753  O  "O4'" . U   C 3 6  ? -8.679  -23.650 -15.953 1.00 91.68  ? 95  U   C "O4'" 1 
ATOM   754  C  "C3'" . U   C 3 6  ? -8.170  -21.400 -15.588 1.00 92.75  ? 95  U   C "C3'" 1 
ATOM   755  O  "O3'" . U   C 3 6  ? -8.238  -20.057 -16.021 1.00 93.56  ? 95  U   C "O3'" 1 
ATOM   756  C  "C2'" . U   C 3 6  ? -9.303  -21.779 -14.647 1.00 91.37  ? 95  U   C "C2'" 1 
ATOM   757  O  "O2'" . U   C 3 6  ? -10.581 -21.367 -15.107 1.00 91.95  ? 95  U   C "O2'" 1 
ATOM   758  C  "C1'" . U   C 3 6  ? -9.206  -23.293 -14.685 1.00 89.91  ? 95  U   C "C1'" 1 
ATOM   759  N  N1    . U   C 3 6  ? -8.233  -23.682 -13.661 1.00 86.12  ? 95  U   C N1    1 
ATOM   760  C  C2    . U   C 3 6  ? -8.678  -23.767 -12.362 1.00 84.40  ? 95  U   C C2    1 
ATOM   761  O  O2    . U   C 3 6  ? -9.826  -23.531 -12.038 1.00 82.59  ? 95  U   C O2    1 
ATOM   762  N  N3    . U   C 3 6  ? -7.728  -24.132 -11.453 1.00 83.39  ? 95  U   C N3    1 
ATOM   763  C  C4    . U   C 3 6  ? -6.407  -24.407 -11.704 1.00 84.14  ? 95  U   C C4    1 
ATOM   764  O  O4    . U   C 3 6  ? -5.672  -24.722 -10.771 1.00 84.16  ? 95  U   C O4    1 
ATOM   765  C  C5    . U   C 3 6  ? -6.021  -24.288 -13.076 1.00 84.42  ? 95  U   C C5    1 
ATOM   766  C  C6    . U   C 3 6  ? -6.926  -23.940 -13.982 1.00 84.73  ? 95  U   C C6    1 
ATOM   767  P  P     . G   C 3 7  ? -7.775  -18.896 -15.003 1.00 93.15  ? 96  G   C P     1 
ATOM   768  O  OP1   . G   C 3 7  ? -7.706  -17.607 -15.756 1.00 94.00  ? 96  G   C OP1   1 
ATOM   769  O  OP2   . G   C 3 7  ? -6.598  -19.351 -14.181 1.00 92.46  ? 96  G   C OP2   1 
ATOM   770  O  "O5'" . G   C 3 7  ? -8.999  -18.830 -14.006 1.00 90.07  ? 96  G   C "O5'" 1 
ATOM   771  C  "C5'" . G   C 3 7  ? -8.842  -18.244 -12.748 1.00 83.92  ? 96  G   C "C5'" 1 
ATOM   772  C  "C4'" . G   C 3 7  ? -10.169 -18.139 -12.079 1.00 79.66  ? 96  G   C "C4'" 1 
ATOM   773  O  "O4'" . G   C 3 7  ? -10.702 -19.456 -11.807 1.00 78.78  ? 96  G   C "O4'" 1 
ATOM   774  C  "C3'" . G   C 3 7  ? -10.135 -17.429 -10.759 1.00 77.19  ? 96  G   C "C3'" 1 
ATOM   775  O  "O3'" . G   C 3 7  ? -10.118 -16.044 -10.987 1.00 72.21  ? 96  G   C "O3'" 1 
ATOM   776  C  "C2'" . G   C 3 7  ? -11.357 -18.005 -10.067 1.00 77.53  ? 96  G   C "C2'" 1 
ATOM   777  O  "O2'" . G   C 3 7  ? -12.546 -17.409 -10.549 1.00 78.29  ? 96  G   C "O2'" 1 
ATOM   778  C  "C1'" . G   C 3 7  ? -11.274 -19.468 -10.516 1.00 77.66  ? 96  G   C "C1'" 1 
ATOM   779  N  N9    . G   C 3 7  ? -10.275 -20.131 -9.686  1.00 76.75  ? 96  G   C N9    1 
ATOM   780  C  C8    . G   C 3 7  ? -9.138  -20.744 -10.145 1.00 76.93  ? 96  G   C C8    1 
ATOM   781  N  N7    . G   C 3 7  ? -8.392  -21.224 -9.192  1.00 76.36  ? 96  G   C N7    1 
ATOM   782  C  C5    . G   C 3 7  ? -9.081  -20.918 -8.034  1.00 74.85  ? 96  G   C C5    1 
ATOM   783  C  C6    . G   C 3 7  ? -8.761  -21.191 -6.703  1.00 74.35  ? 96  G   C C6    1 
ATOM   784  O  O6    . G   C 3 7  ? -7.777  -21.786 -6.261  1.00 74.97  ? 96  G   C O6    1 
ATOM   785  N  N1    . G   C 3 7  ? -9.723  -20.701 -5.837  1.00 75.89  ? 96  G   C N1    1 
ATOM   786  C  C2    . G   C 3 7  ? -10.860 -20.036 -6.214  1.00 76.98  ? 96  G   C C2    1 
ATOM   787  N  N2    . G   C 3 7  ? -11.680 -19.642 -5.219  1.00 78.59  ? 96  G   C N2    1 
ATOM   788  N  N3    . G   C 3 7  ? -11.174 -19.775 -7.469  1.00 76.75  ? 96  G   C N3    1 
ATOM   789  C  C4    . G   C 3 7  ? -10.247 -20.243 -8.320  1.00 75.86  ? 96  G   C C4    1 
ATOM   790  P  P     . C   C 3 8  ? -8.980  -15.175 -10.298 1.00 69.43  ? 97  C   C P     1 
ATOM   791  O  OP1   . C   C 3 8  ? -9.185  -13.776 -10.718 1.00 69.82  ? 97  C   C OP1   1 
ATOM   792  O  OP2   . C   C 3 8  ? -7.683  -15.833 -10.549 1.00 68.89  ? 97  C   C OP2   1 
ATOM   793  O  "O5'" . C   C 3 8  ? -9.359  -15.347 -8.767  1.00 67.27  ? 97  C   C "O5'" 1 
ATOM   794  C  "C5'" . C   C 3 8  ? -10.744 -15.446 -8.394  1.00 64.81  ? 97  C   C "C5'" 1 
ATOM   795  C  "C4'" . C   C 3 8  ? -10.889 -15.559 -6.905  1.00 63.43  ? 97  C   C "C4'" 1 
ATOM   796  O  "O4'" . C   C 3 8  ? -10.668 -16.920 -6.483  1.00 63.36  ? 97  C   C "O4'" 1 
ATOM   797  C  "C3'" . C   C 3 8  ? -9.882  -14.760 -6.119  1.00 63.06  ? 97  C   C "C3'" 1 
ATOM   798  O  "O3'" . C   C 3 8  ? -10.286 -13.425 -5.994  1.00 64.53  ? 97  C   C "O3'" 1 
ATOM   799  C  "C2'" . C   C 3 8  ? -9.851  -15.483 -4.789  1.00 62.27  ? 97  C   C "C2'" 1 
ATOM   800  O  "O2'" . C   C 3 8  ? -10.940 -15.136 -3.973  1.00 61.46  ? 97  C   C "O2'" 1 
ATOM   801  C  "C1'" . C   C 3 8  ? -10.024 -16.932 -5.225  1.00 62.91  ? 97  C   C "C1'" 1 
ATOM   802  N  N1    . C   C 3 8  ? -8.741  -17.634 -5.355  1.00 64.10  ? 97  C   C N1    1 
ATOM   803  C  C2    . C   C 3 8  ? -7.978  -17.830 -4.218  1.00 65.26  ? 97  C   C C2    1 
ATOM   804  O  O2    . C   C 3 8  ? -8.401  -17.412 -3.147  1.00 68.74  ? 97  C   C O2    1 
ATOM   805  N  N3    . C   C 3 8  ? -6.801  -18.467 -4.308  1.00 65.78  ? 97  C   C N3    1 
ATOM   806  C  C4    . C   C 3 8  ? -6.377  -18.908 -5.484  1.00 66.67  ? 97  C   C C4    1 
ATOM   807  N  N4    . C   C 3 8  ? -5.199  -19.537 -5.526  1.00 67.57  ? 97  C   C N4    1 
ATOM   808  C  C5    . C   C 3 8  ? -7.137  -18.725 -6.671  1.00 66.53  ? 97  C   C C5    1 
ATOM   809  C  C6    . C   C 3 8  ? -8.303  -18.087 -6.562  1.00 64.88  ? 97  C   C C6    1 
ATOM   810  P  P     . G   C 3 9  ? -9.200  -12.317 -5.621  1.00 65.64  ? 98  G   C P     1 
ATOM   811  O  OP1   . G   C 3 9  ? -9.759  -10.980 -5.915  1.00 67.03  ? 98  G   C OP1   1 
ATOM   812  O  OP2   . G   C 3 9  ? -7.927  -12.728 -6.247  1.00 65.09  ? 98  G   C OP2   1 
ATOM   813  O  "O5'" . G   C 3 9  ? -9.079  -12.468 -4.046  1.00 65.13  ? 98  G   C "O5'" 1 
ATOM   814  C  "C5'" . G   C 3 9  ? -7.905  -12.049 -3.371  1.00 63.43  ? 98  G   C "C5'" 1 
ATOM   815  C  "C4'" . G   C 3 9  ? -7.443  -13.119 -2.428  1.00 62.63  ? 98  G   C "C4'" 1 
ATOM   816  O  "O4'" . G   C 3 9  ? -7.533  -14.421 -3.040  1.00 62.20  ? 98  G   C "O4'" 1 
ATOM   817  C  "C3'" . G   C 3 9  ? -5.997  -12.972 -2.055  1.00 62.20  ? 98  G   C "C3'" 1 
ATOM   818  O  "O3'" . G   C 3 9  ? -5.965  -12.041 -1.007  1.00 63.43  ? 98  G   C "O3'" 1 
ATOM   819  C  "C2'" . G   C 3 9  ? -5.596  -14.388 -1.666  1.00 61.33  ? 98  G   C "C2'" 1 
ATOM   820  O  "O2'" . G   C 3 9  ? -5.959  -14.693 -0.341  1.00 59.35  ? 98  G   C "O2'" 1 
ATOM   821  C  "C1'" . G   C 3 9  ? -6.442  -15.220 -2.631  1.00 61.60  ? 98  G   C "C1'" 1 
ATOM   822  N  N9    . G   C 3 9  ? -5.788  -15.701 -3.844  1.00 61.75  ? 98  G   C N9    1 
ATOM   823  C  C8    . G   C 3 9  ? -6.345  -15.720 -5.098  1.00 62.06  ? 98  G   C C8    1 
ATOM   824  N  N7    . G   C 3 9  ? -5.552  -16.212 -6.007  1.00 61.72  ? 98  G   C N7    1 
ATOM   825  C  C5    . G   C 3 9  ? -4.398  -16.532 -5.316  1.00 61.51  ? 98  G   C C5    1 
ATOM   826  C  C6    . G   C 3 9  ? -3.194  -17.096 -5.779  1.00 61.11  ? 98  G   C C6    1 
ATOM   827  O  O6    . G   C 3 9  ? -2.893  -17.430 -6.935  1.00 62.53  ? 98  G   C O6    1 
ATOM   828  N  N1    . G   C 3 9  ? -2.281  -17.263 -4.746  1.00 60.44  ? 98  G   C N1    1 
ATOM   829  C  C2    . G   C 3 9  ? -2.507  -16.928 -3.433  1.00 60.21  ? 98  G   C C2    1 
ATOM   830  N  N2    . G   C 3 9  ? -1.509  -17.176 -2.581  1.00 59.03  ? 98  G   C N2    1 
ATOM   831  N  N3    . G   C 3 9  ? -3.629  -16.394 -2.988  1.00 60.67  ? 98  G   C N3    1 
ATOM   832  C  C4    . G   C 3 9  ? -4.526  -16.225 -3.976  1.00 61.52  ? 98  G   C C4    1 
ATOM   833  P  P     . A   C 3 10 ? -5.504  -10.543 -1.314  1.00 64.17  ? 99  A   C P     1 
ATOM   834  O  OP1   . A   C 3 10 ? -6.516  -9.594  -0.804  1.00 63.56  ? 99  A   C OP1   1 
ATOM   835  O  OP2   . A   C 3 10 ? -5.130  -10.499 -2.745  1.00 65.14  ? 99  A   C OP2   1 
ATOM   836  O  "O5'" . A   C 3 10 ? -4.146  -10.456 -0.488  1.00 64.63  ? 99  A   C "O5'" 1 
ATOM   837  C  "C5'" . A   C 3 10 ? -4.103  -10.109 0.915   1.00 64.10  ? 99  A   C "C5'" 1 
ATOM   838  C  "C4'" . A   C 3 10 ? -4.750  -11.171 1.785   1.00 62.75  ? 99  A   C "C4'" 1 
ATOM   839  O  "O4'" . A   C 3 10 ? -4.470  -12.520 1.316   1.00 62.81  ? 99  A   C "O4'" 1 
ATOM   840  C  "C3'" . A   C 3 10 ? -4.220  -11.165 3.203   1.00 61.97  ? 99  A   C "C3'" 1 
ATOM   841  O  "O3'" . A   C 3 10 ? -4.851  -10.173 3.968   1.00 61.51  ? 99  A   C "O3'" 1 
ATOM   842  C  "C2'" . A   C 3 10 ? -4.540  -12.567 3.690   1.00 62.46  ? 99  A   C "C2'" 1 
ATOM   843  O  "O2'" . A   C 3 10 ? -5.881  -12.687 4.083   1.00 64.19  ? 99  A   C "O2'" 1 
ATOM   844  C  "C1'" . A   C 3 10 ? -4.337  -13.398 2.428   1.00 62.49  ? 99  A   C "C1'" 1 
ATOM   845  N  N9    . A   C 3 10 ? -3.018  -14.034 2.394   1.00 62.26  ? 99  A   C N9    1 
ATOM   846  C  C8    . A   C 3 10 ? -2.149  -14.137 1.343   1.00 62.29  ? 99  A   C C8    1 
ATOM   847  N  N7    . A   C 3 10 ? -1.032  -14.757 1.637   1.00 61.75  ? 99  A   C N7    1 
ATOM   848  C  C5    . A   C 3 10 ? -1.181  -15.089 2.970   1.00 60.58  ? 99  A   C C5    1 
ATOM   849  C  C6    . A   C 3 10 ? -0.345  -15.743 3.862   1.00 60.07  ? 99  A   C C6    1 
ATOM   850  N  N6    . A   C 3 10 ? 0.845   -16.214 3.532   1.00 58.90  ? 99  A   C N6    1 
ATOM   851  N  N1    . A   C 3 10 ? -0.775  -15.902 5.122   1.00 60.29  ? 99  A   C N1    1 
ATOM   852  C  C2    . A   C 3 10 ? -1.977  -15.432 5.448   1.00 61.14  ? 99  A   C C2    1 
ATOM   853  N  N3    . A   C 3 10 ? -2.863  -14.799 4.693   1.00 61.60  ? 99  A   C N3    1 
ATOM   854  C  C4    . A   C 3 10 ? -2.398  -14.655 3.448   1.00 61.23  ? 99  A   C C4    1 
ATOM   855  P  P     . G   C 3 11 ? -3.960  -9.106  4.756   1.00 62.91  ? 100 G   C P     1 
ATOM   856  O  OP1   . G   C 3 11 ? -4.842  -8.202  5.510   1.00 63.62  ? 100 G   C OP1   1 
ATOM   857  O  OP2   . G   C 3 11 ? -2.956  -8.532  3.823   1.00 63.68  ? 100 G   C OP2   1 
ATOM   858  O  "O5'" . G   C 3 11 ? -3.228  -9.983  5.850   1.00 64.47  ? 100 G   C "O5'" 1 
ATOM   859  C  "C5'" . G   C 3 11 ? -3.762  -10.101 7.179   1.00 65.48  ? 100 G   C "C5'" 1 
ATOM   860  C  "C4'" . G   C 3 11 ? -2.804  -10.893 8.003   1.00 66.60  ? 100 G   C "C4'" 1 
ATOM   861  O  "O4'" . G   C 3 11 ? -2.601  -12.152 7.344   1.00 66.34  ? 100 G   C "O4'" 1 
ATOM   862  C  "C3'" . G   C 3 11 ? -1.431  -10.270 8.118   1.00 67.24  ? 100 G   C "C3'" 1 
ATOM   863  O  "O3'" . G   C 3 11 ? -1.441  -9.483  9.295   1.00 69.61  ? 100 G   C "O3'" 1 
ATOM   864  C  "C2'" . G   C 3 11 ? -0.539  -11.483 8.308   1.00 66.74  ? 100 G   C "C2'" 1 
ATOM   865  O  "O2'" . G   C 3 11 ? -0.536  -11.919 9.645   1.00 67.28  ? 100 G   C "O2'" 1 
ATOM   866  C  "C1'" . G   C 3 11 ? -1.254  -12.525 7.444   1.00 65.89  ? 100 G   C "C1'" 1 
ATOM   867  N  N9    . G   C 3 11 ? -0.780  -12.659 6.078   1.00 65.18  ? 100 G   C N9    1 
ATOM   868  C  C8    . G   C 3 11 ? -1.536  -12.538 4.945   1.00 64.65  ? 100 G   C C8    1 
ATOM   869  N  N7    . G   C 3 11 ? -0.861  -12.737 3.855   1.00 63.89  ? 100 G   C N7    1 
ATOM   870  C  C5    . G   C 3 11 ? 0.419   -13.003 4.297   1.00 65.34  ? 100 G   C C5    1 
ATOM   871  C  C6    . G   C 3 11 ? 1.589   -13.288 3.573   1.00 66.12  ? 100 G   C C6    1 
ATOM   872  O  O6    . G   C 3 11 ? 1.732   -13.382 2.355   1.00 66.91  ? 100 G   C O6    1 
ATOM   873  N  N1    . G   C 3 11 ? 2.673   -13.474 4.412   1.00 67.34  ? 100 G   C N1    1 
ATOM   874  C  C2    . G   C 3 11 ? 2.631   -13.398 5.778   1.00 69.20  ? 100 G   C C2    1 
ATOM   875  N  N2    . G   C 3 11 ? 3.782   -13.605 6.416   1.00 73.59  ? 100 G   C N2    1 
ATOM   876  N  N3    . G   C 3 11 ? 1.543   -13.137 6.468   1.00 68.05  ? 100 G   C N3    1 
ATOM   877  C  C4    . G   C 3 11 ? 0.483   -12.951 5.668   1.00 65.94  ? 100 G   C C4    1 
ATOM   878  P  P     . A   C 3 12 ? -0.949  -7.962  9.242   1.00 72.44  ? 101 A   C P     1 
ATOM   879  O  OP1   . A   C 3 12 ? -1.178  -7.352  10.580  1.00 72.53  ? 101 A   C OP1   1 
ATOM   880  O  OP2   . A   C 3 12 ? -1.527  -7.332  8.036   1.00 71.93  ? 101 A   C OP2   1 
ATOM   881  O  "O5'" . A   C 3 12 ? 0.618   -8.092  9.041   1.00 74.32  ? 101 A   C "O5'" 1 
ATOM   882  C  "C5'" . A   C 3 12 ? 1.469   -8.443  10.147  1.00 76.12  ? 101 A   C "C5'" 1 
ATOM   883  C  "C4'" . A   C 3 12 ? 2.876   -8.662  9.660   1.00 76.40  ? 101 A   C "C4'" 1 
ATOM   884  O  "O4'" . A   C 3 12 ? 2.932   -9.856  8.848   1.00 74.93  ? 101 A   C "O4'" 1 
ATOM   885  C  "C3'" . A   C 3 12 ? 3.404   -7.554  8.778   1.00 76.94  ? 101 A   C "C3'" 1 
ATOM   886  O  "O3'" . A   C 3 12 ? 3.979   -6.564  9.616   1.00 79.59  ? 101 A   C "O3'" 1 
ATOM   887  C  "C2'" . A   C 3 12 ? 4.459   -8.275  7.957   1.00 75.77  ? 101 A   C "C2'" 1 
ATOM   888  O  "O2'" . A   C 3 12 ? 5.643   -8.414  8.704   1.00 76.65  ? 101 A   C "O2'" 1 
ATOM   889  C  "C1'" . A   C 3 12 ? 3.835   -9.661  7.792   1.00 74.50  ? 101 A   C "C1'" 1 
ATOM   890  N  N9    . A   C 3 12 ? 3.097   -9.870  6.559   1.00 72.75  ? 101 A   C N9    1 
ATOM   891  C  C8    . A   C 3 12 ? 1.798   -10.272 6.438   1.00 72.61  ? 101 A   C C8    1 
ATOM   892  N  N7    . A   C 3 12 ? 1.398   -10.394 5.200   1.00 73.25  ? 101 A   C N7    1 
ATOM   893  C  C5    . A   C 3 12 ? 2.514   -10.045 4.460   1.00 72.50  ? 101 A   C C5    1 
ATOM   894  C  C6    . A   C 3 12 ? 2.740   -9.973  3.088   1.00 72.27  ? 101 A   C C6    1 
ATOM   895  N  N6    . A   C 3 12 ? 1.818   -10.255 2.173   1.00 73.12  ? 101 A   C N6    1 
ATOM   896  N  N1    . A   C 3 12 ? 3.961   -9.591  2.676   1.00 72.03  ? 101 A   C N1    1 
ATOM   897  C  C2    . A   C 3 12 ? 4.879   -9.302  3.595   1.00 72.52  ? 101 A   C C2    1 
ATOM   898  N  N3    . A   C 3 12 ? 4.785   -9.332  4.913   1.00 72.16  ? 101 A   C N3    1 
ATOM   899  C  C4    . A   C 3 12 ? 3.562   -9.717  5.285   1.00 72.15  ? 101 A   C C4    1 
ATOM   900  P  P     . G   C 3 13 ? 4.201   -5.073  9.061   1.00 82.74  ? 102 G   C P     1 
ATOM   901  O  OP1   . G   C 3 13 ? 5.204   -4.462  9.989   1.00 82.71  ? 102 G   C OP1   1 
ATOM   902  O  OP2   . G   C 3 13 ? 2.881   -4.407  8.869   1.00 83.47  ? 102 G   C OP2   1 
ATOM   903  O  "O5'" . G   C 3 13 ? 4.872   -5.293  7.627   1.00 81.92  ? 102 G   C "O5'" 1 
ATOM   904  C  "C5'" . G   C 3 13 ? 6.182   -5.863  7.549   1.00 81.77  ? 102 G   C "C5'" 1 
ATOM   905  C  "C4'" . G   C 3 13 ? 6.760   -5.798  6.152   1.00 80.24  ? 102 G   C "C4'" 1 
ATOM   906  O  "O4'" . G   C 3 13 ? 6.050   -6.707  5.267   1.00 80.42  ? 102 G   C "O4'" 1 
ATOM   907  C  "C3'" . G   C 3 13 ? 6.660   -4.458  5.448   1.00 79.53  ? 102 G   C "C3'" 1 
ATOM   908  O  "O3'" . G   C 3 13 ? 7.700   -3.575  5.814   1.00 79.65  ? 102 G   C "O3'" 1 
ATOM   909  C  "C2'" . G   C 3 13 ? 6.786   -4.844  3.986   1.00 79.53  ? 102 G   C "C2'" 1 
ATOM   910  O  "O2'" . G   C 3 13 ? 8.130   -5.032  3.622   1.00 79.35  ? 102 G   C "O2'" 1 
ATOM   911  C  "C1'" . G   C 3 13 ? 6.078   -6.194  3.949   1.00 80.08  ? 102 G   C "C1'" 1 
ATOM   912  N  N9    . G   C 3 13 ? 4.739   -6.141  3.368   1.00 80.87  ? 102 G   C N9    1 
ATOM   913  C  C8    . G   C 3 13 ? 3.535   -6.003  4.010   1.00 80.92  ? 102 G   C C8    1 
ATOM   914  N  N7    . G   C 3 13 ? 2.527   -5.947  3.185   1.00 80.62  ? 102 G   C N7    1 
ATOM   915  C  C5    . G   C 3 13 ? 3.102   -6.066  1.926   1.00 80.80  ? 102 G   C C5    1 
ATOM   916  C  C6    . G   C 3 13 ? 2.511   -6.070  0.638   1.00 82.32  ? 102 G   C C6    1 
ATOM   917  O  O6    . G   C 3 13 ? 1.324   -5.974  0.334   1.00 83.91  ? 102 G   C O6    1 
ATOM   918  N  N1    . G   C 3 13 ? 3.458   -6.206  -0.361  1.00 82.21  ? 102 G   C N1    1 
ATOM   919  C  C2    . G   C 3 13 ? 4.791   -6.332  -0.160  1.00 82.20  ? 102 G   C C2    1 
ATOM   920  N  N2    . G   C 3 13 ? 5.528   -6.459  -1.267  1.00 84.34  ? 102 G   C N2    1 
ATOM   921  N  N3    . G   C 3 13 ? 5.361   -6.334  1.030   1.00 81.52  ? 102 G   C N3    1 
ATOM   922  C  C4    . G   C 3 13 ? 4.460   -6.195  2.023   1.00 80.76  ? 102 G   C C4    1 
ATOM   923  P  P     . U   C 3 14 ? 7.509   -1.999  5.580   1.00 80.52  ? 103 U   C P     1 
ATOM   924  O  OP1   . U   C 3 14 ? 8.744   -1.317  6.050   1.00 80.71  ? 103 U   C OP1   1 
ATOM   925  O  OP2   . U   C 3 14 ? 6.205   -1.619  6.165   1.00 80.50  ? 103 U   C OP2   1 
ATOM   926  O  "O5'" . U   C 3 14 ? 7.403   -1.857  3.994   1.00 78.12  ? 103 U   C "O5'" 1 
ATOM   927  C  "C5'" . U   C 3 14 ? 8.566   -2.042  3.198   1.00 76.21  ? 103 U   C "C5'" 1 
ATOM   928  C  "C4'" . U   C 3 14 ? 8.259   -1.931  1.725   1.00 75.09  ? 103 U   C "C4'" 1 
ATOM   929  O  "O4'" . U   C 3 14 ? 7.339   -2.981  1.316   1.00 74.54  ? 103 U   C "O4'" 1 
ATOM   930  C  "C3'" . U   C 3 14 ? 7.570   -0.660  1.281   1.00 74.85  ? 103 U   C "C3'" 1 
ATOM   931  O  "O3'" . U   C 3 14 ? 8.471   0.423   1.149   1.00 76.31  ? 103 U   C "O3'" 1 
ATOM   932  C  "C2'" . U   C 3 14 ? 6.919   -1.081  -0.034  1.00 74.14  ? 103 U   C "C2'" 1 
ATOM   933  O  "O2'" . U   C 3 14 ? 7.797   -1.103  -1.137  1.00 73.65  ? 103 U   C "O2'" 1 
ATOM   934  C  "C1'" . U   C 3 14 ? 6.503   -2.514  0.270   1.00 73.98  ? 103 U   C "C1'" 1 
ATOM   935  N  N1    . U   C 3 14 ? 5.101   -2.552  0.708   1.00 73.24  ? 103 U   C N1    1 
ATOM   936  C  C2    . U   C 3 14 ? 4.151   -3.075  -0.163  1.00 72.34  ? 103 U   C C2    1 
ATOM   937  O  O2    . U   C 3 14 ? 4.428   -3.539  -1.257  1.00 72.51  ? 103 U   C O2    1 
ATOM   938  N  N3    . U   C 3 14 ? 2.863   -3.028  0.303   1.00 71.20  ? 103 U   C N3    1 
ATOM   939  C  C4    . U   C 3 14 ? 2.438   -2.526  1.521   1.00 71.07  ? 103 U   C C4    1 
ATOM   940  O  O4    . U   C 3 14 ? 1.245   -2.545  1.800   1.00 72.13  ? 103 U   C O4    1 
ATOM   941  C  C5    . U   C 3 14 ? 3.475   -2.022  2.358   1.00 71.03  ? 103 U   C C5    1 
ATOM   942  C  C6    . U   C 3 14 ? 4.739   -2.054  1.936   1.00 72.35  ? 103 U   C C6    1 
ATOM   943  P  P     . A   C 3 15 ? 7.895   1.920   1.147   1.00 76.58  ? 104 A   C P     1 
ATOM   944  O  OP1   . A   C 3 15 ? 8.990   2.856   0.808   1.00 76.17  ? 104 A   C OP1   1 
ATOM   945  O  OP2   . A   C 3 15 ? 7.137   2.118   2.411   1.00 76.40  ? 104 A   C OP2   1 
ATOM   946  O  "O5'" . A   C 3 15 ? 6.880   1.883   -0.084  1.00 76.50  ? 104 A   C "O5'" 1 
ATOM   947  C  "C5'" . A   C 3 15 ? 7.323   1.405   -1.372  1.00 76.51  ? 104 A   C "C5'" 1 
ATOM   948  C  "C4'" . A   C 3 15 ? 6.236   1.544   -2.416  1.00 76.43  ? 104 A   C "C4'" 1 
ATOM   949  O  "O4'" . A   C 3 15 ? 5.262   0.474   -2.286  1.00 75.52  ? 104 A   C "O4'" 1 
ATOM   950  C  "C3'" . A   C 3 15 ? 5.414   2.819   -2.346  1.00 76.98  ? 104 A   C "C3'" 1 
ATOM   951  O  "O3'" . A   C 3 15 ? 6.055   3.891   -3.002  1.00 78.55  ? 104 A   C "O3'" 1 
ATOM   952  C  "C2'" . A   C 3 15 ? 4.129   2.424   -3.054  1.00 76.08  ? 104 A   C "C2'" 1 
ATOM   953  O  "O2'" . A   C 3 15 ? 4.246   2.505   -4.458  1.00 76.25  ? 104 A   C "O2'" 1 
ATOM   954  C  "C1'" . A   C 3 15 ? 3.974   0.965   -2.627  1.00 75.09  ? 104 A   C "C1'" 1 
ATOM   955  N  N9    . A   C 3 15 ? 3.091   0.854   -1.469  1.00 72.93  ? 104 A   C N9    1 
ATOM   956  C  C8    . A   C 3 15 ? 3.412   0.711   -0.149  1.00 72.76  ? 104 A   C C8    1 
ATOM   957  N  N7    . A   C 3 15 ? 2.373   0.671   0.646   1.00 72.10  ? 104 A   C N7    1 
ATOM   958  C  C5    . A   C 3 15 ? 1.297   0.795   -0.212  1.00 70.89  ? 104 A   C C5    1 
ATOM   959  C  C6    . A   C 3 15 ? -0.082  0.834   0.010   1.00 71.05  ? 104 A   C C6    1 
ATOM   960  N  N6    . A   C 3 15 ? -0.647  0.751   1.212   1.00 72.61  ? 104 A   C N6    1 
ATOM   961  N  N1    . A   C 3 15 ? -0.880  0.963   -1.061  1.00 71.42  ? 104 A   C N1    1 
ATOM   962  C  C2    . A   C 3 15 ? -0.317  1.048   -2.269  1.00 71.75  ? 104 A   C C2    1 
ATOM   963  N  N3    . A   C 3 15 ? 0.961   1.028   -2.603  1.00 70.51  ? 104 A   C N3    1 
ATOM   964  C  C4    . A   C 3 15 ? 1.726   0.900   -1.515  1.00 70.78  ? 104 A   C C4    1 
ATOM   965  P  P     . G   C 3 16 ? 5.958   5.365   -2.382  1.00 79.93  ? 105 G   C P     1 
ATOM   966  O  OP1   . G   C 3 16 ? 6.440   6.309   -3.417  1.00 80.32  ? 105 G   C OP1   1 
ATOM   967  O  OP2   . G   C 3 16 ? 6.582   5.370   -1.036  1.00 79.81  ? 105 G   C OP2   1 
ATOM   968  O  "O5'" . G   C 3 16 ? 4.402   5.583   -2.209  1.00 80.14  ? 105 G   C "O5'" 1 
ATOM   969  C  "C5'" . G   C 3 16 ? 3.577   5.670   -3.353  1.00 82.05  ? 105 G   C "C5'" 1 
ATOM   970  C  "C4'" . G   C 3 16 ? 2.150   5.783   -2.936  1.00 83.99  ? 105 G   C "C4'" 1 
ATOM   971  O  "O4'" . G   C 3 16 ? 1.763   4.563   -2.260  1.00 84.28  ? 105 G   C "O4'" 1 
ATOM   972  C  "C3'" . G   C 3 16 ? 1.867   6.864   -1.913  1.00 85.30  ? 105 G   C "C3'" 1 
ATOM   973  O  "O3'" . G   C 3 16 ? 1.746   8.149   -2.481  1.00 87.99  ? 105 G   C "O3'" 1 
ATOM   974  C  "C2'" . G   C 3 16 ? 0.590   6.361   -1.256  1.00 84.45  ? 105 G   C "C2'" 1 
ATOM   975  O  "O2'" . G   C 3 16 ? -0.585  6.610   -2.006  1.00 84.19  ? 105 G   C "O2'" 1 
ATOM   976  C  "C1'" . G   C 3 16 ? 0.853   4.862   -1.217  1.00 83.36  ? 105 G   C "C1'" 1 
ATOM   977  N  N9    . G   C 3 16 ? 1.491   4.552   0.051   1.00 81.50  ? 105 G   C N9    1 
ATOM   978  C  C8    . G   C 3 16 ? 2.816   4.276   0.286   1.00 81.02  ? 105 G   C C8    1 
ATOM   979  N  N7    . G   C 3 16 ? 3.075   4.077   1.548   1.00 80.72  ? 105 G   C N7    1 
ATOM   980  C  C5    . G   C 3 16 ? 1.844   4.223   2.176   1.00 80.47  ? 105 G   C C5    1 
ATOM   981  C  C6    . G   C 3 16 ? 1.485   4.115   3.548   1.00 80.25  ? 105 G   C C6    1 
ATOM   982  O  O6    . G   C 3 16 ? 2.206   3.864   4.518   1.00 80.76  ? 105 G   C O6    1 
ATOM   983  N  N1    . G   C 3 16 ? 0.127   4.338   3.738   1.00 80.10  ? 105 G   C N1    1 
ATOM   984  C  C2    . G   C 3 16 ? -0.769  4.630   2.743   1.00 80.50  ? 105 G   C C2    1 
ATOM   985  N  N2    . G   C 3 16 ? -2.037  4.825   3.121   1.00 81.11  ? 105 G   C N2    1 
ATOM   986  N  N3    . G   C 3 16 ? -0.449  4.727   1.468   1.00 80.21  ? 105 G   C N3    1 
ATOM   987  C  C4    . G   C 3 16 ? 0.862   4.513   1.260   1.00 80.57  ? 105 G   C C4    1 
ATOM   988  P  P     . G   C 3 17 ? 1.814   9.437   -1.528  1.00 89.30  ? 106 G   C P     1 
ATOM   989  O  OP1   . G   C 3 17 ? 1.927   10.626  -2.399  1.00 90.63  ? 106 G   C OP1   1 
ATOM   990  O  OP2   . G   C 3 17 ? 2.828   9.206   -0.462  1.00 88.75  ? 106 G   C OP2   1 
ATOM   991  O  "O5'" . G   C 3 17 ? 0.377   9.450   -0.860  1.00 89.40  ? 106 G   C "O5'" 1 
ATOM   992  C  "C5'" . G   C 3 17 ? 0.133   10.187  0.329   1.00 90.07  ? 106 G   C "C5'" 1 
ATOM   993  C  "C4'" . G   C 3 17 ? -1.038  9.597   1.069   1.00 91.07  ? 106 G   C "C4'" 1 
ATOM   994  O  "O4'" . G   C 3 17 ? -0.760  8.222   1.422   1.00 90.03  ? 106 G   C "O4'" 1 
ATOM   995  C  "C3'" . G   C 3 17 ? -1.345  10.275  2.384   1.00 92.26  ? 106 G   C "C3'" 1 
ATOM   996  O  "O3'" . G   C 3 17 ? -2.127  11.417  2.118   1.00 95.95  ? 106 G   C "O3'" 1 
ATOM   997  C  "C2'" . G   C 3 17 ? -2.063  9.181   3.162   1.00 91.08  ? 106 G   C "C2'" 1 
ATOM   998  O  "O2'" . G   C 3 17 ? -3.420  9.060   2.782   1.00 90.25  ? 106 G   C "O2'" 1 
ATOM   999  C  "C1'" . G   C 3 17 ? -1.296  7.939   2.701   1.00 89.49  ? 106 G   C "C1'" 1 
ATOM   1000 N  N9    . G   C 3 17 ? -0.175  7.574   3.563   1.00 87.38  ? 106 G   C N9    1 
ATOM   1001 C  C8    . G   C 3 17 ? 1.122   7.338   3.159   1.00 86.90  ? 106 G   C C8    1 
ATOM   1002 N  N7    . G   C 3 17 ? 1.916   7.018   4.142   1.00 85.89  ? 106 G   C N7    1 
ATOM   1003 C  C5    . G   C 3 17 ? 1.098   7.046   5.263   1.00 85.89  ? 106 G   C C5    1 
ATOM   1004 C  C6    . G   C 3 17 ? 1.400   6.787   6.614   1.00 85.85  ? 106 G   C C6    1 
ATOM   1005 O  O6    . G   C 3 17 ? 2.494   6.471   7.109   1.00 86.69  ? 106 G   C O6    1 
ATOM   1006 N  N1    . G   C 3 17 ? 0.277   6.929   7.425   1.00 84.39  ? 106 G   C N1    1 
ATOM   1007 C  C2    . G   C 3 17 ? -0.975  7.282   6.985   1.00 83.87  ? 106 G   C C2    1 
ATOM   1008 N  N2    . G   C 3 17 ? -1.926  7.370   7.918   1.00 84.13  ? 106 G   C N2    1 
ATOM   1009 N  N3    . G   C 3 17 ? -1.271  7.530   5.726   1.00 84.37  ? 106 G   C N3    1 
ATOM   1010 C  C4    . G   C 3 17 ? -0.195  7.393   4.923   1.00 85.77  ? 106 G   C C4    1 
ATOM   1011 P  P     . G   C 3 18 ? -1.400  12.836  1.899   1.00 98.98  ? 107 G   C P     1 
ATOM   1012 O  OP1   . G   C 3 18 ? -1.949  13.447  0.652   1.00 98.94  ? 107 G   C OP1   1 
ATOM   1013 O  OP2   . G   C 3 18 ? 0.091   12.689  2.053   1.00 98.41  ? 107 G   C OP2   1 
ATOM   1014 O  "O5'" . G   C 3 18 ? -1.945  13.679  3.133   1.00 99.91  ? 107 G   C "O5'" 1 
ATOM   1015 C  "C5'" . G   C 3 18 ? -1.179  13.802  4.330   1.00 100.91 ? 107 G   C "C5'" 1 
ATOM   1016 C  "C4'" . G   C 3 18 ? -1.792  12.983  5.437   1.00 101.16 ? 107 G   C "C4'" 1 
ATOM   1017 O  "O4'" . G   C 3 18 ? -1.367  11.601  5.326   1.00 100.09 ? 107 G   C "O4'" 1 
ATOM   1018 C  "C3'" . G   C 3 18 ? -1.299  13.393  6.806   1.00 102.05 ? 107 G   C "C3'" 1 
ATOM   1019 O  "O3'" . G   C 3 18 ? -1.974  14.540  7.263   1.00 103.66 ? 107 G   C "O3'" 1 
ATOM   1020 C  "C2'" . G   C 3 18 ? -1.485  12.141  7.649   1.00 101.09 ? 107 G   C "C2'" 1 
ATOM   1021 O  "O2'" . G   C 3 18 ? -2.782  11.960  8.193   1.00 101.00 ? 107 G   C "O2'" 1 
ATOM   1022 C  "C1'" . G   C 3 18 ? -1.147  11.063  6.623   1.00 99.94  ? 107 G   C "C1'" 1 
ATOM   1023 N  N9    . G   C 3 18 ? 0.251   10.671  6.716   1.00 98.48  ? 107 G   C N9    1 
ATOM   1024 C  C8    . G   C 3 18 ? 1.133   10.481  5.681   1.00 98.24  ? 107 G   C C8    1 
ATOM   1025 N  N7    . G   C 3 18 ? 2.316   10.095  6.077   1.00 98.05  ? 107 G   C N7    1 
ATOM   1026 C  C5    . G   C 3 18 ? 2.208   10.034  7.458   1.00 98.00  ? 107 G   C C5    1 
ATOM   1027 C  C6    . G   C 3 18 ? 3.162   9.661   8.434   1.00 97.79  ? 107 G   C C6    1 
ATOM   1028 O  O6    . G   C 3 18 ? 4.324   9.284   8.266   1.00 97.15  ? 107 G   C O6    1 
ATOM   1029 N  N1    . G   C 3 18 ? 2.639   9.748   9.718   1.00 98.26  ? 107 G   C N1    1 
ATOM   1030 C  C2    . G   C 3 18 ? 1.356   10.138  10.024  1.00 99.29  ? 107 G   C C2    1 
ATOM   1031 N  N2    . G   C 3 18 ? 1.036   10.158  11.324  1.00 100.64 ? 107 G   C N2    1 
ATOM   1032 N  N3    . G   C 3 18 ? 0.453   10.481  9.122   1.00 98.71  ? 107 G   C N3    1 
ATOM   1033 C  C4    . G   C 3 18 ? 0.944   10.403  7.868   1.00 98.12  ? 107 G   C C4    1 
ATOM   1034 P  P     . A   C 3 19 ? -1.102  15.810  7.684   1.00 105.08 ? 108 A   C P     1 
ATOM   1035 O  OP1   . A   C 3 19 ? -2.038  16.883  8.146   1.00 105.80 ? 108 A   C OP1   1 
ATOM   1036 O  OP2   . A   C 3 19 ? -0.153  16.082  6.554   1.00 104.28 ? 108 A   C OP2   1 
ATOM   1037 O  "O5'" . A   C 3 19 ? -0.260  15.242  8.916   1.00 103.61 ? 108 A   C "O5'" 1 
ATOM   1038 C  "C5'" . A   C 3 19 ? -0.917  14.770  10.112  1.00 102.14 ? 108 A   C "C5'" 1 
ATOM   1039 C  "C4'" . A   C 3 19 ? 0.111   14.401  11.141  1.00 101.37 ? 108 A   C "C4'" 1 
ATOM   1040 O  "O4'" . A   C 3 19 ? 0.754   13.171  10.734  1.00 100.66 ? 108 A   C "O4'" 1 
ATOM   1041 C  "C3'" . A   C 3 19 ? 1.260   15.393  11.252  1.00 101.52 ? 108 A   C "C3'" 1 
ATOM   1042 O  "O3'" . A   C 3 19 ? 1.016   16.545  12.048  1.00 101.69 ? 108 A   C "O3'" 1 
ATOM   1043 C  "C2'" . A   C 3 19 ? 2.394   14.541  11.797  1.00 101.07 ? 108 A   C "C2'" 1 
ATOM   1044 O  "O2'" . A   C 3 19 ? 2.420   14.421  13.205  1.00 101.42 ? 108 A   C "O2'" 1 
ATOM   1045 C  "C1'" . A   C 3 19 ? 2.124   13.213  11.093  1.00 100.79 ? 108 A   C "C1'" 1 
ATOM   1046 N  N9    . A   C 3 19 ? 2.914   13.168  9.874   1.00 100.31 ? 108 A   C N9    1 
ATOM   1047 C  C8    . A   C 3 19 ? 2.636   13.685  8.631   1.00 100.88 ? 108 A   C C8    1 
ATOM   1048 N  N7    . A   C 3 19 ? 3.592   13.491  7.755   1.00 101.10 ? 108 A   C N7    1 
ATOM   1049 C  C5    . A   C 3 19 ? 4.560   12.792  8.470   1.00 101.01 ? 108 A   C C5    1 
ATOM   1050 C  C6    . A   C 3 19 ? 5.832   12.278  8.117   1.00 101.26 ? 108 A   C C6    1 
ATOM   1051 N  N6    . A   C 3 19 ? 6.376   12.390  6.896   1.00 101.80 ? 108 A   C N6    1 
ATOM   1052 N  N1    . A   C 3 19 ? 6.535   11.635  9.080   1.00 101.52 ? 108 A   C N1    1 
ATOM   1053 C  C2    . A   C 3 19 ? 5.994   11.523  10.308  1.00 100.80 ? 108 A   C C2    1 
ATOM   1054 N  N3    . A   C 3 19 ? 4.820   11.962  10.756  1.00 100.30 ? 108 A   C N3    1 
ATOM   1055 C  C4    . A   C 3 19 ? 4.149   12.590  9.777   1.00 100.57 ? 108 A   C C4    1 
ATOM   1056 P  P     . A   C 3 20 ? 1.971   17.827  11.865  1.00 101.84 ? 109 A   C P     1 
ATOM   1057 O  OP1   . A   C 3 20 ? 2.181   18.466  13.192  1.00 102.08 ? 109 A   C OP1   1 
ATOM   1058 O  OP2   . A   C 3 20 ? 1.481   18.644  10.716  1.00 101.26 ? 109 A   C OP2   1 
ATOM   1059 O  "O5'" . A   C 3 20 ? 3.352   17.163  11.437  1.00 102.76 ? 109 A   C "O5'" 1 
ATOM   1060 C  "C5'" . A   C 3 20 ? 4.588   17.733  11.850  1.00 104.73 ? 109 A   C "C5'" 1 
ATOM   1061 C  "C4'" . A   C 3 20 ? 5.254   16.852  12.878  1.00 105.73 ? 109 A   C "C4'" 1 
ATOM   1062 O  "O4'" . A   C 3 20 ? 5.431   15.511  12.354  1.00 105.82 ? 109 A   C "O4'" 1 
ATOM   1063 C  "C3'" . A   C 3 20 ? 6.652   17.303  13.253  1.00 107.12 ? 109 A   C "C3'" 1 
ATOM   1064 O  "O3'" . A   C 3 20 ? 6.624   18.351  14.216  1.00 107.74 ? 109 A   C "O3'" 1 
ATOM   1065 C  "C2'" . A   C 3 20 ? 7.313   16.018  13.737  1.00 106.63 ? 109 A   C "C2'" 1 
ATOM   1066 O  "O2'" . A   C 3 20 ? 7.058   15.709  15.097  1.00 107.57 ? 109 A   C "O2'" 1 
ATOM   1067 C  "C1'" . A   C 3 20 ? 6.675   14.986  12.800  1.00 106.61 ? 109 A   C "C1'" 1 
ATOM   1068 N  N9    . A   C 3 20 ? 7.499   14.726  11.618  1.00 106.93 ? 109 A   C N9    1 
ATOM   1069 C  C8    . A   C 3 20 ? 8.770   14.187  11.567  1.00 106.96 ? 109 A   C C8    1 
ATOM   1070 N  N7    . A   C 3 20 ? 9.246   14.070  10.347  1.00 107.21 ? 109 A   C N7    1 
ATOM   1071 C  C5    . A   C 3 20 ? 8.225   14.565  9.538   1.00 107.39 ? 109 A   C C5    1 
ATOM   1072 C  C6    . A   C 3 20 ? 8.098   14.710  8.127   1.00 107.21 ? 109 A   C C6    1 
ATOM   1073 N  N6    . A   C 3 20 ? 9.050   14.354  7.247   1.00 106.89 ? 109 A   C N6    1 
ATOM   1074 N  N1    . A   C 3 20 ? 6.942   15.240  7.651   1.00 107.39 ? 109 A   C N1    1 
ATOM   1075 C  C2    . A   C 3 20 ? 5.987   15.596  8.529   1.00 106.81 ? 109 A   C C2    1 
ATOM   1076 N  N3    . A   C 3 20 ? 5.987   15.508  9.863   1.00 106.27 ? 109 A   C N3    1 
ATOM   1077 C  C4    . A   C 3 20 ? 7.144   14.978  10.309  1.00 107.11 ? 109 A   C C4    1 
ATOM   1078 P  P     . C   C 3 21 ? 7.290   19.759  13.844  1.00 108.22 ? 110 C   C P     1 
ATOM   1079 O  OP1   . C   C 3 21 ? 7.755   20.436  15.083  1.00 108.78 ? 110 C   C OP1   1 
ATOM   1080 O  OP2   . C   C 3 21 ? 6.358   20.464  12.914  1.00 107.87 ? 110 C   C OP2   1 
ATOM   1081 O  "O5'" . C   C 3 21 ? 8.598   19.302  13.071  1.00 108.87 ? 110 C   C "O5'" 1 
ATOM   1082 C  "C5'" . C   C 3 21 ? 9.625   18.579  13.766  1.00 110.03 ? 110 C   C "C5'" 1 
ATOM   1083 C  "C4'" . C   C 3 21 ? 10.745  18.277  12.823  1.00 110.99 ? 110 C   C "C4'" 1 
ATOM   1084 O  "O4'" . C   C 3 21 ? 10.398  17.131  12.011  1.00 111.04 ? 110 C   C "O4'" 1 
ATOM   1085 C  "C3'" . C   C 3 21 ? 11.026  19.384  11.824  1.00 112.13 ? 110 C   C "C3'" 1 
ATOM   1086 O  "O3'" . C   C 3 21 ? 11.779  20.463  12.369  1.00 113.61 ? 110 C   C "O3'" 1 
ATOM   1087 C  "C2'" . C   C 3 21 ? 11.682  18.622  10.680  1.00 111.76 ? 110 C   C "C2'" 1 
ATOM   1088 O  "O2'" . C   C 3 21 ? 13.054  18.317  10.842  1.00 112.02 ? 110 C   C "O2'" 1 
ATOM   1089 C  "C1'" . C   C 3 21 ? 10.868  17.333  10.689  1.00 110.95 ? 110 C   C "C1'" 1 
ATOM   1090 N  N1    . C   C 3 21 ? 9.704   17.590  9.837   1.00 110.16 ? 110 C   C N1    1 
ATOM   1091 C  C2    . C   C 3 21 ? 9.878   17.568  8.457   1.00 110.00 ? 110 C   C C2    1 
ATOM   1092 O  O2    . C   C 3 21 ? 11.010  17.326  7.998   1.00 110.09 ? 110 C   C O2    1 
ATOM   1093 N  N3    . C   C 3 21 ? 8.821   17.815  7.656   1.00 110.06 ? 110 C   C N3    1 
ATOM   1094 C  C4    . C   C 3 21 ? 7.625   18.076  8.190   1.00 109.55 ? 110 C   C C4    1 
ATOM   1095 N  N4    . C   C 3 21 ? 6.606   18.303  7.353   1.00 110.42 ? 110 C   C N4    1 
ATOM   1096 C  C5    . C   C 3 21 ? 7.421   18.109  9.599   1.00 108.86 ? 110 C   C C5    1 
ATOM   1097 C  C6    . C   C 3 21 ? 8.477   17.862  10.378  1.00 108.93 ? 110 C   C C6    1 
ATOM   1098 P  P     . U   C 3 22 ? 11.369  21.987  12.004  1.00 114.50 ? 111 U   C P     1 
ATOM   1099 O  OP1   . U   C 3 22 ? 12.024  22.909  12.988  1.00 114.97 ? 111 U   C OP1   1 
ATOM   1100 O  OP2   . U   C 3 22 ? 9.885   22.054  11.793  1.00 114.56 ? 111 U   C OP2   1 
ATOM   1101 O  "O5'" . U   C 3 22 ? 12.057  22.227  10.593  1.00 113.42 ? 111 U   C "O5'" 1 
ATOM   1102 C  "C5'" . U   C 3 22 ? 13.432  21.902  10.401  1.00 112.30 ? 111 U   C "C5'" 1 
ATOM   1103 C  "C4'" . U   C 3 22 ? 13.708  21.806  8.942   1.00 111.49 ? 111 U   C "C4'" 1 
ATOM   1104 O  "O4'" . U   C 3 22 ? 12.908  20.732  8.385   1.00 111.63 ? 111 U   C "O4'" 1 
ATOM   1105 C  "C3'" . U   C 3 22 ? 13.271  23.036  8.166   1.00 110.88 ? 111 U   C "C3'" 1 
ATOM   1106 O  "O3'" . U   C 3 22 ? 14.262  24.056  8.215   1.00 108.78 ? 111 U   C "O3'" 1 
ATOM   1107 C  "C2'" . U   C 3 22 ? 13.041  22.478  6.767   1.00 111.63 ? 111 U   C "C2'" 1 
ATOM   1108 O  "O2'" . U   C 3 22 ? 14.219  22.342  5.993   1.00 111.42 ? 111 U   C "O2'" 1 
ATOM   1109 C  "C1'" . U   C 3 22 ? 12.481  21.092  7.084   1.00 112.17 ? 111 U   C "C1'" 1 
ATOM   1110 N  N1    . U   C 3 22 ? 11.013  21.064  7.030   1.00 113.11 ? 111 U   C N1    1 
ATOM   1111 C  C2    . U   C 3 22 ? 10.438  21.329  5.799   1.00 113.60 ? 111 U   C C2    1 
ATOM   1112 O  O2    . U   C 3 22 ? 11.099  21.586  4.802   1.00 113.97 ? 111 U   C O2    1 
ATOM   1113 N  N3    . U   C 3 22 ? 9.068   21.283  5.772   1.00 113.77 ? 111 U   C N3    1 
ATOM   1114 C  C4    . U   C 3 22 ? 8.229   21.010  6.825   1.00 113.96 ? 111 U   C C4    1 
ATOM   1115 O  O4    . U   C 3 22 ? 7.010   21.008  6.633   1.00 113.73 ? 111 U   C O4    1 
ATOM   1116 C  C5    . U   C 3 22 ? 8.898   20.752  8.077   1.00 114.18 ? 111 U   C C5    1 
ATOM   1117 C  C6    . U   C 3 22 ? 10.236  20.788  8.134   1.00 113.54 ? 111 U   C C6    1 
ATOM   1118 P  P     . G   C 3 23 ? 13.925  25.525  7.651   1.00 106.37 ? 112 G   C P     1 
ATOM   1119 O  OP1   . G   C 3 23 ? 15.132  26.363  7.907   1.00 106.47 ? 112 G   C OP1   1 
ATOM   1120 O  OP2   . G   C 3 23 ? 12.581  25.975  8.149   1.00 105.78 ? 112 G   C OP2   1 
ATOM   1121 O  "O5'" . G   C 3 23 ? 13.794  25.289  6.082   1.00 103.47 ? 112 G   C "O5'" 1 
ATOM   1122 C  "C5'" . G   C 3 23 ? 13.119  26.236  5.263   1.00 99.47  ? 112 G   C "C5'" 1 
ATOM   1123 C  "C4'" . G   C 3 23 ? 12.981  25.703  3.872   1.00 96.29  ? 112 G   C "C4'" 1 
ATOM   1124 O  "O4'" . G   C 3 23 ? 12.137  24.532  3.867   1.00 96.49  ? 112 G   C "O4'" 1 
ATOM   1125 C  "C3'" . G   C 3 23 ? 12.299  26.670  2.936   1.00 94.15  ? 112 G   C "C3'" 1 
ATOM   1126 O  "O3'" . G   C 3 23 ? 13.316  27.519  2.445   1.00 90.32  ? 112 G   C "O3'" 1 
ATOM   1127 C  "C2'" . G   C 3 23 ? 11.714  25.758  1.864   1.00 94.54  ? 112 G   C "C2'" 1 
ATOM   1128 O  "O2'" . G   C 3 23 ? 12.646  25.387  0.869   1.00 94.48  ? 112 G   C "O2'" 1 
ATOM   1129 C  "C1'" . G   C 3 23 ? 11.362  24.516  2.682   1.00 95.64  ? 112 G   C "C1'" 1 
ATOM   1130 N  N9    . G   C 3 23 ? 9.959   24.363  3.048   1.00 95.26  ? 112 G   C N9    1 
ATOM   1131 C  C8    . G   C 3 23 ? 9.443   24.264  4.315   1.00 94.83  ? 112 G   C C8    1 
ATOM   1132 N  N7    . G   C 3 23 ? 8.151   24.100  4.328   1.00 94.75  ? 112 G   C N7    1 
ATOM   1133 C  C5    . G   C 3 23 ? 7.791   24.102  2.990   1.00 95.01  ? 112 G   C C5    1 
ATOM   1134 C  C6    . G   C 3 23 ? 6.518   23.967  2.386   1.00 95.62  ? 112 G   C C6    1 
ATOM   1135 O  O6    . G   C 3 23 ? 5.422   23.815  2.931   1.00 95.92  ? 112 G   C O6    1 
ATOM   1136 N  N1    . G   C 3 23 ? 6.600   24.022  0.997   1.00 96.21  ? 112 G   C N1    1 
ATOM   1137 C  C2    . G   C 3 23 ? 7.767   24.184  0.281   1.00 96.78  ? 112 G   C C2    1 
ATOM   1138 N  N2    . G   C 3 23 ? 7.646   24.207  -1.063  1.00 97.08  ? 112 G   C N2    1 
ATOM   1139 N  N3    . G   C 3 23 ? 8.965   24.313  0.839   1.00 96.31  ? 112 G   C N3    1 
ATOM   1140 C  C4    . G   C 3 23 ? 8.899   24.264  2.188   1.00 95.14  ? 112 G   C C4    1 
ATOM   1141 P  P     . C   C 3 24 ? 12.954  29.001  1.984   1.00 87.38  ? 113 C   C P     1 
ATOM   1142 O  OP1   . C   C 3 24 ? 14.192  29.589  1.392   1.00 86.86  ? 113 C   C OP1   1 
ATOM   1143 O  OP2   . C   C 3 24 ? 12.266  29.689  3.106   1.00 88.04  ? 113 C   C OP2   1 
ATOM   1144 O  "O5'" . C   C 3 24 ? 11.880  28.735  0.850   1.00 83.81  ? 113 C   C "O5'" 1 
ATOM   1145 C  "C5'" . C   C 3 24 ? 12.247  28.015  -0.328  1.00 79.59  ? 113 C   C "C5'" 1 
ATOM   1146 C  "C4'" . C   C 3 24 ? 11.261  28.309  -1.400  1.00 75.70  ? 113 C   C "C4'" 1 
ATOM   1147 O  "O4'" . C   C 3 24 ? 10.192  27.353  -1.355  1.00 75.14  ? 113 C   C "O4'" 1 
ATOM   1148 C  "C3'" . C   C 3 24 ? 10.601  29.655  -1.225  1.00 73.01  ? 113 C   C "C3'" 1 
ATOM   1149 O  "O3'" . C   C 3 24 ? 11.449  30.651  -1.759  1.00 70.14  ? 113 C   C "O3'" 1 
ATOM   1150 C  "C2'" . C   C 3 24 ? 9.287   29.464  -1.962  1.00 72.78  ? 113 C   C "C2'" 1 
ATOM   1151 O  "O2'" . C   C 3 24 ? 9.429   29.587  -3.355  1.00 71.20  ? 113 C   C "O2'" 1 
ATOM   1152 C  "C1'" . C   C 3 24 ? 8.974   28.003  -1.635  1.00 74.33  ? 113 C   C "C1'" 1 
ATOM   1153 N  N1    . C   C 3 24 ? 8.131   27.827  -0.450  1.00 75.93  ? 113 C   C N1    1 
ATOM   1154 C  C2    . C   C 3 24 ? 6.742   27.942  -0.579  1.00 77.29  ? 113 C   C C2    1 
ATOM   1155 O  O2    . C   C 3 24 ? 6.264   28.215  -1.686  1.00 78.42  ? 113 C   C O2    1 
ATOM   1156 N  N3    . C   C 3 24 ? 5.963   27.754  0.505   1.00 77.93  ? 113 C   C N3    1 
ATOM   1157 C  C4    . C   C 3 24 ? 6.521   27.463  1.686   1.00 78.55  ? 113 C   C C4    1 
ATOM   1158 N  N4    . C   C 3 24 ? 5.708   27.285  2.737   1.00 79.66  ? 113 C   C N4    1 
ATOM   1159 C  C5    . C   C 3 24 ? 7.936   27.344  1.847   1.00 77.74  ? 113 C   C C5    1 
ATOM   1160 C  C6    . C   C 3 24 ? 8.694   27.535  0.763   1.00 76.20  ? 113 C   C C6    1 
ATOM   1161 P  P     . C   C 3 25 ? 11.076  32.191  -1.576  1.00 67.52  ? 114 C   C P     1 
ATOM   1162 O  OP1   . C   C 3 25 ? 12.254  32.983  -1.987  1.00 67.69  ? 114 C   C OP1   1 
ATOM   1163 O  OP2   . C   C 3 25 ? 10.501  32.375  -0.219  1.00 67.61  ? 114 C   C OP2   1 
ATOM   1164 O  "O5'" . C   C 3 25 ? 9.948   32.387  -2.672  1.00 64.09  ? 114 C   C "O5'" 1 
ATOM   1165 C  "C5'" . C   C 3 25 ? 9.021   33.433  -2.569  1.00 60.33  ? 114 C   C "C5'" 1 
ATOM   1166 C  "C4'" . C   C 3 25 ? 7.768   33.072  -3.301  1.00 58.90  ? 114 C   C "C4'" 1 
ATOM   1167 O  "O4'" . C   C 3 25 ? 7.331   31.750  -2.927  1.00 58.46  ? 114 C   C "O4'" 1 
ATOM   1168 C  "C3'" . C   C 3 25 ? 6.619   33.966  -2.946  1.00 58.89  ? 114 C   C "C3'" 1 
ATOM   1169 O  "O3'" . C   C 3 25 ? 6.728   35.129  -3.708  1.00 59.45  ? 114 C   C "O3'" 1 
ATOM   1170 C  "C2'" . C   C 3 25 ? 5.409   33.107  -3.249  1.00 57.82  ? 114 C   C "C2'" 1 
ATOM   1171 O  "O2'" . C   C 3 25 ? 5.077   33.122  -4.612  1.00 57.34  ? 114 C   C "O2'" 1 
ATOM   1172 C  "C1'" . C   C 3 25 ? 5.917   31.723  -2.840  1.00 58.73  ? 114 C   C "C1'" 1 
ATOM   1173 N  N1    . C   C 3 25 ? 5.573   31.396  -1.451  1.00 60.05  ? 114 C   C N1    1 
ATOM   1174 C  C2    . C   C 3 25 ? 4.243   31.190  -1.105  1.00 62.07  ? 114 C   C C2    1 
ATOM   1175 O  O2    . C   C 3 25 ? 3.382   31.272  -1.975  1.00 63.58  ? 114 C   C O2    1 
ATOM   1176 N  N3    . C   C 3 25 ? 3.929   30.904  0.176   1.00 63.83  ? 114 C   C N3    1 
ATOM   1177 C  C4    . C   C 3 25 ? 4.890   30.822  1.095   1.00 64.31  ? 114 C   C C4    1 
ATOM   1178 N  N4    . C   C 3 25 ? 4.538   30.542  2.351   1.00 65.25  ? 114 C   C N4    1 
ATOM   1179 C  C5    . C   C 3 25 ? 6.255   31.022  0.770   1.00 63.65  ? 114 C   C C5    1 
ATOM   1180 C  C6    . C   C 3 25 ? 6.550   31.303  -0.504  1.00 62.19  ? 114 C   C C6    1 
ATOM   1181 P  P     . A   C 3 26 ? 6.904   36.514  -2.957  1.00 60.46  ? 115 A   C P     1 
ATOM   1182 O  OP1   . A   C 3 26 ? 7.503   37.508  -3.868  1.00 60.23  ? 115 A   C OP1   1 
ATOM   1183 O  OP2   . A   C 3 26 ? 7.563   36.200  -1.676  1.00 60.68  ? 115 A   C OP2   1 
ATOM   1184 O  "O5'" . A   C 3 26 ? 5.396   36.918  -2.702  1.00 62.35  ? 115 A   C "O5'" 1 
ATOM   1185 C  "C5'" . A   C 3 26 ? 4.527   37.062  -3.823  1.00 65.40  ? 115 A   C "C5'" 1 
ATOM   1186 C  "C4'" . A   C 3 26 ? 3.102   36.783  -3.442  1.00 66.35  ? 115 A   C "C4'" 1 
ATOM   1187 O  "O4'" . A   C 3 26 ? 2.993   35.429  -2.948  1.00 66.74  ? 115 A   C "O4'" 1 
ATOM   1188 C  "C3'" . A   C 3 26 ? 2.549   37.623  -2.312  1.00 67.36  ? 115 A   C "C3'" 1 
ATOM   1189 O  "O3'" . A   C 3 26 ? 2.140   38.899  -2.742  1.00 70.24  ? 115 A   C "O3'" 1 
ATOM   1190 C  "C2'" . A   C 3 26 ? 1.410   36.765  -1.798  1.00 66.47  ? 115 A   C "C2'" 1 
ATOM   1191 O  "O2'" . A   C 3 26 ? 0.266   36.875  -2.621  1.00 64.98  ? 115 A   C "O2'" 1 
ATOM   1192 C  "C1'" . A   C 3 26 ? 2.009   35.370  -1.933  1.00 66.57  ? 115 A   C "C1'" 1 
ATOM   1193 N  N9    . A   C 3 26 ? 2.649   34.957  -0.691  1.00 66.19  ? 115 A   C N9    1 
ATOM   1194 C  C8    . A   C 3 26 ? 3.976   34.983  -0.368  1.00 65.58  ? 115 A   C C8    1 
ATOM   1195 N  N7    . A   C 3 26 ? 4.228   34.563  0.845   1.00 65.77  ? 115 A   C N7    1 
ATOM   1196 C  C5    . A   C 3 26 ? 2.979   34.238  1.353   1.00 65.34  ? 115 A   C C5    1 
ATOM   1197 C  C6    . A   C 3 26 ? 2.558   33.742  2.599   1.00 64.74  ? 115 A   C C6    1 
ATOM   1198 N  N6    . A   C 3 26 ? 3.378   33.468  3.611   1.00 64.82  ? 115 A   C N6    1 
ATOM   1199 N  N1    . A   C 3 26 ? 1.241   33.533  2.775   1.00 65.99  ? 115 A   C N1    1 
ATOM   1200 C  C2    . A   C 3 26 ? 0.413   33.802  1.769   1.00 65.91  ? 115 A   C C2    1 
ATOM   1201 N  N3    . A   C 3 26 ? 0.685   34.267  0.558   1.00 64.61  ? 115 A   C N3    1 
ATOM   1202 C  C4    . A   C 3 26 ? 2.002   34.469  0.414   1.00 65.38  ? 115 A   C C4    1 
ATOM   1203 P  P     . G   C 3 27 ? 2.581   40.183  -1.889  1.00 72.45  ? 116 G   C P     1 
ATOM   1204 O  OP1   . G   C 3 27 ? 2.394   41.375  -2.752  1.00 72.39  ? 116 G   C OP1   1 
ATOM   1205 O  OP2   . G   C 3 27 ? 3.925   39.909  -1.294  1.00 70.40  ? 116 G   C OP2   1 
ATOM   1206 O  "O5'" . G   C 3 27 ? 1.485   40.218  -0.732  1.00 74.72  ? 116 G   C "O5'" 1 
ATOM   1207 C  "C5'" . G   C 3 27 ? 0.096   40.462  -1.051  1.00 78.34  ? 116 G   C "C5'" 1 
ATOM   1208 C  "C4'" . G   C 3 27 ? -0.782  40.294  0.175   1.00 80.59  ? 116 G   C "C4'" 1 
ATOM   1209 O  "O4'" . G   C 3 27 ? -0.828  38.893  0.561   1.00 80.83  ? 116 G   C "O4'" 1 
ATOM   1210 C  "C3'" . G   C 3 27 ? -0.320  41.011  1.434   1.00 82.25  ? 116 G   C "C3'" 1 
ATOM   1211 O  "O3'" . G   C 3 27 ? -0.689  42.383  1.472   1.00 86.10  ? 116 G   C "O3'" 1 
ATOM   1212 C  "C2'" . G   C 3 27 ? -0.989  40.202  2.537   1.00 82.13  ? 116 G   C "C2'" 1 
ATOM   1213 O  "O2'" . G   C 3 27 ? -2.336  40.596  2.753   1.00 81.98  ? 116 G   C "O2'" 1 
ATOM   1214 C  "C1'" . G   C 3 27 ? -0.902  38.780  1.974   1.00 80.97  ? 116 G   C "C1'" 1 
ATOM   1215 N  N9    . G   C 3 27 ? 0.269   38.038  2.449   1.00 79.75  ? 116 G   C N9    1 
ATOM   1216 C  C8    . G   C 3 27 ? 1.450   37.826  1.783   1.00 79.61  ? 116 G   C C8    1 
ATOM   1217 N  N7    . G   C 3 27 ? 2.316   37.138  2.479   1.00 79.84  ? 116 G   C N7    1 
ATOM   1218 C  C5    . G   C 3 27 ? 1.668   36.876  3.676   1.00 79.58  ? 116 G   C C5    1 
ATOM   1219 C  C6    . G   C 3 27 ? 2.106   36.167  4.828   1.00 79.32  ? 116 G   C C6    1 
ATOM   1220 O  O6    . G   C 3 27 ? 3.186   35.608  5.032   1.00 78.35  ? 116 G   C O6    1 
ATOM   1221 N  N1    . G   C 3 27 ? 1.130   36.147  5.810   1.00 80.06  ? 116 G   C N1    1 
ATOM   1222 C  C2    . G   C 3 27 ? -0.105  36.732  5.705   1.00 81.06  ? 116 G   C C2    1 
ATOM   1223 N  N2    . G   C 3 27 ? -0.907  36.617  6.762   1.00 82.58  ? 116 G   C N2    1 
ATOM   1224 N  N3    . G   C 3 27 ? -0.525  37.388  4.642   1.00 80.81  ? 116 G   C N3    1 
ATOM   1225 C  C4    . G   C 3 27 ? 0.403   37.423  3.673   1.00 79.89  ? 116 G   C C4    1 
ATOM   1226 P  P     . G   C 3 28 ? 0.208   43.422  2.320   1.00 89.07  ? 117 G   C P     1 
ATOM   1227 O  OP1   . G   C 3 28 ? -0.221  44.809  1.979   1.00 89.60  ? 117 G   C OP1   1 
ATOM   1228 O  OP2   . G   C 3 28 ? 1.633   43.042  2.138   1.00 88.81  ? 117 G   C OP2   1 
ATOM   1229 O  "O5'" . G   C 3 28 ? -0.194  43.107  3.834   1.00 89.41  ? 117 G   C "O5'" 1 
ATOM   1230 C  "C5'" . G   C 3 28 ? -0.001  41.791  4.361   1.00 90.42  ? 117 G   C "C5'" 1 
ATOM   1231 C  "C4'" . G   C 3 28 ? -0.609  41.622  5.739   1.00 91.48  ? 117 G   C "C4'" 1 
ATOM   1232 O  "O4'" . G   C 3 28 ? -0.683  40.206  6.006   1.00 91.61  ? 117 G   C "O4'" 1 
ATOM   1233 C  "C3'" . G   C 3 28 ? 0.063   42.249  6.956   1.00 92.42  ? 117 G   C "C3'" 1 
ATOM   1234 O  "O3'" . G   C 3 28 ? -0.456  43.564  7.188   1.00 93.44  ? 117 G   C "O3'" 1 
ATOM   1235 C  "C2'" . G   C 3 28 ? -0.351  41.297  8.076   1.00 91.97  ? 117 G   C "C2'" 1 
ATOM   1236 O  "O2'" . G   C 3 28 ? -1.649  41.530  8.586   1.00 92.07  ? 117 G   C "O2'" 1 
ATOM   1237 C  "C1'" . G   C 3 28 ? -0.326  39.955  7.344   1.00 91.55  ? 117 G   C "C1'" 1 
ATOM   1238 N  N9    . G   C 3 28 ? 1.012   39.392  7.265   1.00 91.34  ? 117 G   C N9    1 
ATOM   1239 C  C8    . G   C 3 28 ? 1.857   39.469  6.183   1.00 91.00  ? 117 G   C C8    1 
ATOM   1240 N  N7    . G   C 3 28 ? 2.990   38.861  6.371   1.00 91.09  ? 117 G   C N7    1 
ATOM   1241 C  C5    . G   C 3 28 ? 2.889   38.356  7.656   1.00 91.83  ? 117 G   C C5    1 
ATOM   1242 C  C6    . G   C 3 28 ? 3.808   37.606  8.403   1.00 91.99  ? 117 G   C C6    1 
ATOM   1243 O  O6    . G   C 3 28 ? 4.930   37.227  8.068   1.00 92.41  ? 117 G   C O6    1 
ATOM   1244 N  N1    . G   C 3 28 ? 3.310   37.297  9.663   1.00 92.50  ? 117 G   C N1    1 
ATOM   1245 C  C2    . G   C 3 28 ? 2.074   37.672  10.137  1.00 93.42  ? 117 G   C C2    1 
ATOM   1246 N  N2    . G   C 3 28 ? 1.766   37.281  11.384  1.00 95.31  ? 117 G   C N2    1 
ATOM   1247 N  N3    . G   C 3 28 ? 1.201   38.378  9.443   1.00 92.94  ? 117 G   C N3    1 
ATOM   1248 C  C4    . G   C 3 28 ? 1.673   38.682  8.220   1.00 91.90  ? 117 G   C C4    1 
ATOM   1249 P  P     . C   C 3 29 ? 0.013   44.404  8.478   1.00 93.79  ? 118 C   C P     1 
ATOM   1250 O  OP1   . C   C 3 29 ? -1.209  44.697  9.269   1.00 93.49  ? 118 C   C OP1   1 
ATOM   1251 O  OP2   . C   C 3 29 ? 0.862   45.529  7.991   1.00 93.24  ? 118 C   C OP2   1 
ATOM   1252 O  "O5'" . C   C 3 29 ? 0.908   43.387  9.319   1.00 93.98  ? 118 C   C "O5'" 1 
ATOM   1253 C  "C5'" . C   C 3 29 ? 1.717   43.854  10.413  1.00 94.97  ? 118 C   C "C5'" 1 
ATOM   1254 C  "C4'" . C   C 3 29 ? 1.790   42.808  11.499  1.00 96.36  ? 118 C   C "C4'" 1 
ATOM   1255 O  "O4'" . C   C 3 29 ? 1.967   41.511  10.897  1.00 96.25  ? 118 C   C "O4'" 1 
ATOM   1256 C  "C3'" . C   C 3 29 ? 2.948   42.956  12.478  1.00 97.51  ? 118 C   C "C3'" 1 
ATOM   1257 O  "O3'" . C   C 3 29 ? 2.598   43.767  13.596  1.00 99.93  ? 118 C   C "O3'" 1 
ATOM   1258 C  "C2'" . C   C 3 29 ? 3.177   41.527  12.951  1.00 96.97  ? 118 C   C "C2'" 1 
ATOM   1259 O  "O2'" . C   C 3 29 ? 2.352   41.142  14.029  1.00 96.02  ? 118 C   C "O2'" 1 
ATOM   1260 C  "C1'" . C   C 3 29 ? 2.827   40.724  11.698  1.00 96.89  ? 118 C   C "C1'" 1 
ATOM   1261 N  N1    . C   C 3 29 ? 3.967   40.315  10.857  1.00 97.54  ? 118 C   C N1    1 
ATOM   1262 C  C2    . C   C 3 29 ? 4.955   39.480  11.394  1.00 97.69  ? 118 C   C C2    1 
ATOM   1263 O  O2    . C   C 3 29 ? 4.858   39.118  12.574  1.00 97.49  ? 118 C   C O2    1 
ATOM   1264 N  N3    . C   C 3 29 ? 5.991   39.090  10.607  1.00 98.05  ? 118 C   C N3    1 
ATOM   1265 C  C4    . C   C 3 29 ? 6.063   39.503  9.339   1.00 98.39  ? 118 C   C C4    1 
ATOM   1266 N  N4    . C   C 3 29 ? 7.100   39.091  8.597   1.00 98.75  ? 118 C   C N4    1 
ATOM   1267 C  C5    . C   C 3 29 ? 5.074   40.357  8.769   1.00 98.73  ? 118 C   C C5    1 
ATOM   1268 C  C6    . C   C 3 29 ? 4.054   40.736  9.557   1.00 98.80  ? 118 C   C C6    1 
ATOM   1269 P  P     . A   C 3 30 ? 3.672   44.798  14.206  1.00 101.55 ? 119 A   C P     1 
ATOM   1270 O  OP1   . A   C 3 30 ? 2.942   45.454  15.313  1.00 101.91 ? 119 A   C OP1   1 
ATOM   1271 O  OP2   . A   C 3 30 ? 4.210   45.625  13.067  1.00 101.41 ? 119 A   C OP2   1 
ATOM   1272 O  "O5'" . A   C 3 30 ? 4.870   43.900  14.777  1.00 102.73 ? 119 A   C "O5'" 1 
ATOM   1273 C  "C5'" . A   C 3 30 ? 4.934   43.480  16.172  1.00 105.45 ? 119 A   C "C5'" 1 
ATOM   1274 C  "C4'" . A   C 3 30 ? 5.600   42.117  16.284  1.00 107.01 ? 119 A   C "C4'" 1 
ATOM   1275 O  "O4'" . A   C 3 30 ? 5.997   41.708  14.941  1.00 107.12 ? 119 A   C "O4'" 1 
ATOM   1276 C  "C3'" . A   C 3 30 ? 6.889   42.101  17.136  1.00 108.34 ? 119 A   C "C3'" 1 
ATOM   1277 O  "O3'" . A   C 3 30 ? 6.748   41.478  18.455  1.00 110.76 ? 119 A   C "O3'" 1 
ATOM   1278 C  "C2'" . A   C 3 30 ? 7.714   41.022  16.458  1.00 108.21 ? 119 A   C "C2'" 1 
ATOM   1279 O  "O2'" . A   C 3 30 ? 8.743   40.212  17.011  1.00 109.82 ? 119 A   C "O2'" 1 
ATOM   1280 C  "C1'" . A   C 3 30 ? 7.166   40.936  15.046  1.00 106.88 ? 119 A   C "C1'" 1 
ATOM   1281 N  N9    . A   C 3 30 ? 8.039   41.177  13.921  1.00 104.70 ? 119 A   C N9    1 
ATOM   1282 C  C8    . A   C 3 30 ? 8.106   42.190  13.029  1.00 103.81 ? 119 A   C C8    1 
ATOM   1283 N  N7    . A   C 3 30 ? 9.025   42.015  12.123  1.00 103.27 ? 119 A   C N7    1 
ATOM   1284 C  C5    . A   C 3 30 ? 9.596   40.800  12.455  1.00 102.74 ? 119 A   C C5    1 
ATOM   1285 C  C6    . A   C 3 30 ? 10.619  40.034  11.903  1.00 102.06 ? 119 A   C C6    1 
ATOM   1286 N  N6    . A   C 3 30 ? 11.309  40.382  10.816  1.00 101.42 ? 119 A   C N6    1 
ATOM   1287 N  N1    . A   C 3 30 ? 10.926  38.875  12.511  1.00 102.23 ? 119 A   C N1    1 
ATOM   1288 C  C2    . A   C 3 30 ? 10.242  38.507  13.589  1.00 101.73 ? 119 A   C C2    1 
ATOM   1289 N  N3    . A   C 3 30 ? 9.260   39.127  14.191  1.00 101.69 ? 119 A   C N3    1 
ATOM   1290 C  C4    . A   C 3 30 ? 8.993   40.278  13.567  1.00 102.96 ? 119 A   C C4    1 
ATOM   1291 P  P     . U   C 3 31 ? 5.855   42.160  19.613  1.00 112.42 ? 120 U   C P     1 
ATOM   1292 O  OP1   . U   C 3 31 ? 6.449   41.928  20.963  1.00 112.42 ? 120 U   C OP1   1 
ATOM   1293 O  OP2   . U   C 3 31 ? 4.457   41.664  19.332  1.00 112.73 ? 120 U   C OP2   1 
ATOM   1294 O  "O5'" . U   C 3 31 ? 5.948   43.706  19.268  1.00 109.85 ? 120 U   C "O5'" 1 
HETATM 1295 MG MG    . MG  D 4 .  ? 1.854   27.420  5.952   1.00 61.11  ? 69  MG  A MG    1 
HETATM 1296 MG MG    . MG  E 4 .  ? -2.755  -10.919 -3.658  1.00 25.14  ? 62  MG  B MG    1 
HETATM 1297 MG MG    . MG  F 4 .  ? 0.453   -22.643 -3.156  1.00 59.85  ? 66  MG  B MG    1 
HETATM 1298 HG HG    . HG  G 5 .  ? 3.813   -4.668  -5.676  1.00 164.82 ? 89  HG  B HG    1 
HETATM 1299 MG MG    . MG  H 4 .  ? -7.566  -8.227  -3.076  1.00 25.45  ? 63  MG  C MG    1 
HETATM 1300 MG MG    . MG  I 4 .  ? -2.003  -6.409  3.139   1.00 23.49  ? 64  MG  C MG    1 
HETATM 1301 MG MG    . MG  J 4 .  ? -3.401  -15.884 -9.199  1.00 31.92  ? 65  MG  C MG    1 
HETATM 1302 MG MG    . MG  K 4 .  ? 6.947   -14.551 3.635   1.00 80.91  ? 67  MG  C MG    1 
HETATM 1303 MG MG    . MG  L 4 .  ? 3.811   47.479  11.589  1.00 69.37  ? 68  MG  C MG    1 
# 
